data_2KLL
#
_entry.id   2KLL
#
_entity_poly.entity_id   1
_entity_poly.type   'polypeptide(L)'
_entity_poly.pdbx_seq_one_letter_code
;GSSITGISPITEYLASLSTYNDQSITFALEDESYEIYVEDLKKDEKKDKVLLSYYESQHPSNESGDGVDGKMLMVTLSPT
KDFWLHANNKEHSVELHKCEKPLPDQAFFVLHNMHSNCVSFECKTDPGVFIGVKDNHLALIKVDSSENLCTENILFKLSE
T
;
_entity_poly.pdbx_strand_id   A
#
# COMPACT_ATOMS: atom_id res chain seq x y z
N GLY A 1 -6.42 26.09 -3.72
CA GLY A 1 -5.30 26.14 -2.74
C GLY A 1 -4.96 24.76 -2.18
N SER A 2 -5.91 23.85 -2.26
CA SER A 2 -5.71 22.49 -1.76
C SER A 2 -6.42 21.47 -2.65
N SER A 3 -5.74 20.34 -2.89
CA SER A 3 -6.30 19.29 -3.73
C SER A 3 -6.09 17.92 -3.09
N ILE A 4 -5.67 17.91 -1.83
CA ILE A 4 -5.43 16.66 -1.11
C ILE A 4 -6.60 16.33 -0.19
N THR A 5 -6.99 17.30 0.63
CA THR A 5 -8.09 17.11 1.57
C THR A 5 -9.43 17.47 0.92
N GLY A 6 -10.50 16.83 1.40
CA GLY A 6 -11.82 17.10 0.85
C GLY A 6 -12.28 16.01 -0.09
N ILE A 7 -11.58 14.89 -0.09
CA ILE A 7 -11.92 13.77 -0.96
C ILE A 7 -12.87 12.80 -0.26
N SER A 8 -13.32 11.78 -0.99
CA SER A 8 -14.23 10.79 -0.44
C SER A 8 -13.82 9.38 -0.85
N PRO A 9 -14.03 8.39 0.03
CA PRO A 9 -13.67 6.98 -0.25
C PRO A 9 -14.56 6.35 -1.30
N ILE A 10 -13.94 5.62 -2.22
CA ILE A 10 -14.68 4.95 -3.30
C ILE A 10 -15.26 3.62 -2.83
N THR A 11 -14.37 2.72 -2.38
CA THR A 11 -14.80 1.42 -1.90
C THR A 11 -13.84 0.88 -0.86
N GLU A 12 -14.37 0.09 0.08
CA GLU A 12 -13.56 -0.50 1.16
C GLU A 12 -13.84 -1.99 1.28
N TYR A 13 -12.79 -2.77 1.46
CA TYR A 13 -12.93 -4.22 1.60
C TYR A 13 -11.70 -4.84 2.25
N LEU A 14 -11.87 -6.05 2.77
CA LEU A 14 -10.78 -6.76 3.44
C LEU A 14 -9.91 -7.51 2.43
N ALA A 15 -8.60 -7.41 2.60
CA ALA A 15 -7.66 -8.07 1.70
C ALA A 15 -6.28 -8.20 2.34
N SER A 16 -5.75 -9.42 2.34
CA SER A 16 -4.44 -9.67 2.93
C SER A 16 -3.33 -9.53 1.89
N LEU A 17 -2.24 -8.88 2.28
CA LEU A 17 -1.10 -8.68 1.38
C LEU A 17 -0.27 -9.94 1.29
N SER A 18 -0.06 -10.44 0.07
CA SER A 18 0.72 -11.65 -0.15
C SER A 18 1.79 -11.44 -1.22
N THR A 19 3.03 -11.78 -0.88
CA THR A 19 4.14 -11.63 -1.81
C THR A 19 3.97 -12.58 -2.99
N TYR A 20 4.67 -12.28 -4.09
CA TYR A 20 4.60 -13.11 -5.29
C TYR A 20 5.25 -14.47 -5.05
N ASN A 21 5.93 -14.61 -3.91
CA ASN A 21 6.59 -15.86 -3.57
C ASN A 21 5.64 -16.79 -2.82
N ASP A 22 4.34 -16.61 -3.05
CA ASP A 22 3.33 -17.44 -2.39
C ASP A 22 3.42 -17.33 -0.87
N GLN A 23 3.71 -16.13 -0.39
CA GLN A 23 3.83 -15.88 1.05
C GLN A 23 2.90 -14.75 1.48
N SER A 24 2.53 -14.76 2.75
CA SER A 24 1.64 -13.72 3.29
C SER A 24 2.37 -12.86 4.31
N ILE A 25 1.96 -11.60 4.41
CA ILE A 25 2.57 -10.67 5.35
C ILE A 25 1.90 -10.77 6.72
N THR A 26 2.66 -11.21 7.71
CA THR A 26 2.14 -11.37 9.07
C THR A 26 2.39 -10.11 9.90
N PHE A 27 1.31 -9.54 10.43
CA PHE A 27 1.41 -8.33 11.25
C PHE A 27 1.24 -8.67 12.73
N ALA A 28 2.35 -8.83 13.43
CA ALA A 28 2.32 -9.14 14.85
C ALA A 28 2.25 -7.88 15.69
N LEU A 29 1.19 -7.77 16.48
CA LEU A 29 0.99 -6.60 17.34
C LEU A 29 1.11 -6.99 18.82
N GLU A 30 2.12 -6.45 19.48
CA GLU A 30 2.35 -6.73 20.89
C GLU A 30 1.78 -5.63 21.78
N ASP A 31 2.10 -5.70 23.07
CA ASP A 31 1.63 -4.72 24.04
C ASP A 31 1.80 -3.29 23.53
N GLU A 32 2.95 -3.01 22.92
CA GLU A 32 3.23 -1.68 22.39
C GLU A 32 4.29 -1.75 21.30
N SER A 33 4.68 -2.96 20.92
CA SER A 33 5.69 -3.16 19.88
C SER A 33 5.03 -3.46 18.54
N TYR A 34 5.76 -3.23 17.46
CA TYR A 34 5.24 -3.48 16.11
C TYR A 34 6.20 -4.35 15.31
N GLU A 35 6.03 -5.66 15.38
CA GLU A 35 6.87 -6.59 14.64
C GLU A 35 6.18 -7.08 13.38
N ILE A 36 6.90 -7.01 12.25
CA ILE A 36 6.35 -7.44 10.97
C ILE A 36 7.28 -8.44 10.29
N TYR A 37 6.70 -9.55 9.83
CA TYR A 37 7.48 -10.59 9.16
C TYR A 37 6.61 -11.37 8.17
N VAL A 38 7.21 -11.80 7.07
CA VAL A 38 6.51 -12.56 6.05
C VAL A 38 6.59 -14.06 6.32
N GLU A 39 5.44 -14.72 6.32
CA GLU A 39 5.38 -16.16 6.55
C GLU A 39 4.98 -16.90 5.29
N ASP A 40 5.45 -18.14 5.15
CA ASP A 40 5.13 -18.95 3.98
C ASP A 40 3.80 -19.68 4.17
N LEU A 41 3.02 -19.77 3.09
CA LEU A 41 1.73 -20.44 3.13
C LEU A 41 1.82 -21.84 2.53
N LYS A 42 0.82 -22.67 2.82
CA LYS A 42 0.77 -24.04 2.32
C LYS A 42 -0.66 -24.44 1.97
N LYS A 43 -1.57 -24.22 2.90
CA LYS A 43 -2.97 -24.55 2.71
C LYS A 43 -3.83 -23.29 2.69
N ASP A 44 -5.14 -23.46 2.55
CA ASP A 44 -6.07 -22.34 2.52
C ASP A 44 -6.41 -21.89 3.94
N GLU A 45 -5.44 -21.28 4.61
CA GLU A 45 -5.63 -20.81 5.98
C GLU A 45 -5.88 -19.30 6.01
N LYS A 46 -7.03 -18.91 6.56
CA LYS A 46 -7.39 -17.51 6.65
C LYS A 46 -6.39 -16.74 7.52
N LYS A 47 -5.48 -16.01 6.88
CA LYS A 47 -4.48 -15.25 7.59
C LYS A 47 -5.00 -13.85 7.95
N ASP A 48 -4.08 -12.96 8.32
CA ASP A 48 -4.45 -11.60 8.70
C ASP A 48 -4.83 -10.77 7.48
N LYS A 49 -6.07 -10.28 7.46
CA LYS A 49 -6.57 -9.47 6.35
C LYS A 49 -6.44 -7.99 6.68
N VAL A 50 -6.07 -7.20 5.67
CA VAL A 50 -5.91 -5.76 5.84
C VAL A 50 -7.03 -4.99 5.17
N LEU A 51 -7.62 -4.05 5.90
CA LEU A 51 -8.71 -3.23 5.36
C LEU A 51 -8.18 -2.24 4.32
N LEU A 52 -8.42 -2.54 3.06
CA LEU A 52 -7.95 -1.67 1.98
C LEU A 52 -9.08 -0.80 1.43
N SER A 53 -8.77 0.47 1.17
CA SER A 53 -9.75 1.41 0.65
C SER A 53 -9.19 2.16 -0.54
N TYR A 54 -10.06 2.49 -1.49
CA TYR A 54 -9.63 3.23 -2.69
C TYR A 54 -10.02 4.70 -2.61
N TYR A 55 -9.16 5.55 -3.17
CA TYR A 55 -9.40 6.99 -3.17
C TYR A 55 -9.01 7.59 -4.52
N GLU A 56 -9.83 8.51 -5.02
CA GLU A 56 -9.56 9.17 -6.30
C GLU A 56 -9.16 10.63 -6.09
N SER A 57 -8.12 11.05 -6.80
CA SER A 57 -7.64 12.43 -6.70
C SER A 57 -8.20 13.28 -7.84
N GLN A 58 -8.70 14.47 -7.50
CA GLN A 58 -9.26 15.37 -8.50
C GLN A 58 -8.33 16.55 -8.74
N HIS A 59 -7.83 16.66 -9.97
CA HIS A 59 -6.94 17.74 -10.34
C HIS A 59 -7.72 18.91 -10.96
N PRO A 60 -7.27 20.15 -10.72
CA PRO A 60 -7.94 21.34 -11.26
C PRO A 60 -7.70 21.50 -12.76
N SER A 61 -8.76 21.86 -13.48
CA SER A 61 -8.67 22.04 -14.93
C SER A 61 -8.49 23.52 -15.27
N ASN A 62 -7.96 23.78 -16.46
CA ASN A 62 -7.73 25.15 -16.93
C ASN A 62 -6.82 25.91 -15.96
N GLU A 63 -5.74 25.26 -15.52
CA GLU A 63 -4.80 25.86 -14.60
C GLU A 63 -3.50 25.07 -14.54
N SER A 64 -3.59 23.83 -14.03
CA SER A 64 -2.41 22.97 -13.93
C SER A 64 -2.83 21.51 -13.81
N GLY A 65 -2.01 20.62 -14.35
CA GLY A 65 -2.31 19.21 -14.29
C GLY A 65 -2.26 18.54 -15.65
N ASP A 66 -3.18 18.95 -16.53
CA ASP A 66 -3.23 18.39 -17.88
C ASP A 66 -3.38 16.88 -17.84
N GLY A 67 -4.53 16.40 -17.41
CA GLY A 67 -4.77 14.97 -17.32
C GLY A 67 -5.00 14.34 -18.68
N VAL A 68 -4.79 13.03 -18.76
CA VAL A 68 -4.96 12.30 -20.01
C VAL A 68 -6.05 11.23 -19.86
N ASP A 69 -7.13 11.59 -19.19
CA ASP A 69 -8.25 10.67 -18.97
C ASP A 69 -7.78 9.40 -18.26
N GLY A 70 -7.46 9.54 -16.97
CA GLY A 70 -7.00 8.40 -16.19
C GLY A 70 -6.34 8.82 -14.89
N LYS A 71 -7.14 9.37 -13.98
CA LYS A 71 -6.63 9.81 -12.68
C LYS A 71 -6.07 8.63 -11.91
N MET A 72 -4.96 8.86 -11.19
CA MET A 72 -4.33 7.82 -10.41
C MET A 72 -5.18 7.47 -9.19
N LEU A 73 -5.45 6.19 -9.00
CA LEU A 73 -6.26 5.74 -7.86
C LEU A 73 -5.37 5.34 -6.68
N MET A 74 -5.48 6.08 -5.58
CA MET A 74 -4.70 5.79 -4.39
C MET A 74 -5.38 4.70 -3.56
N VAL A 75 -4.64 4.18 -2.57
CA VAL A 75 -5.17 3.13 -1.72
C VAL A 75 -4.60 3.23 -0.30
N THR A 76 -5.45 2.97 0.69
CA THR A 76 -5.04 2.99 2.07
C THR A 76 -5.16 1.60 2.68
N LEU A 77 -4.13 1.18 3.39
CA LEU A 77 -4.12 -0.14 4.01
C LEU A 77 -4.18 -0.03 5.52
N SER A 78 -5.15 -0.71 6.13
CA SER A 78 -5.32 -0.66 7.58
C SER A 78 -5.59 -2.05 8.16
N PRO A 79 -4.53 -2.74 8.66
CA PRO A 79 -4.68 -4.06 9.25
C PRO A 79 -5.23 -3.99 10.68
N THR A 80 -5.29 -2.77 11.20
CA THR A 80 -5.79 -2.53 12.55
C THR A 80 -6.98 -1.57 12.53
N LYS A 81 -7.20 -0.87 13.64
CA LYS A 81 -8.30 0.07 13.74
C LYS A 81 -7.90 1.48 13.30
N ASP A 82 -7.25 2.21 14.20
CA ASP A 82 -6.83 3.59 13.91
C ASP A 82 -5.42 3.66 13.33
N PHE A 83 -4.64 2.61 13.48
CA PHE A 83 -3.27 2.60 12.96
C PHE A 83 -3.23 2.30 11.48
N TRP A 84 -2.67 3.24 10.70
CA TRP A 84 -2.55 3.09 9.26
C TRP A 84 -1.10 2.88 8.84
N LEU A 85 -0.91 2.47 7.59
CA LEU A 85 0.43 2.25 7.05
C LEU A 85 1.07 3.57 6.64
N HIS A 86 2.14 3.95 7.33
CA HIS A 86 2.84 5.19 7.03
C HIS A 86 4.28 4.91 6.59
N ALA A 87 4.66 5.51 5.47
CA ALA A 87 6.00 5.34 4.92
C ALA A 87 6.99 6.28 5.58
N ASN A 88 7.80 5.74 6.48
CA ASN A 88 8.80 6.54 7.19
C ASN A 88 10.09 6.63 6.39
N ASN A 89 10.38 7.81 5.88
CA ASN A 89 11.58 8.04 5.10
C ASN A 89 12.83 8.00 5.98
N LYS A 90 12.60 7.98 7.30
CA LYS A 90 13.69 7.94 8.27
C LYS A 90 14.56 6.71 8.04
N GLU A 91 13.95 5.53 8.06
CA GLU A 91 14.66 4.28 7.86
C GLU A 91 14.17 3.56 6.61
N HIS A 92 13.40 4.28 5.78
CA HIS A 92 12.86 3.72 4.55
C HIS A 92 12.06 2.44 4.83
N SER A 93 11.12 2.54 5.76
CA SER A 93 10.29 1.40 6.13
C SER A 93 8.86 1.84 6.46
N VAL A 94 7.92 0.92 6.31
CA VAL A 94 6.51 1.21 6.59
C VAL A 94 6.14 0.77 8.00
N GLU A 95 5.59 1.69 8.78
CA GLU A 95 5.19 1.40 10.15
C GLU A 95 3.76 1.85 10.41
N LEU A 96 3.09 1.15 11.33
CA LEU A 96 1.71 1.48 11.67
C LEU A 96 1.67 2.63 12.69
N HIS A 97 0.93 3.69 12.34
CA HIS A 97 0.81 4.85 13.21
C HIS A 97 -0.62 5.36 13.26
N LYS A 98 -1.01 5.90 14.41
CA LYS A 98 -2.36 6.43 14.59
C LYS A 98 -2.35 7.96 14.50
N CYS A 99 -2.88 8.48 13.40
CA CYS A 99 -2.93 9.93 13.19
C CYS A 99 -4.37 10.42 13.19
N GLU A 100 -4.55 11.73 13.01
CA GLU A 100 -5.88 12.33 12.99
C GLU A 100 -6.66 11.86 11.75
N LYS A 101 -7.92 12.27 11.66
CA LYS A 101 -8.77 11.88 10.53
C LYS A 101 -8.13 12.32 9.21
N PRO A 102 -7.75 13.60 9.06
CA PRO A 102 -7.12 14.09 7.82
C PRO A 102 -5.82 13.37 7.52
N LEU A 103 -5.92 12.23 6.83
CA LEU A 103 -4.74 11.44 6.49
C LEU A 103 -3.79 12.22 5.59
N PRO A 104 -2.48 12.21 5.90
CA PRO A 104 -1.46 12.93 5.11
C PRO A 104 -1.16 12.22 3.79
N ASP A 105 -0.34 12.86 2.97
CA ASP A 105 0.03 12.28 1.67
C ASP A 105 0.80 10.98 1.85
N GLN A 106 1.41 10.82 3.01
CA GLN A 106 2.18 9.61 3.31
C GLN A 106 1.27 8.44 3.64
N ALA A 107 -0.04 8.68 3.63
CA ALA A 107 -1.01 7.65 3.93
C ALA A 107 -1.58 7.03 2.64
N PHE A 108 -1.93 7.89 1.70
CA PHE A 108 -2.49 7.43 0.42
C PHE A 108 -1.38 6.94 -0.51
N PHE A 109 -1.46 5.66 -0.88
CA PHE A 109 -0.47 5.07 -1.77
C PHE A 109 -1.07 4.82 -3.15
N VAL A 110 -0.48 5.43 -4.18
CA VAL A 110 -0.97 5.26 -5.54
C VAL A 110 -0.79 3.83 -6.02
N LEU A 111 -1.90 3.11 -6.19
CA LEU A 111 -1.86 1.73 -6.65
C LEU A 111 -1.54 1.65 -8.13
N HIS A 112 -0.67 0.70 -8.49
CA HIS A 112 -0.28 0.52 -9.89
C HIS A 112 -0.30 -0.96 -10.25
N ASN A 113 -0.72 -1.26 -11.48
CA ASN A 113 -0.78 -2.63 -11.95
C ASN A 113 0.57 -3.10 -12.46
N MET A 114 0.93 -4.34 -12.16
CA MET A 114 2.20 -4.90 -12.59
C MET A 114 2.00 -6.12 -13.46
N HIS A 115 1.22 -7.08 -12.97
CA HIS A 115 0.93 -8.30 -13.71
C HIS A 115 -0.56 -8.49 -13.91
N SER A 116 -0.98 -9.72 -14.16
CA SER A 116 -2.38 -10.04 -14.38
C SER A 116 -3.22 -9.69 -13.17
N ASN A 117 -2.80 -10.16 -11.99
CA ASN A 117 -3.54 -9.91 -10.75
C ASN A 117 -2.64 -9.28 -9.69
N CYS A 118 -1.40 -9.01 -10.05
CA CYS A 118 -0.44 -8.41 -9.12
C CYS A 118 -0.60 -6.90 -9.05
N VAL A 119 -0.30 -6.32 -7.89
CA VAL A 119 -0.41 -4.89 -7.70
C VAL A 119 0.76 -4.35 -6.89
N SER A 120 1.00 -3.04 -6.99
CA SER A 120 2.10 -2.41 -6.26
C SER A 120 1.65 -1.07 -5.66
N PHE A 121 2.20 -0.73 -4.50
CA PHE A 121 1.86 0.51 -3.81
C PHE A 121 2.96 1.55 -4.01
N GLU A 122 2.60 2.69 -4.61
CA GLU A 122 3.55 3.77 -4.86
C GLU A 122 3.30 4.96 -3.94
N CYS A 123 4.37 5.63 -3.53
CA CYS A 123 4.26 6.79 -2.66
C CYS A 123 3.86 8.02 -3.45
N LYS A 124 2.77 8.66 -3.02
CA LYS A 124 2.27 9.86 -3.70
C LYS A 124 3.14 11.07 -3.39
N THR A 125 3.70 11.11 -2.20
CA THR A 125 4.54 12.24 -1.79
C THR A 125 6.00 12.01 -2.20
N ASP A 126 6.37 10.76 -2.41
CA ASP A 126 7.72 10.41 -2.82
C ASP A 126 7.71 9.47 -4.01
N PRO A 127 7.38 9.98 -5.21
CA PRO A 127 7.34 9.16 -6.43
C PRO A 127 8.63 8.39 -6.66
N GLY A 128 8.50 7.15 -7.12
CA GLY A 128 9.66 6.32 -7.37
C GLY A 128 9.87 5.30 -6.27
N VAL A 129 9.13 5.45 -5.17
CA VAL A 129 9.24 4.53 -4.05
C VAL A 129 7.99 3.63 -3.97
N PHE A 130 8.22 2.34 -3.83
CA PHE A 130 7.12 1.37 -3.76
C PHE A 130 7.26 0.47 -2.54
N ILE A 131 6.14 0.19 -1.89
CA ILE A 131 6.13 -0.69 -0.72
C ILE A 131 6.55 -2.09 -1.15
N GLY A 132 7.24 -2.81 -0.27
CA GLY A 132 7.67 -4.16 -0.61
C GLY A 132 8.52 -4.81 0.46
N VAL A 133 8.52 -6.13 0.47
CA VAL A 133 9.29 -6.90 1.43
C VAL A 133 10.79 -6.77 1.17
N LYS A 134 11.50 -6.14 2.11
CA LYS A 134 12.93 -5.94 1.97
C LYS A 134 13.70 -7.23 2.29
N ASP A 135 14.05 -7.40 3.56
CA ASP A 135 14.77 -8.59 3.99
C ASP A 135 13.79 -9.70 4.38
N ASN A 136 12.81 -9.34 5.19
CA ASN A 136 11.80 -10.29 5.65
C ASN A 136 10.59 -9.56 6.21
N HIS A 137 10.55 -8.24 5.99
CA HIS A 137 9.45 -7.41 6.47
C HIS A 137 9.09 -6.34 5.45
N LEU A 138 8.04 -5.57 5.74
CA LEU A 138 7.60 -4.52 4.84
C LEU A 138 8.51 -3.30 4.94
N ALA A 139 8.95 -2.80 3.79
CA ALA A 139 9.83 -1.65 3.73
C ALA A 139 9.61 -0.86 2.44
N LEU A 140 10.29 0.28 2.32
CA LEU A 140 10.17 1.12 1.13
C LEU A 140 11.22 0.73 0.09
N ILE A 141 10.80 -0.05 -0.90
CA ILE A 141 11.71 -0.48 -1.95
C ILE A 141 11.81 0.57 -3.05
N LYS A 142 13.00 1.12 -3.25
CA LYS A 142 13.22 2.13 -4.28
C LYS A 142 13.39 1.47 -5.64
N VAL A 143 12.32 1.44 -6.43
CA VAL A 143 12.33 0.83 -7.75
C VAL A 143 11.89 1.82 -8.82
N ASP A 144 12.48 1.71 -10.00
CA ASP A 144 12.15 2.58 -11.11
C ASP A 144 11.04 1.99 -11.97
N SER A 145 10.54 2.77 -12.91
CA SER A 145 9.45 2.33 -13.79
C SER A 145 10.01 1.74 -15.09
N SER A 146 11.30 1.41 -15.09
CA SER A 146 11.94 0.83 -16.27
C SER A 146 13.31 0.26 -15.93
N GLU A 147 14.12 1.05 -15.22
CA GLU A 147 15.45 0.61 -14.84
C GLU A 147 15.39 -0.63 -13.95
N ASN A 148 14.22 -0.87 -13.38
CA ASN A 148 14.02 -2.02 -12.50
C ASN A 148 12.60 -2.57 -12.64
N LEU A 149 12.39 -3.39 -13.67
CA LEU A 149 11.09 -4.00 -13.92
C LEU A 149 11.01 -5.39 -13.29
N CYS A 150 12.17 -6.03 -13.16
CA CYS A 150 12.25 -7.37 -12.57
C CYS A 150 12.47 -7.29 -11.07
N THR A 151 11.38 -7.12 -10.32
CA THR A 151 11.46 -7.02 -8.88
C THR A 151 10.27 -7.74 -8.23
N GLU A 152 10.47 -9.01 -7.91
CA GLU A 152 9.42 -9.83 -7.30
C GLU A 152 9.05 -9.36 -5.89
N ASN A 153 9.99 -8.73 -5.20
CA ASN A 153 9.74 -8.27 -3.83
C ASN A 153 8.71 -7.13 -3.78
N ILE A 154 8.61 -6.36 -4.86
CA ILE A 154 7.64 -5.26 -4.89
C ILE A 154 6.31 -5.70 -5.49
N LEU A 155 6.14 -7.00 -5.63
CA LEU A 155 4.90 -7.56 -6.18
C LEU A 155 3.97 -8.04 -5.07
N PHE A 156 2.82 -7.39 -4.96
CA PHE A 156 1.84 -7.75 -3.93
C PHE A 156 0.64 -8.47 -4.53
N LYS A 157 0.00 -9.30 -3.71
CA LYS A 157 -1.18 -10.05 -4.14
C LYS A 157 -2.31 -9.86 -3.14
N LEU A 158 -3.53 -9.72 -3.66
CA LEU A 158 -4.71 -9.52 -2.81
C LEU A 158 -5.65 -10.71 -2.89
N SER A 159 -6.10 -11.18 -1.72
CA SER A 159 -7.01 -12.31 -1.65
C SER A 159 -8.39 -11.87 -1.18
N GLU A 160 -9.39 -12.07 -2.03
CA GLU A 160 -10.77 -11.69 -1.70
C GLU A 160 -11.50 -12.85 -1.02
N THR A 161 -11.37 -12.92 0.30
CA THR A 161 -12.02 -13.98 1.07
C THR A 161 -13.21 -13.43 1.86
N GLY A 1 -14.74 13.49 7.30
CA GLY A 1 -13.66 14.49 7.41
C GLY A 1 -12.78 14.53 6.17
N SER A 2 -12.45 15.74 5.72
CA SER A 2 -11.61 15.90 4.55
C SER A 2 -10.13 15.73 4.90
N SER A 3 -9.54 14.65 4.39
CA SER A 3 -8.14 14.35 4.65
C SER A 3 -7.23 15.17 3.72
N ILE A 4 -7.71 15.44 2.52
CA ILE A 4 -6.95 16.22 1.54
C ILE A 4 -7.76 17.38 1.01
N THR A 5 -8.84 17.07 0.30
CA THR A 5 -9.71 18.10 -0.27
C THR A 5 -11.09 17.54 -0.62
N GLY A 6 -11.94 17.43 0.40
CA GLY A 6 -13.28 16.91 0.19
C GLY A 6 -13.30 15.52 -0.42
N ILE A 7 -12.18 14.81 -0.32
CA ILE A 7 -12.07 13.46 -0.87
C ILE A 7 -12.91 12.47 -0.06
N SER A 8 -13.47 11.47 -0.75
CA SER A 8 -14.28 10.46 -0.09
C SER A 8 -13.92 9.06 -0.60
N PRO A 9 -14.02 8.04 0.26
CA PRO A 9 -13.70 6.65 -0.12
C PRO A 9 -14.61 6.14 -1.23
N ILE A 10 -14.00 5.53 -2.24
CA ILE A 10 -14.74 4.98 -3.37
C ILE A 10 -15.26 3.59 -3.07
N THR A 11 -14.49 2.83 -2.30
CA THR A 11 -14.86 1.48 -1.93
C THR A 11 -13.93 0.91 -0.86
N GLU A 12 -14.49 0.14 0.06
CA GLU A 12 -13.71 -0.46 1.13
C GLU A 12 -13.97 -1.97 1.22
N TYR A 13 -12.90 -2.74 1.29
CA TYR A 13 -13.01 -4.20 1.37
C TYR A 13 -11.85 -4.78 2.16
N LEU A 14 -12.01 -6.02 2.61
CA LEU A 14 -10.97 -6.70 3.38
C LEU A 14 -10.10 -7.57 2.48
N ALA A 15 -8.79 -7.40 2.59
CA ALA A 15 -7.85 -8.18 1.79
C ALA A 15 -6.46 -8.16 2.41
N SER A 16 -5.81 -9.32 2.41
CA SER A 16 -4.47 -9.43 2.98
C SER A 16 -3.39 -9.36 1.90
N LEU A 17 -2.30 -8.67 2.21
CA LEU A 17 -1.19 -8.52 1.27
C LEU A 17 -0.35 -9.79 1.22
N SER A 18 -0.17 -10.33 0.03
CA SER A 18 0.62 -11.56 -0.13
C SER A 18 1.75 -11.36 -1.14
N THR A 19 2.97 -11.72 -0.73
CA THR A 19 4.14 -11.59 -1.60
C THR A 19 4.05 -12.55 -2.78
N TYR A 20 4.83 -12.27 -3.81
CA TYR A 20 4.85 -13.11 -5.01
C TYR A 20 5.38 -14.51 -4.69
N ASN A 21 5.88 -14.67 -3.46
CA ASN A 21 6.43 -15.95 -3.03
C ASN A 21 5.34 -16.82 -2.40
N ASP A 22 4.09 -16.53 -2.75
CA ASP A 22 2.95 -17.28 -2.22
C ASP A 22 2.88 -17.19 -0.70
N GLN A 23 3.45 -16.12 -0.15
CA GLN A 23 3.45 -15.91 1.30
C GLN A 23 2.58 -14.71 1.66
N SER A 24 2.03 -14.74 2.88
CA SER A 24 1.18 -13.65 3.34
C SER A 24 1.90 -12.81 4.40
N ILE A 25 1.54 -11.54 4.50
CA ILE A 25 2.16 -10.64 5.46
C ILE A 25 1.45 -10.72 6.81
N THR A 26 2.23 -10.73 7.89
CA THR A 26 1.68 -10.79 9.24
C THR A 26 2.07 -9.57 10.06
N PHE A 27 1.09 -8.98 10.75
CA PHE A 27 1.34 -7.80 11.57
C PHE A 27 1.14 -8.12 13.05
N ALA A 28 2.23 -8.48 13.71
CA ALA A 28 2.18 -8.81 15.14
C ALA A 28 2.47 -7.58 15.99
N LEU A 29 1.42 -6.92 16.47
CA LEU A 29 1.57 -5.73 17.29
C LEU A 29 1.39 -6.05 18.77
N GLU A 30 2.46 -5.88 19.55
CA GLU A 30 2.40 -6.14 20.98
C GLU A 30 1.80 -4.98 21.74
N ASP A 31 1.86 -5.03 23.06
CA ASP A 31 1.31 -3.97 23.91
C ASP A 31 1.83 -2.60 23.49
N GLU A 32 3.05 -2.55 22.98
CA GLU A 32 3.65 -1.29 22.55
C GLU A 32 4.72 -1.50 21.48
N SER A 33 4.87 -2.74 21.02
CA SER A 33 5.87 -3.06 20.00
C SER A 33 5.20 -3.28 18.65
N TYR A 34 5.98 -3.12 17.58
CA TYR A 34 5.47 -3.29 16.22
C TYR A 34 6.34 -4.27 15.43
N GLU A 35 5.81 -5.48 15.22
CA GLU A 35 6.55 -6.50 14.48
C GLU A 35 5.90 -6.74 13.12
N ILE A 36 6.74 -6.85 12.09
CA ILE A 36 6.26 -7.08 10.73
C ILE A 36 7.08 -8.17 10.05
N TYR A 37 6.44 -9.32 9.82
CA TYR A 37 7.11 -10.45 9.17
C TYR A 37 6.28 -11.00 8.02
N VAL A 38 6.83 -11.97 7.32
CA VAL A 38 6.14 -12.60 6.19
C VAL A 38 6.08 -14.11 6.38
N GLU A 39 4.90 -14.62 6.75
CA GLU A 39 4.71 -16.05 6.96
C GLU A 39 4.30 -16.76 5.67
N ASP A 40 4.62 -18.05 5.59
CA ASP A 40 4.29 -18.85 4.43
C ASP A 40 3.11 -19.79 4.72
N LEU A 41 2.25 -19.98 3.72
CA LEU A 41 1.08 -20.84 3.87
C LEU A 41 1.44 -22.29 3.59
N LYS A 42 1.13 -23.17 4.54
CA LYS A 42 1.40 -24.59 4.39
C LYS A 42 0.11 -25.37 4.13
N LYS A 43 -0.75 -25.43 5.14
CA LYS A 43 -2.02 -26.14 5.02
C LYS A 43 -3.19 -25.16 5.07
N ASP A 44 -3.49 -24.68 6.28
CA ASP A 44 -4.60 -23.74 6.48
C ASP A 44 -4.30 -22.81 7.65
N GLU A 45 -3.23 -22.05 7.55
CA GLU A 45 -2.84 -21.11 8.60
C GLU A 45 -3.69 -19.85 8.55
N LYS A 46 -4.11 -19.39 9.72
CA LYS A 46 -4.93 -18.19 9.82
C LYS A 46 -4.06 -16.94 9.70
N LYS A 47 -4.18 -16.26 8.57
CA LYS A 47 -3.41 -15.03 8.33
C LYS A 47 -4.18 -13.80 8.78
N ASP A 48 -3.61 -12.63 8.54
CA ASP A 48 -4.24 -11.37 8.92
C ASP A 48 -4.69 -10.57 7.70
N LYS A 49 -5.96 -10.18 7.70
CA LYS A 49 -6.53 -9.41 6.61
C LYS A 49 -6.27 -7.92 6.81
N VAL A 50 -6.16 -7.18 5.71
CA VAL A 50 -5.90 -5.75 5.77
C VAL A 50 -7.02 -4.96 5.11
N LEU A 51 -7.55 -3.99 5.84
CA LEU A 51 -8.62 -3.14 5.32
C LEU A 51 -8.09 -2.24 4.22
N LEU A 52 -8.47 -2.54 2.98
CA LEU A 52 -8.02 -1.76 1.84
C LEU A 52 -9.15 -0.90 1.28
N SER A 53 -8.87 0.40 1.12
CA SER A 53 -9.85 1.33 0.60
C SER A 53 -9.28 2.13 -0.57
N TYR A 54 -10.14 2.47 -1.54
CA TYR A 54 -9.70 3.23 -2.70
C TYR A 54 -10.10 4.70 -2.58
N TYR A 55 -9.38 5.57 -3.27
CA TYR A 55 -9.66 7.01 -3.25
C TYR A 55 -9.42 7.64 -4.61
N GLU A 56 -10.10 8.75 -4.88
CA GLU A 56 -9.95 9.44 -6.15
C GLU A 56 -9.20 10.77 -5.95
N SER A 57 -8.13 10.95 -6.72
CA SER A 57 -7.33 12.16 -6.64
C SER A 57 -7.98 13.31 -7.40
N GLN A 58 -7.94 14.50 -6.82
CA GLN A 58 -8.52 15.68 -7.45
C GLN A 58 -7.44 16.71 -7.75
N HIS A 59 -7.13 16.88 -9.04
CA HIS A 59 -6.11 17.83 -9.48
C HIS A 59 -6.75 19.13 -9.96
N PRO A 60 -6.04 20.26 -9.82
CA PRO A 60 -6.54 21.57 -10.26
C PRO A 60 -6.83 21.60 -11.76
N SER A 61 -7.96 22.22 -12.11
CA SER A 61 -8.36 22.34 -13.51
C SER A 61 -7.47 23.30 -14.28
N ASN A 62 -6.51 22.76 -15.01
CA ASN A 62 -5.59 23.57 -15.80
C ASN A 62 -5.62 23.16 -17.27
N GLU A 63 -5.52 24.15 -18.16
CA GLU A 63 -5.54 23.90 -19.59
C GLU A 63 -4.35 23.04 -20.01
N SER A 64 -4.62 21.96 -20.72
CA SER A 64 -3.58 21.04 -21.19
C SER A 64 -2.83 20.42 -20.00
N GLY A 65 -1.90 19.52 -20.30
CA GLY A 65 -1.13 18.87 -19.26
C GLY A 65 -0.80 17.44 -19.60
N ASP A 66 -1.75 16.73 -20.19
CA ASP A 66 -1.56 15.33 -20.58
C ASP A 66 -1.13 14.48 -19.38
N GLY A 67 -2.10 13.90 -18.69
CA GLY A 67 -1.81 13.07 -17.55
C GLY A 67 -1.19 11.74 -17.93
N VAL A 68 -1.86 10.66 -17.56
CA VAL A 68 -1.39 9.31 -17.86
C VAL A 68 -2.54 8.39 -18.25
N ASP A 69 -3.45 8.89 -19.07
CA ASP A 69 -4.60 8.13 -19.52
C ASP A 69 -5.43 7.63 -18.34
N GLY A 70 -6.12 8.57 -17.69
CA GLY A 70 -6.94 8.22 -16.54
C GLY A 70 -6.31 8.64 -15.23
N LYS A 71 -7.10 9.30 -14.38
CA LYS A 71 -6.61 9.77 -13.08
C LYS A 71 -6.09 8.59 -12.25
N MET A 72 -5.03 8.84 -11.49
CA MET A 72 -4.44 7.81 -10.64
C MET A 72 -5.29 7.58 -9.40
N LEU A 73 -5.56 6.30 -9.11
CA LEU A 73 -6.36 5.93 -7.95
C LEU A 73 -5.47 5.64 -6.75
N MET A 74 -5.86 6.18 -5.60
CA MET A 74 -5.09 5.98 -4.37
C MET A 74 -5.66 4.82 -3.55
N VAL A 75 -4.88 4.33 -2.58
CA VAL A 75 -5.31 3.23 -1.74
C VAL A 75 -4.78 3.37 -0.32
N THR A 76 -5.58 2.93 0.64
CA THR A 76 -5.20 2.97 2.04
C THR A 76 -5.22 1.57 2.65
N LEU A 77 -4.17 1.22 3.37
CA LEU A 77 -4.05 -0.10 3.98
C LEU A 77 -4.14 -0.01 5.51
N SER A 78 -5.07 -0.76 6.08
CA SER A 78 -5.25 -0.77 7.53
C SER A 78 -5.43 -2.19 8.05
N PRO A 79 -4.32 -2.87 8.41
CA PRO A 79 -4.36 -4.25 8.91
C PRO A 79 -5.10 -4.35 10.24
N THR A 80 -5.17 -3.23 10.95
CA THR A 80 -5.84 -3.19 12.25
C THR A 80 -7.00 -2.18 12.24
N LYS A 81 -7.40 -1.74 13.41
CA LYS A 81 -8.49 -0.79 13.55
C LYS A 81 -8.12 0.60 13.01
N ASP A 82 -7.48 1.42 13.85
CA ASP A 82 -7.10 2.78 13.45
C ASP A 82 -5.70 2.84 12.86
N PHE A 83 -4.76 2.09 13.42
CA PHE A 83 -3.38 2.10 12.95
C PHE A 83 -3.31 1.95 11.43
N TRP A 84 -2.75 2.97 10.77
CA TRP A 84 -2.60 2.97 9.32
C TRP A 84 -1.14 2.85 8.91
N LEU A 85 -0.91 2.50 7.64
CA LEU A 85 0.44 2.36 7.12
C LEU A 85 1.03 3.71 6.73
N HIS A 86 2.20 4.02 7.27
CA HIS A 86 2.87 5.28 6.98
C HIS A 86 4.28 5.03 6.47
N ALA A 87 4.58 5.57 5.29
CA ALA A 87 5.90 5.40 4.69
C ALA A 87 6.91 6.38 5.28
N ASN A 88 7.90 5.84 5.97
CA ASN A 88 8.95 6.66 6.59
C ASN A 88 10.17 6.73 5.69
N ASN A 89 10.53 7.94 5.29
CA ASN A 89 11.68 8.16 4.42
C ASN A 89 12.98 8.06 5.21
N LYS A 90 12.89 8.17 6.53
CA LYS A 90 14.06 8.10 7.39
C LYS A 90 14.73 6.72 7.30
N GLU A 91 13.96 5.68 7.63
CA GLU A 91 14.47 4.31 7.57
C GLU A 91 14.05 3.61 6.29
N HIS A 92 13.37 4.36 5.42
CA HIS A 92 12.89 3.82 4.14
C HIS A 92 12.04 2.57 4.36
N SER A 93 11.18 2.62 5.37
CA SER A 93 10.31 1.50 5.69
C SER A 93 8.92 1.98 6.12
N VAL A 94 7.92 1.11 5.96
CA VAL A 94 6.54 1.46 6.34
C VAL A 94 6.23 0.96 7.74
N GLU A 95 5.72 1.86 8.58
CA GLU A 95 5.38 1.52 9.96
C GLU A 95 3.92 1.86 10.26
N LEU A 96 3.32 1.14 11.20
CA LEU A 96 1.93 1.38 11.58
C LEU A 96 1.84 2.46 12.65
N HIS A 97 1.03 3.48 12.39
CA HIS A 97 0.85 4.57 13.34
C HIS A 97 -0.60 5.03 13.39
N LYS A 98 -1.04 5.43 14.57
CA LYS A 98 -2.42 5.89 14.77
C LYS A 98 -2.46 7.42 14.88
N CYS A 99 -3.08 8.04 13.89
CA CYS A 99 -3.20 9.50 13.87
C CYS A 99 -4.66 9.93 13.86
N GLU A 100 -4.88 11.24 13.92
CA GLU A 100 -6.24 11.78 13.91
C GLU A 100 -6.93 11.52 12.57
N LYS A 101 -8.20 11.90 12.49
CA LYS A 101 -8.98 11.70 11.27
C LYS A 101 -8.25 12.21 10.04
N PRO A 102 -7.76 13.47 10.05
CA PRO A 102 -7.04 14.05 8.91
C PRO A 102 -5.85 13.18 8.48
N LEU A 103 -6.09 12.28 7.53
CA LEU A 103 -5.05 11.39 7.04
C LEU A 103 -3.96 12.18 6.31
N PRO A 104 -2.68 11.88 6.59
CA PRO A 104 -1.56 12.57 5.95
C PRO A 104 -1.27 12.06 4.54
N ASP A 105 -0.43 12.79 3.82
CA ASP A 105 -0.07 12.41 2.45
C ASP A 105 0.65 11.07 2.44
N GLN A 106 1.23 10.69 3.57
CA GLN A 106 1.96 9.43 3.67
C GLN A 106 1.01 8.28 4.00
N ALA A 107 -0.29 8.55 3.95
CA ALA A 107 -1.29 7.53 4.25
C ALA A 107 -1.96 7.02 2.97
N PHE A 108 -1.76 7.75 1.87
CA PHE A 108 -2.34 7.37 0.59
C PHE A 108 -1.26 6.88 -0.37
N PHE A 109 -1.51 5.73 -0.98
CA PHE A 109 -0.57 5.14 -1.92
C PHE A 109 -1.23 4.96 -3.29
N VAL A 110 -0.49 5.30 -4.35
CA VAL A 110 -1.01 5.18 -5.70
C VAL A 110 -0.82 3.76 -6.24
N LEU A 111 -1.92 3.11 -6.59
CA LEU A 111 -1.88 1.74 -7.10
C LEU A 111 -1.32 1.70 -8.51
N HIS A 112 -0.44 0.73 -8.78
CA HIS A 112 0.16 0.57 -10.10
C HIS A 112 0.18 -0.90 -10.51
N ASN A 113 -0.32 -1.19 -11.70
CA ASN A 113 -0.37 -2.55 -12.21
C ASN A 113 1.00 -3.00 -12.70
N MET A 114 1.54 -4.03 -12.06
CA MET A 114 2.85 -4.56 -12.42
C MET A 114 2.71 -5.89 -13.16
N HIS A 115 2.36 -6.93 -12.42
CA HIS A 115 2.18 -8.26 -13.00
C HIS A 115 0.74 -8.46 -13.44
N SER A 116 0.46 -9.63 -14.02
CA SER A 116 -0.88 -9.95 -14.49
C SER A 116 -1.92 -9.77 -13.39
N ASN A 117 -1.68 -10.39 -12.23
CA ASN A 117 -2.61 -10.31 -11.12
C ASN A 117 -2.02 -9.50 -9.95
N CYS A 118 -0.70 -9.42 -9.88
CA CYS A 118 -0.03 -8.70 -8.81
C CYS A 118 -0.13 -7.19 -9.02
N VAL A 119 0.08 -6.42 -7.96
CA VAL A 119 0.02 -4.96 -8.03
C VAL A 119 1.11 -4.32 -7.18
N SER A 120 1.23 -3.00 -7.28
CA SER A 120 2.23 -2.26 -6.52
C SER A 120 1.63 -1.03 -5.86
N PHE A 121 2.27 -0.56 -4.79
CA PHE A 121 1.79 0.62 -4.06
C PHE A 121 2.87 1.71 -4.02
N GLU A 122 2.68 2.75 -4.84
CA GLU A 122 3.63 3.85 -4.90
C GLU A 122 3.34 4.90 -3.83
N CYS A 123 4.38 5.60 -3.39
CA CYS A 123 4.24 6.63 -2.37
C CYS A 123 4.03 8.00 -3.00
N LYS A 124 3.13 8.79 -2.42
CA LYS A 124 2.83 10.12 -2.93
C LYS A 124 3.91 11.14 -2.54
N THR A 125 4.56 10.89 -1.42
CA THR A 125 5.62 11.77 -0.94
C THR A 125 6.95 11.48 -1.61
N ASP A 126 7.17 10.21 -1.96
CA ASP A 126 8.40 9.80 -2.60
C ASP A 126 8.13 9.16 -3.96
N PRO A 127 7.97 9.97 -5.01
CA PRO A 127 7.70 9.47 -6.37
C PRO A 127 8.77 8.49 -6.84
N GLY A 128 8.33 7.35 -7.34
CA GLY A 128 9.26 6.33 -7.81
C GLY A 128 9.57 5.29 -6.76
N VAL A 129 8.88 5.38 -5.63
CA VAL A 129 9.07 4.43 -4.54
C VAL A 129 7.84 3.57 -4.33
N PHE A 130 8.03 2.27 -4.22
CA PHE A 130 6.92 1.33 -4.01
C PHE A 130 7.17 0.44 -2.80
N ILE A 131 6.10 0.11 -2.08
CA ILE A 131 6.20 -0.75 -0.92
C ILE A 131 6.57 -2.17 -1.34
N GLY A 132 7.36 -2.86 -0.52
CA GLY A 132 7.76 -4.21 -0.85
C GLY A 132 8.62 -4.85 0.22
N VAL A 133 8.48 -6.16 0.36
CA VAL A 133 9.24 -6.92 1.35
C VAL A 133 10.73 -6.92 1.01
N LYS A 134 11.54 -6.44 1.95
CA LYS A 134 12.98 -6.37 1.76
C LYS A 134 13.64 -7.69 2.18
N ASP A 135 14.02 -7.79 3.45
CA ASP A 135 14.66 -9.00 3.97
C ASP A 135 13.61 -9.98 4.49
N ASN A 136 12.66 -9.48 5.27
CA ASN A 136 11.60 -10.30 5.83
C ASN A 136 10.45 -9.43 6.34
N HIS A 137 10.49 -8.15 5.99
CA HIS A 137 9.47 -7.20 6.42
C HIS A 137 9.15 -6.21 5.31
N LEU A 138 8.09 -5.44 5.50
CA LEU A 138 7.69 -4.44 4.51
C LEU A 138 8.60 -3.21 4.56
N ALA A 139 9.13 -2.84 3.42
CA ALA A 139 10.02 -1.68 3.32
C ALA A 139 9.81 -0.93 2.01
N LEU A 140 10.18 0.35 2.01
CA LEU A 140 10.04 1.18 0.83
C LEU A 140 11.11 0.83 -0.20
N ILE A 141 10.73 0.02 -1.18
CA ILE A 141 11.66 -0.40 -2.23
C ILE A 141 11.55 0.50 -3.45
N LYS A 142 12.66 1.14 -3.81
CA LYS A 142 12.70 2.03 -4.96
C LYS A 142 13.12 1.27 -6.22
N VAL A 143 12.23 1.23 -7.21
CA VAL A 143 12.52 0.53 -8.46
C VAL A 143 12.30 1.45 -9.67
N ASP A 144 13.35 1.60 -10.46
CA ASP A 144 13.28 2.44 -11.65
C ASP A 144 12.64 1.68 -12.82
N SER A 145 11.83 2.39 -13.61
CA SER A 145 11.15 1.78 -14.74
C SER A 145 12.15 1.34 -15.81
N SER A 146 11.93 0.16 -16.36
CA SER A 146 12.80 -0.39 -17.41
C SER A 146 14.20 -0.67 -16.88
N GLU A 147 14.42 -0.44 -15.59
CA GLU A 147 15.73 -0.66 -14.98
C GLU A 147 15.71 -1.93 -14.14
N ASN A 148 14.72 -2.07 -13.28
CA ASN A 148 14.61 -3.24 -12.40
C ASN A 148 13.18 -3.78 -12.37
N LEU A 149 12.60 -3.97 -13.55
CA LEU A 149 11.23 -4.47 -13.66
C LEU A 149 11.11 -5.88 -13.06
N CYS A 150 12.24 -6.59 -13.01
CA CYS A 150 12.26 -7.94 -12.46
C CYS A 150 12.51 -7.92 -10.96
N THR A 151 11.44 -7.69 -10.20
CA THR A 151 11.54 -7.65 -8.74
C THR A 151 10.30 -8.26 -8.09
N GLU A 152 10.45 -9.48 -7.59
CA GLU A 152 9.36 -10.19 -6.94
C GLU A 152 8.92 -9.50 -5.65
N ASN A 153 9.79 -8.64 -5.13
CA ASN A 153 9.50 -7.92 -3.89
C ASN A 153 8.42 -6.85 -4.08
N ILE A 154 8.45 -6.18 -5.23
CA ILE A 154 7.48 -5.13 -5.52
C ILE A 154 6.21 -5.71 -6.15
N LEU A 155 5.92 -6.97 -5.83
CA LEU A 155 4.73 -7.63 -6.37
C LEU A 155 3.83 -8.15 -5.24
N PHE A 156 2.68 -7.50 -5.08
CA PHE A 156 1.73 -7.90 -4.04
C PHE A 156 0.51 -8.59 -4.63
N LYS A 157 -0.13 -9.42 -3.81
CA LYS A 157 -1.33 -10.15 -4.24
C LYS A 157 -2.45 -9.95 -3.22
N LEU A 158 -3.65 -9.72 -3.73
CA LEU A 158 -4.82 -9.50 -2.88
C LEU A 158 -5.70 -10.75 -2.83
N SER A 159 -5.97 -11.22 -1.61
CA SER A 159 -6.81 -12.40 -1.42
C SER A 159 -8.18 -12.00 -0.89
N GLU A 160 -9.21 -12.69 -1.36
CA GLU A 160 -10.59 -12.41 -0.93
C GLU A 160 -11.05 -13.45 0.09
N THR A 161 -10.78 -13.18 1.36
CA THR A 161 -11.16 -14.09 2.44
C THR A 161 -10.78 -15.53 2.14
N GLY A 1 -9.84 21.41 1.87
CA GLY A 1 -10.15 21.40 3.33
C GLY A 1 -10.49 20.02 3.84
N SER A 2 -10.86 19.12 2.94
CA SER A 2 -11.21 17.76 3.31
C SER A 2 -10.11 16.78 2.92
N SER A 3 -9.22 16.48 3.88
CA SER A 3 -8.12 15.56 3.65
C SER A 3 -7.20 16.06 2.54
N ILE A 4 -7.55 15.73 1.29
CA ILE A 4 -6.75 16.14 0.14
C ILE A 4 -7.47 17.22 -0.67
N THR A 5 -8.60 16.84 -1.26
CA THR A 5 -9.39 17.77 -2.05
C THR A 5 -10.74 17.17 -2.43
N GLY A 6 -11.68 17.20 -1.49
CA GLY A 6 -13.01 16.66 -1.72
C GLY A 6 -12.99 15.23 -2.22
N ILE A 7 -11.93 14.50 -1.87
CA ILE A 7 -11.80 13.11 -2.29
C ILE A 7 -12.76 12.21 -1.53
N SER A 8 -13.15 11.11 -2.16
CA SER A 8 -14.06 10.15 -1.53
C SER A 8 -13.64 8.72 -1.83
N PRO A 9 -13.85 7.78 -0.88
CA PRO A 9 -13.48 6.38 -1.07
C PRO A 9 -14.39 5.66 -2.06
N ILE A 10 -13.78 5.00 -3.04
CA ILE A 10 -14.51 4.27 -4.06
C ILE A 10 -15.09 2.97 -3.50
N THR A 11 -14.27 2.26 -2.74
CA THR A 11 -14.69 0.99 -2.14
C THR A 11 -13.70 0.53 -1.08
N GLU A 12 -14.20 -0.20 -0.09
CA GLU A 12 -13.37 -0.69 0.99
C GLU A 12 -13.71 -2.13 1.34
N TYR A 13 -12.69 -2.92 1.67
CA TYR A 13 -12.89 -4.33 2.02
C TYR A 13 -11.64 -4.92 2.67
N LEU A 14 -11.78 -6.13 3.20
CA LEU A 14 -10.66 -6.82 3.84
C LEU A 14 -9.86 -7.62 2.83
N ALA A 15 -8.54 -7.50 2.89
CA ALA A 15 -7.66 -8.21 1.98
C ALA A 15 -6.25 -8.32 2.55
N SER A 16 -5.70 -9.53 2.50
CA SER A 16 -4.36 -9.77 3.02
C SER A 16 -3.32 -9.65 1.91
N LEU A 17 -2.21 -8.98 2.22
CA LEU A 17 -1.13 -8.78 1.25
C LEU A 17 -0.28 -10.05 1.15
N SER A 18 -0.10 -10.54 -0.07
CA SER A 18 0.70 -11.75 -0.29
C SER A 18 1.79 -11.51 -1.32
N THR A 19 3.03 -11.84 -0.95
CA THR A 19 4.17 -11.68 -1.85
C THR A 19 4.03 -12.58 -3.06
N TYR A 20 4.85 -12.32 -4.08
CA TYR A 20 4.83 -13.11 -5.30
C TYR A 20 5.27 -14.55 -5.03
N ASN A 21 5.87 -14.76 -3.86
CA ASN A 21 6.33 -16.09 -3.46
C ASN A 21 5.21 -16.88 -2.81
N ASP A 22 3.97 -16.49 -3.09
CA ASP A 22 2.79 -17.15 -2.53
C ASP A 22 2.76 -17.05 -1.01
N GLN A 23 3.63 -16.18 -0.46
CA GLN A 23 3.69 -15.99 0.98
C GLN A 23 2.79 -14.83 1.40
N SER A 24 2.40 -14.81 2.67
CA SER A 24 1.54 -13.74 3.17
C SER A 24 2.25 -12.91 4.23
N ILE A 25 1.82 -11.67 4.39
CA ILE A 25 2.41 -10.76 5.36
C ILE A 25 1.70 -10.87 6.71
N THR A 26 2.44 -10.67 7.79
CA THR A 26 1.87 -10.75 9.13
C THR A 26 2.08 -9.45 9.91
N PHE A 27 1.06 -9.08 10.69
CA PHE A 27 1.11 -7.86 11.48
C PHE A 27 0.84 -8.17 12.95
N ALA A 28 1.90 -8.41 13.71
CA ALA A 28 1.78 -8.72 15.12
C ALA A 28 1.70 -7.44 15.96
N LEU A 29 0.48 -7.00 16.25
CA LEU A 29 0.28 -5.79 17.05
C LEU A 29 0.26 -6.11 18.53
N GLU A 30 1.41 -5.96 19.18
CA GLU A 30 1.55 -6.23 20.60
C GLU A 30 1.08 -5.04 21.44
N ASP A 31 1.32 -5.12 22.74
CA ASP A 31 0.92 -4.05 23.67
C ASP A 31 1.40 -2.69 23.17
N GLU A 32 2.65 -2.63 22.74
CA GLU A 32 3.23 -1.38 22.25
C GLU A 32 4.34 -1.67 21.23
N SER A 33 4.51 -2.93 20.88
CA SER A 33 5.54 -3.34 19.93
C SER A 33 4.92 -3.62 18.56
N TYR A 34 5.56 -3.10 17.51
CA TYR A 34 5.08 -3.30 16.14
C TYR A 34 5.97 -4.28 15.40
N GLU A 35 5.54 -5.53 15.32
CA GLU A 35 6.30 -6.56 14.63
C GLU A 35 5.66 -6.93 13.30
N ILE A 36 6.48 -6.94 12.25
CA ILE A 36 6.01 -7.29 10.91
C ILE A 36 6.95 -8.28 10.26
N TYR A 37 6.42 -9.41 9.80
CA TYR A 37 7.21 -10.44 9.15
C TYR A 37 6.40 -11.20 8.12
N VAL A 38 7.09 -11.78 7.15
CA VAL A 38 6.43 -12.55 6.09
C VAL A 38 6.56 -14.05 6.35
N GLU A 39 5.41 -14.70 6.54
CA GLU A 39 5.39 -16.14 6.79
C GLU A 39 5.09 -16.91 5.51
N ASP A 40 5.50 -18.18 5.48
CA ASP A 40 5.28 -19.03 4.31
C ASP A 40 4.18 -20.06 4.57
N LEU A 41 3.22 -20.14 3.65
CA LEU A 41 2.12 -21.08 3.78
C LEU A 41 2.53 -22.46 3.29
N LYS A 42 1.84 -23.49 3.77
CA LYS A 42 2.15 -24.86 3.38
C LYS A 42 0.87 -25.66 3.12
N LYS A 43 0.08 -25.86 4.16
CA LYS A 43 -1.17 -26.62 4.04
C LYS A 43 -2.38 -25.69 4.02
N ASP A 44 -2.76 -25.22 5.20
CA ASP A 44 -3.91 -24.32 5.33
C ASP A 44 -3.84 -23.52 6.62
N GLU A 45 -3.00 -22.49 6.61
CA GLU A 45 -2.82 -21.64 7.78
C GLU A 45 -3.36 -20.24 7.54
N LYS A 46 -4.38 -19.86 8.31
CA LYS A 46 -5.00 -18.54 8.18
C LYS A 46 -4.00 -17.44 8.53
N LYS A 47 -4.12 -16.30 7.84
CA LYS A 47 -3.23 -15.18 8.08
C LYS A 47 -4.01 -13.92 8.41
N ASP A 48 -3.29 -12.82 8.67
CA ASP A 48 -3.91 -11.55 9.01
C ASP A 48 -4.42 -10.82 7.76
N LYS A 49 -5.60 -10.23 7.88
CA LYS A 49 -6.20 -9.48 6.78
C LYS A 49 -5.99 -7.98 6.96
N VAL A 50 -5.86 -7.26 5.86
CA VAL A 50 -5.67 -5.81 5.91
C VAL A 50 -6.81 -5.07 5.24
N LEU A 51 -7.44 -4.17 5.98
CA LEU A 51 -8.55 -3.38 5.45
C LEU A 51 -8.05 -2.39 4.41
N LEU A 52 -8.26 -2.71 3.15
CA LEU A 52 -7.81 -1.85 2.05
C LEU A 52 -8.95 -0.99 1.53
N SER A 53 -8.63 0.28 1.24
CA SER A 53 -9.62 1.21 0.72
C SER A 53 -9.06 1.97 -0.49
N TYR A 54 -9.91 2.18 -1.49
CA TYR A 54 -9.49 2.90 -2.70
C TYR A 54 -9.90 4.37 -2.63
N TYR A 55 -9.12 5.22 -3.29
CA TYR A 55 -9.40 6.65 -3.31
C TYR A 55 -9.12 7.26 -4.68
N GLU A 56 -9.95 8.22 -5.08
CA GLU A 56 -9.80 8.89 -6.36
C GLU A 56 -9.56 10.38 -6.17
N SER A 57 -8.39 10.85 -6.60
CA SER A 57 -8.03 12.25 -6.48
C SER A 57 -8.75 13.09 -7.53
N GLN A 58 -8.73 14.41 -7.35
CA GLN A 58 -9.38 15.32 -8.28
C GLN A 58 -8.81 16.73 -8.16
N HIS A 59 -8.05 17.14 -9.17
CA HIS A 59 -7.44 18.47 -9.17
C HIS A 59 -8.39 19.50 -9.78
N PRO A 60 -8.51 20.70 -9.17
CA PRO A 60 -9.40 21.76 -9.65
C PRO A 60 -8.99 22.26 -11.04
N SER A 61 -7.81 21.85 -11.49
CA SER A 61 -7.30 22.25 -12.79
C SER A 61 -8.14 21.63 -13.91
N ASN A 62 -8.21 22.33 -15.04
CA ASN A 62 -8.98 21.84 -16.18
C ASN A 62 -8.05 21.47 -17.33
N GLU A 63 -7.78 20.18 -17.48
CA GLU A 63 -6.90 19.70 -18.54
C GLU A 63 -7.66 18.77 -19.48
N SER A 64 -7.39 18.90 -20.78
CA SER A 64 -8.05 18.08 -21.78
C SER A 64 -7.20 16.86 -22.14
N GLY A 65 -7.87 15.74 -22.44
CA GLY A 65 -7.16 14.53 -22.79
C GLY A 65 -7.99 13.60 -23.65
N ASP A 66 -9.32 13.69 -23.51
CA ASP A 66 -10.23 12.86 -24.28
C ASP A 66 -9.97 11.38 -24.02
N GLY A 67 -10.66 10.82 -23.03
CA GLY A 67 -10.49 9.41 -22.71
C GLY A 67 -11.55 8.91 -21.75
N VAL A 68 -11.26 7.80 -21.07
CA VAL A 68 -12.20 7.21 -20.13
C VAL A 68 -11.77 7.46 -18.69
N ASP A 69 -11.28 8.68 -18.43
CA ASP A 69 -10.82 9.07 -17.10
C ASP A 69 -9.70 8.15 -16.61
N GLY A 70 -8.47 8.53 -16.93
CA GLY A 70 -7.32 7.73 -16.52
C GLY A 70 -6.68 8.24 -15.24
N LYS A 71 -7.52 8.67 -14.29
CA LYS A 71 -7.02 9.18 -13.01
C LYS A 71 -6.38 8.08 -12.20
N MET A 72 -5.30 8.42 -11.49
CA MET A 72 -4.60 7.44 -10.66
C MET A 72 -5.43 7.09 -9.43
N LEU A 73 -5.52 5.78 -9.15
CA LEU A 73 -6.29 5.30 -8.01
C LEU A 73 -5.38 4.99 -6.82
N MET A 74 -5.56 5.74 -5.74
CA MET A 74 -4.76 5.55 -4.53
C MET A 74 -5.39 4.48 -3.64
N VAL A 75 -4.64 4.04 -2.64
CA VAL A 75 -5.13 3.00 -1.72
C VAL A 75 -4.50 3.12 -0.34
N THR A 76 -5.31 2.87 0.68
CA THR A 76 -4.83 2.91 2.06
C THR A 76 -5.00 1.52 2.68
N LEU A 77 -3.95 1.05 3.34
CA LEU A 77 -3.97 -0.27 3.97
C LEU A 77 -3.99 -0.15 5.49
N SER A 78 -4.99 -0.78 6.10
CA SER A 78 -5.14 -0.75 7.55
C SER A 78 -5.40 -2.15 8.12
N PRO A 79 -4.35 -2.86 8.54
CA PRO A 79 -4.49 -4.21 9.10
C PRO A 79 -5.07 -4.17 10.51
N THR A 80 -5.30 -2.97 11.01
CA THR A 80 -5.85 -2.77 12.34
C THR A 80 -7.02 -1.79 12.31
N LYS A 81 -7.30 -1.16 13.44
CA LYS A 81 -8.40 -0.21 13.53
C LYS A 81 -7.97 1.19 13.10
N ASP A 82 -7.30 1.91 13.99
CA ASP A 82 -6.86 3.27 13.71
C ASP A 82 -5.45 3.32 13.11
N PHE A 83 -4.58 2.41 13.54
CA PHE A 83 -3.20 2.37 13.06
C PHE A 83 -3.17 2.20 11.53
N TRP A 84 -2.69 3.23 10.84
CA TRP A 84 -2.59 3.19 9.39
C TRP A 84 -1.14 3.03 8.95
N LEU A 85 -0.95 2.62 7.69
CA LEU A 85 0.39 2.41 7.15
C LEU A 85 1.03 3.74 6.77
N HIS A 86 2.05 4.14 7.53
CA HIS A 86 2.75 5.39 7.27
C HIS A 86 4.16 5.12 6.76
N ALA A 87 4.52 5.80 5.67
CA ALA A 87 5.83 5.63 5.06
C ALA A 87 6.89 6.46 5.80
N ASN A 88 7.74 5.78 6.57
CA ASN A 88 8.80 6.45 7.31
C ASN A 88 10.11 6.43 6.53
N ASN A 89 10.37 7.50 5.80
CA ASN A 89 11.58 7.61 5.00
C ASN A 89 12.83 7.61 5.87
N LYS A 90 12.65 7.88 7.15
CA LYS A 90 13.76 7.89 8.10
C LYS A 90 14.38 6.51 8.24
N GLU A 91 13.55 5.48 8.03
CA GLU A 91 14.00 4.10 8.15
C GLU A 91 13.77 3.35 6.84
N HIS A 92 13.30 4.06 5.82
CA HIS A 92 13.03 3.47 4.51
C HIS A 92 12.06 2.30 4.63
N SER A 93 11.11 2.40 5.56
CA SER A 93 10.13 1.34 5.76
C SER A 93 8.79 1.91 6.21
N VAL A 94 7.74 1.10 6.12
CA VAL A 94 6.40 1.52 6.52
C VAL A 94 6.03 0.93 7.88
N GLU A 95 5.50 1.77 8.76
CA GLU A 95 5.11 1.34 10.10
C GLU A 95 3.68 1.77 10.42
N LEU A 96 3.04 1.03 11.33
CA LEU A 96 1.68 1.33 11.74
C LEU A 96 1.66 2.46 12.77
N HIS A 97 1.04 3.57 12.41
CA HIS A 97 0.94 4.72 13.31
C HIS A 97 -0.50 5.19 13.41
N LYS A 98 -0.92 5.52 14.63
CA LYS A 98 -2.29 5.99 14.86
C LYS A 98 -2.33 7.51 14.90
N CYS A 99 -2.57 8.11 13.74
CA CYS A 99 -2.65 9.56 13.64
C CYS A 99 -4.10 10.03 13.59
N GLU A 100 -4.30 11.33 13.66
CA GLU A 100 -5.63 11.91 13.62
C GLU A 100 -6.32 11.61 12.29
N LYS A 101 -7.58 12.00 12.17
CA LYS A 101 -8.35 11.76 10.95
C LYS A 101 -7.62 12.29 9.71
N PRO A 102 -7.14 13.56 9.74
CA PRO A 102 -6.41 14.15 8.59
C PRO A 102 -5.20 13.32 8.19
N LEU A 103 -5.45 12.34 7.30
CA LEU A 103 -4.38 11.47 6.83
C LEU A 103 -3.32 12.27 6.04
N PRO A 104 -2.02 11.99 6.29
CA PRO A 104 -0.93 12.69 5.60
C PRO A 104 -0.77 12.22 4.15
N ASP A 105 0.01 12.97 3.38
CA ASP A 105 0.24 12.66 1.98
C ASP A 105 1.04 11.36 1.83
N GLN A 106 1.59 10.86 2.93
CA GLN A 106 2.37 9.63 2.91
C GLN A 106 1.50 8.44 3.30
N ALA A 107 0.22 8.69 3.52
CA ALA A 107 -0.71 7.65 3.91
C ALA A 107 -1.33 6.98 2.68
N PHE A 108 -1.74 7.80 1.71
CA PHE A 108 -2.34 7.29 0.49
C PHE A 108 -1.27 6.79 -0.48
N PHE A 109 -1.40 5.55 -0.93
CA PHE A 109 -0.44 4.96 -1.85
C PHE A 109 -1.07 4.73 -3.22
N VAL A 110 -0.48 5.33 -4.26
CA VAL A 110 -0.99 5.19 -5.61
C VAL A 110 -0.85 3.75 -6.10
N LEU A 111 -1.96 3.03 -6.13
CA LEU A 111 -1.98 1.64 -6.56
C LEU A 111 -1.74 1.53 -8.06
N HIS A 112 -0.88 0.59 -8.45
CA HIS A 112 -0.56 0.37 -9.86
C HIS A 112 -0.53 -1.12 -10.18
N ASN A 113 -1.03 -1.48 -11.36
CA ASN A 113 -1.05 -2.87 -11.79
C ASN A 113 0.15 -3.19 -12.66
N MET A 114 1.00 -4.09 -12.18
CA MET A 114 2.20 -4.48 -12.90
C MET A 114 1.97 -5.73 -13.74
N HIS A 115 1.59 -6.82 -13.07
CA HIS A 115 1.34 -8.08 -13.76
C HIS A 115 -0.16 -8.35 -13.87
N SER A 116 -0.51 -9.60 -14.15
CA SER A 116 -1.90 -10.01 -14.29
C SER A 116 -2.73 -9.61 -13.08
N ASN A 117 -2.33 -10.09 -11.90
CA ASN A 117 -3.05 -9.79 -10.67
C ASN A 117 -2.16 -9.05 -9.67
N CYS A 118 -0.85 -9.09 -9.90
CA CYS A 118 0.10 -8.43 -9.01
C CYS A 118 -0.14 -6.93 -8.98
N VAL A 119 -0.02 -6.34 -7.80
CA VAL A 119 -0.22 -4.90 -7.62
C VAL A 119 0.98 -4.24 -6.96
N SER A 120 1.03 -2.92 -7.01
CA SER A 120 2.13 -2.16 -6.40
C SER A 120 1.62 -0.93 -5.68
N PHE A 121 2.28 -0.57 -4.59
CA PHE A 121 1.89 0.60 -3.80
C PHE A 121 2.92 1.72 -3.94
N GLU A 122 2.60 2.71 -4.78
CA GLU A 122 3.49 3.83 -5.02
C GLU A 122 3.29 4.93 -3.98
N CYS A 123 4.38 5.58 -3.59
CA CYS A 123 4.32 6.67 -2.61
C CYS A 123 4.06 8.00 -3.30
N LYS A 124 3.08 8.74 -2.80
CA LYS A 124 2.73 10.03 -3.37
C LYS A 124 3.74 11.11 -2.98
N THR A 125 4.43 10.89 -1.87
CA THR A 125 5.42 11.84 -1.38
C THR A 125 6.81 11.50 -1.90
N ASP A 126 6.97 10.29 -2.43
CA ASP A 126 8.24 9.85 -2.97
C ASP A 126 8.07 9.18 -4.33
N PRO A 127 8.32 9.93 -5.44
CA PRO A 127 8.17 9.38 -6.79
C PRO A 127 9.23 8.33 -7.12
N GLY A 128 8.77 7.14 -7.47
CA GLY A 128 9.68 6.05 -7.79
C GLY A 128 9.88 5.10 -6.64
N VAL A 129 9.14 5.31 -5.56
CA VAL A 129 9.24 4.45 -4.37
C VAL A 129 7.97 3.64 -4.20
N PHE A 130 8.14 2.34 -3.95
CA PHE A 130 7.00 1.45 -3.77
C PHE A 130 7.20 0.54 -2.57
N ILE A 131 6.09 0.20 -1.89
CA ILE A 131 6.14 -0.68 -0.74
C ILE A 131 6.48 -2.10 -1.19
N GLY A 132 7.26 -2.82 -0.39
CA GLY A 132 7.61 -4.17 -0.76
C GLY A 132 8.51 -4.86 0.25
N VAL A 133 8.43 -6.19 0.29
CA VAL A 133 9.23 -6.98 1.20
C VAL A 133 10.71 -6.79 0.92
N LYS A 134 11.39 -6.10 1.82
CA LYS A 134 12.82 -5.83 1.68
C LYS A 134 13.65 -6.99 2.21
N ASP A 135 13.87 -6.99 3.53
CA ASP A 135 14.65 -8.06 4.16
C ASP A 135 13.74 -9.22 4.55
N ASN A 136 12.81 -8.95 5.47
CA ASN A 136 11.86 -9.96 5.93
C ASN A 136 10.54 -9.30 6.29
N HIS A 137 10.39 -8.03 5.94
CA HIS A 137 9.17 -7.28 6.24
C HIS A 137 8.91 -6.22 5.18
N LEU A 138 7.87 -5.42 5.40
CA LEU A 138 7.49 -4.36 4.47
C LEU A 138 8.44 -3.18 4.59
N ALA A 139 8.94 -2.73 3.45
CA ALA A 139 9.85 -1.59 3.41
C ALA A 139 9.67 -0.78 2.13
N LEU A 140 10.05 0.49 2.19
CA LEU A 140 9.94 1.37 1.04
C LEU A 140 11.05 1.09 0.04
N ILE A 141 10.78 0.24 -0.93
CA ILE A 141 11.76 -0.13 -1.94
C ILE A 141 11.72 0.82 -3.13
N LYS A 142 12.79 1.58 -3.33
CA LYS A 142 12.87 2.51 -4.43
C LYS A 142 13.20 1.80 -5.74
N VAL A 143 12.18 1.53 -6.53
CA VAL A 143 12.35 0.83 -7.80
C VAL A 143 12.06 1.75 -8.98
N ASP A 144 12.83 1.57 -10.06
CA ASP A 144 12.64 2.38 -11.26
C ASP A 144 12.08 1.52 -12.39
N SER A 145 11.52 2.19 -13.40
CA SER A 145 10.93 1.49 -14.55
C SER A 145 11.98 1.23 -15.63
N SER A 146 11.59 0.41 -16.61
CA SER A 146 12.45 0.05 -17.74
C SER A 146 13.56 -0.93 -17.31
N GLU A 147 14.42 -0.49 -16.40
CA GLU A 147 15.51 -1.34 -15.93
C GLU A 147 15.06 -2.21 -14.76
N ASN A 148 14.72 -1.57 -13.65
CA ASN A 148 14.28 -2.29 -12.46
C ASN A 148 12.80 -2.63 -12.54
N LEU A 149 12.23 -2.57 -13.75
CA LEU A 149 10.83 -2.88 -13.96
C LEU A 149 10.52 -4.31 -13.55
N CYS A 150 11.56 -5.11 -13.37
CA CYS A 150 11.40 -6.51 -12.98
C CYS A 150 11.80 -6.72 -11.52
N THR A 151 10.84 -6.56 -10.62
CA THR A 151 11.09 -6.73 -9.18
C THR A 151 9.92 -7.42 -8.50
N GLU A 152 10.12 -8.68 -8.12
CA GLU A 152 9.08 -9.46 -7.45
C GLU A 152 8.77 -8.90 -6.08
N ASN A 153 9.70 -8.11 -5.54
CA ASN A 153 9.53 -7.50 -4.22
C ASN A 153 8.35 -6.53 -4.19
N ILE A 154 8.27 -5.69 -5.23
CA ILE A 154 7.20 -4.70 -5.32
C ILE A 154 5.92 -5.30 -5.88
N LEU A 155 5.86 -6.63 -5.95
CA LEU A 155 4.67 -7.32 -6.45
C LEU A 155 3.86 -7.89 -5.30
N PHE A 156 2.62 -7.45 -5.18
CA PHE A 156 1.74 -7.93 -4.11
C PHE A 156 0.54 -8.68 -4.67
N LYS A 157 -0.09 -9.49 -3.83
CA LYS A 157 -1.25 -10.27 -4.21
C LYS A 157 -2.39 -10.04 -3.23
N LEU A 158 -3.59 -9.83 -3.76
CA LEU A 158 -4.77 -9.59 -2.92
C LEU A 158 -5.69 -10.80 -2.93
N SER A 159 -6.35 -11.04 -1.80
CA SER A 159 -7.28 -12.16 -1.67
C SER A 159 -8.48 -11.76 -0.83
N GLU A 160 -9.67 -11.76 -1.45
CA GLU A 160 -10.89 -11.39 -0.74
C GLU A 160 -11.43 -12.59 0.05
N THR A 161 -10.95 -12.74 1.27
CA THR A 161 -11.38 -13.83 2.14
C THR A 161 -11.70 -13.33 3.54
N GLY A 1 -1.95 21.02 3.36
CA GLY A 1 -3.12 20.45 4.08
C GLY A 1 -3.00 18.96 4.31
N SER A 2 -3.84 18.18 3.62
CA SER A 2 -3.82 16.74 3.76
C SER A 2 -4.27 16.06 2.46
N SER A 3 -5.51 16.32 2.06
CA SER A 3 -6.05 15.73 0.84
C SER A 3 -6.20 16.80 -0.25
N ILE A 4 -6.89 16.44 -1.33
CA ILE A 4 -7.12 17.37 -2.43
C ILE A 4 -8.30 18.28 -2.14
N THR A 5 -9.51 17.72 -2.19
CA THR A 5 -10.72 18.49 -1.93
C THR A 5 -11.84 17.60 -1.40
N GLY A 6 -11.79 17.30 -0.10
CA GLY A 6 -12.80 16.47 0.52
C GLY A 6 -12.97 15.13 -0.18
N ILE A 7 -11.85 14.45 -0.43
CA ILE A 7 -11.87 13.17 -1.10
C ILE A 7 -12.74 12.17 -0.35
N SER A 8 -13.22 11.15 -1.07
CA SER A 8 -14.08 10.13 -0.47
C SER A 8 -13.67 8.74 -0.95
N PRO A 9 -13.93 7.70 -0.13
CA PRO A 9 -13.58 6.32 -0.48
C PRO A 9 -14.49 5.75 -1.58
N ILE A 10 -13.86 5.21 -2.63
CA ILE A 10 -14.60 4.64 -3.74
C ILE A 10 -15.04 3.21 -3.44
N THR A 11 -14.19 2.47 -2.75
CA THR A 11 -14.50 1.09 -2.38
C THR A 11 -13.60 0.60 -1.25
N GLU A 12 -14.19 -0.03 -0.25
CA GLU A 12 -13.46 -0.55 0.88
C GLU A 12 -13.77 -2.02 1.11
N TYR A 13 -12.73 -2.85 1.08
CA TYR A 13 -12.93 -4.29 1.27
C TYR A 13 -11.75 -4.90 2.02
N LEU A 14 -11.97 -6.06 2.62
CA LEU A 14 -10.93 -6.76 3.38
C LEU A 14 -10.06 -7.60 2.45
N ALA A 15 -8.76 -7.35 2.50
CA ALA A 15 -7.80 -8.08 1.67
C ALA A 15 -6.46 -8.20 2.37
N SER A 16 -5.84 -9.36 2.26
CA SER A 16 -4.54 -9.61 2.89
C SER A 16 -3.42 -9.48 1.88
N LEU A 17 -2.34 -8.81 2.29
CA LEU A 17 -1.18 -8.62 1.42
C LEU A 17 -0.35 -9.90 1.35
N SER A 18 -0.14 -10.41 0.14
CA SER A 18 0.63 -11.64 -0.03
C SER A 18 1.70 -11.47 -1.12
N THR A 19 2.93 -11.84 -0.78
CA THR A 19 4.04 -11.74 -1.72
C THR A 19 3.84 -12.71 -2.88
N TYR A 20 4.60 -12.50 -3.96
CA TYR A 20 4.50 -13.35 -5.13
C TYR A 20 5.14 -14.72 -4.86
N ASN A 21 5.78 -14.84 -3.71
CA ASN A 21 6.43 -16.09 -3.33
C ASN A 21 5.45 -16.99 -2.58
N ASP A 22 4.16 -16.77 -2.80
CA ASP A 22 3.11 -17.56 -2.15
C ASP A 22 3.20 -17.45 -0.64
N GLN A 23 3.53 -16.25 -0.15
CA GLN A 23 3.64 -16.01 1.28
C GLN A 23 2.76 -14.85 1.71
N SER A 24 2.24 -14.91 2.92
CA SER A 24 1.38 -13.85 3.44
C SER A 24 2.14 -12.94 4.39
N ILE A 25 1.71 -11.68 4.47
CA ILE A 25 2.36 -10.69 5.34
C ILE A 25 1.72 -10.70 6.72
N THR A 26 2.47 -11.18 7.71
CA THR A 26 1.99 -11.23 9.09
C THR A 26 2.33 -9.95 9.83
N PHE A 27 1.33 -9.37 10.50
CA PHE A 27 1.53 -8.15 11.26
C PHE A 27 1.49 -8.42 12.76
N ALA A 28 2.67 -8.67 13.33
CA ALA A 28 2.78 -8.96 14.76
C ALA A 28 2.69 -7.68 15.58
N LEU A 29 1.56 -7.48 16.25
CA LEU A 29 1.34 -6.29 17.06
C LEU A 29 1.68 -6.56 18.53
N GLU A 30 2.90 -6.21 18.92
CA GLU A 30 3.35 -6.41 20.29
C GLU A 30 2.70 -5.40 21.23
N ASP A 31 3.15 -5.37 22.47
CA ASP A 31 2.60 -4.44 23.46
C ASP A 31 2.70 -3.00 22.96
N GLU A 32 3.77 -2.70 22.23
CA GLU A 32 3.98 -1.37 21.68
C GLU A 32 5.02 -1.40 20.56
N SER A 33 5.44 -2.60 20.19
CA SER A 33 6.42 -2.78 19.13
C SER A 33 5.76 -3.29 17.86
N TYR A 34 5.93 -2.58 16.76
CA TYR A 34 5.35 -2.97 15.48
C TYR A 34 6.26 -3.94 14.73
N GLU A 35 6.08 -5.23 15.00
CA GLU A 35 6.87 -6.27 14.35
C GLU A 35 6.13 -6.82 13.14
N ILE A 36 6.78 -6.79 11.98
CA ILE A 36 6.17 -7.29 10.75
C ILE A 36 7.06 -8.32 10.08
N TYR A 37 6.45 -9.41 9.64
CA TYR A 37 7.19 -10.48 8.97
C TYR A 37 6.35 -11.10 7.85
N VAL A 38 6.95 -12.04 7.13
CA VAL A 38 6.26 -12.71 6.03
C VAL A 38 6.29 -14.22 6.24
N GLU A 39 5.15 -14.78 6.67
CA GLU A 39 5.05 -16.22 6.91
C GLU A 39 4.52 -16.94 5.69
N ASP A 40 5.09 -18.11 5.41
CA ASP A 40 4.67 -18.91 4.26
C ASP A 40 3.50 -19.81 4.62
N LEU A 41 2.50 -19.85 3.74
CA LEU A 41 1.32 -20.68 3.97
C LEU A 41 1.53 -22.10 3.47
N LYS A 42 1.05 -23.07 4.24
CA LYS A 42 1.18 -24.48 3.87
C LYS A 42 -0.17 -25.18 3.96
N LYS A 43 -0.86 -24.97 5.06
CA LYS A 43 -2.18 -25.58 5.28
C LYS A 43 -3.28 -24.55 5.09
N ASP A 44 -4.52 -24.98 5.27
CA ASP A 44 -5.67 -24.08 5.12
C ASP A 44 -5.83 -23.20 6.35
N GLU A 45 -4.96 -22.20 6.46
CA GLU A 45 -4.99 -21.28 7.59
C GLU A 45 -5.14 -19.84 7.10
N LYS A 46 -6.05 -19.10 7.74
CA LYS A 46 -6.30 -17.70 7.37
C LYS A 46 -5.38 -16.77 8.14
N LYS A 47 -4.75 -15.84 7.43
CA LYS A 47 -3.85 -14.88 8.04
C LYS A 47 -4.56 -13.57 8.36
N ASP A 48 -3.79 -12.55 8.71
CA ASP A 48 -4.33 -11.25 9.04
C ASP A 48 -4.90 -10.55 7.80
N LYS A 49 -6.05 -9.90 7.96
CA LYS A 49 -6.68 -9.19 6.86
C LYS A 49 -6.42 -7.69 6.96
N VAL A 50 -6.26 -7.04 5.81
CA VAL A 50 -5.99 -5.62 5.77
C VAL A 50 -7.10 -4.87 5.05
N LEU A 51 -7.73 -3.92 5.74
CA LEU A 51 -8.80 -3.14 5.15
C LEU A 51 -8.25 -2.19 4.09
N LEU A 52 -8.49 -2.53 2.83
CA LEU A 52 -8.01 -1.72 1.71
C LEU A 52 -9.11 -0.80 1.18
N SER A 53 -8.80 0.49 1.13
CA SER A 53 -9.75 1.49 0.63
C SER A 53 -9.15 2.30 -0.52
N TYR A 54 -9.91 2.44 -1.60
CA TYR A 54 -9.45 3.18 -2.77
C TYR A 54 -9.92 4.63 -2.72
N TYR A 55 -9.18 5.52 -3.39
CA TYR A 55 -9.52 6.94 -3.43
C TYR A 55 -9.22 7.53 -4.80
N GLU A 56 -10.00 8.52 -5.21
CA GLU A 56 -9.82 9.17 -6.49
C GLU A 56 -9.09 10.51 -6.34
N SER A 57 -7.90 10.60 -6.93
CA SER A 57 -7.11 11.82 -6.86
C SER A 57 -7.14 12.56 -8.19
N GLN A 58 -7.73 13.75 -8.18
CA GLN A 58 -7.83 14.57 -9.38
C GLN A 58 -7.34 15.99 -9.12
N HIS A 59 -6.72 16.59 -10.14
CA HIS A 59 -6.20 17.94 -10.02
C HIS A 59 -7.18 18.96 -10.61
N PRO A 60 -7.22 20.18 -10.03
CA PRO A 60 -8.12 21.24 -10.50
C PRO A 60 -7.69 21.82 -11.83
N SER A 61 -6.53 21.38 -12.32
CA SER A 61 -6.00 21.86 -13.60
C SER A 61 -6.66 21.13 -14.76
N ASN A 62 -7.05 21.89 -15.79
CA ASN A 62 -7.70 21.31 -16.95
C ASN A 62 -6.66 20.99 -18.04
N GLU A 63 -5.48 20.56 -17.61
CA GLU A 63 -4.40 20.22 -18.54
C GLU A 63 -4.45 18.74 -18.88
N SER A 64 -5.06 18.42 -20.02
CA SER A 64 -5.19 17.04 -20.47
C SER A 64 -3.85 16.49 -20.94
N GLY A 65 -3.38 16.99 -22.09
CA GLY A 65 -2.12 16.55 -22.64
C GLY A 65 -2.17 15.09 -23.06
N ASP A 66 -2.99 14.79 -24.07
CA ASP A 66 -3.12 13.43 -24.58
C ASP A 66 -3.53 12.48 -23.45
N GLY A 67 -4.77 12.61 -22.98
CA GLY A 67 -5.25 11.76 -21.92
C GLY A 67 -6.64 11.20 -22.20
N VAL A 68 -6.77 9.89 -22.11
CA VAL A 68 -8.05 9.22 -22.36
C VAL A 68 -8.72 8.83 -21.05
N ASP A 69 -8.75 9.77 -20.10
CA ASP A 69 -9.38 9.54 -18.80
C ASP A 69 -8.69 8.41 -18.06
N GLY A 70 -7.74 8.76 -17.19
CA GLY A 70 -7.01 7.77 -16.43
C GLY A 70 -6.43 8.35 -15.15
N LYS A 71 -7.30 8.68 -14.21
CA LYS A 71 -6.86 9.24 -12.94
C LYS A 71 -6.17 8.19 -12.07
N MET A 72 -5.19 8.61 -11.29
CA MET A 72 -4.47 7.70 -10.42
C MET A 72 -5.26 7.42 -9.15
N LEU A 73 -5.59 6.14 -8.94
CA LEU A 73 -6.36 5.75 -7.77
C LEU A 73 -5.46 5.41 -6.59
N MET A 74 -5.62 6.11 -5.49
CA MET A 74 -4.82 5.87 -4.30
C MET A 74 -5.42 4.74 -3.48
N VAL A 75 -4.66 4.23 -2.51
CA VAL A 75 -5.13 3.15 -1.66
C VAL A 75 -4.59 3.27 -0.25
N THR A 76 -5.43 2.92 0.73
CA THR A 76 -5.05 2.94 2.12
C THR A 76 -5.15 1.55 2.71
N LEU A 77 -4.11 1.13 3.43
CA LEU A 77 -4.07 -0.19 4.02
C LEU A 77 -4.18 -0.12 5.54
N SER A 78 -5.25 -0.69 6.08
CA SER A 78 -5.47 -0.68 7.52
C SER A 78 -5.65 -2.09 8.07
N PRO A 79 -4.54 -2.77 8.44
CA PRO A 79 -4.61 -4.13 8.99
C PRO A 79 -5.26 -4.17 10.36
N THR A 80 -5.35 -3.00 10.98
CA THR A 80 -5.94 -2.87 12.31
C THR A 80 -7.19 -1.98 12.25
N LYS A 81 -7.53 -1.37 13.38
CA LYS A 81 -8.70 -0.50 13.44
C LYS A 81 -8.36 0.95 13.07
N ASP A 82 -7.71 1.66 13.99
CA ASP A 82 -7.35 3.05 13.77
C ASP A 82 -5.95 3.19 13.15
N PHE A 83 -5.04 2.31 13.52
CA PHE A 83 -3.67 2.37 12.99
C PHE A 83 -3.64 2.22 11.48
N TRP A 84 -2.97 3.15 10.80
CA TRP A 84 -2.85 3.12 9.35
C TRP A 84 -1.39 2.97 8.93
N LEU A 85 -1.17 2.60 7.67
CA LEU A 85 0.18 2.42 7.16
C LEU A 85 0.80 3.77 6.76
N HIS A 86 1.96 4.05 7.33
CA HIS A 86 2.67 5.30 7.04
C HIS A 86 4.10 5.00 6.60
N ALA A 87 4.47 5.55 5.45
CA ALA A 87 5.81 5.36 4.90
C ALA A 87 6.80 6.36 5.47
N ASN A 88 7.73 5.87 6.28
CA ASN A 88 8.74 6.73 6.89
C ASN A 88 10.05 6.60 6.12
N ASN A 89 10.25 7.50 5.16
CA ASN A 89 11.46 7.50 4.33
C ASN A 89 12.70 7.66 5.20
N LYS A 90 12.52 8.20 6.39
CA LYS A 90 13.64 8.40 7.32
C LYS A 90 14.34 7.08 7.62
N GLU A 91 13.57 6.00 7.60
CA GLU A 91 14.10 4.67 7.86
C GLU A 91 13.80 3.72 6.71
N HIS A 92 13.15 4.26 5.67
CA HIS A 92 12.80 3.48 4.49
C HIS A 92 11.94 2.28 4.86
N SER A 93 11.05 2.46 5.83
CA SER A 93 10.17 1.37 6.28
C SER A 93 8.75 1.88 6.54
N VAL A 94 7.80 0.95 6.55
CA VAL A 94 6.40 1.29 6.80
C VAL A 94 5.99 0.90 8.21
N GLU A 95 5.36 1.83 8.92
CA GLU A 95 4.93 1.57 10.29
C GLU A 95 3.47 1.97 10.49
N LEU A 96 2.82 1.37 11.47
CA LEU A 96 1.43 1.66 11.77
C LEU A 96 1.32 2.80 12.78
N HIS A 97 0.70 3.90 12.35
CA HIS A 97 0.54 5.07 13.22
C HIS A 97 -0.93 5.46 13.35
N LYS A 98 -1.30 5.94 14.54
CA LYS A 98 -2.66 6.35 14.81
C LYS A 98 -2.76 7.86 15.02
N CYS A 99 -3.46 8.53 14.13
CA CYS A 99 -3.62 9.98 14.21
C CYS A 99 -5.07 10.40 13.96
N GLU A 100 -5.32 11.70 13.98
CA GLU A 100 -6.66 12.22 13.75
C GLU A 100 -7.19 11.85 12.38
N LYS A 101 -8.44 12.20 12.10
CA LYS A 101 -9.07 11.90 10.81
C LYS A 101 -8.22 12.39 9.64
N PRO A 102 -7.79 13.67 9.64
CA PRO A 102 -6.98 14.23 8.55
C PRO A 102 -5.80 13.33 8.17
N LEU A 103 -6.00 12.50 7.14
CA LEU A 103 -4.96 11.59 6.68
C LEU A 103 -3.96 12.34 5.78
N PRO A 104 -2.67 12.38 6.18
CA PRO A 104 -1.63 13.06 5.40
C PRO A 104 -1.28 12.31 4.12
N ASP A 105 -0.42 12.90 3.30
CA ASP A 105 -0.02 12.27 2.04
C ASP A 105 0.54 10.87 2.27
N GLN A 106 1.35 10.73 3.31
CA GLN A 106 1.95 9.43 3.64
C GLN A 106 0.89 8.38 3.89
N ALA A 107 -0.31 8.82 4.26
CA ALA A 107 -1.42 7.91 4.53
C ALA A 107 -2.14 7.52 3.24
N PHE A 108 -1.48 7.74 2.11
CA PHE A 108 -2.07 7.41 0.82
C PHE A 108 -1.02 6.85 -0.13
N PHE A 109 -1.27 5.65 -0.65
CA PHE A 109 -0.33 5.01 -1.57
C PHE A 109 -0.94 4.88 -2.96
N VAL A 110 -0.24 5.43 -3.96
CA VAL A 110 -0.73 5.35 -5.33
C VAL A 110 -0.54 3.94 -5.88
N LEU A 111 -1.65 3.27 -6.15
CA LEU A 111 -1.61 1.91 -6.68
C LEU A 111 -1.18 1.89 -8.14
N HIS A 112 -0.33 0.93 -8.48
CA HIS A 112 0.16 0.79 -9.85
C HIS A 112 0.03 -0.66 -10.31
N ASN A 113 -0.45 -0.84 -11.53
CA ASN A 113 -0.63 -2.18 -12.10
C ASN A 113 0.67 -2.66 -12.74
N MET A 114 1.16 -3.80 -12.27
CA MET A 114 2.40 -4.39 -12.80
C MET A 114 2.10 -5.60 -13.66
N HIS A 115 1.61 -6.66 -13.04
CA HIS A 115 1.28 -7.89 -13.75
C HIS A 115 -0.23 -8.14 -13.77
N SER A 116 -0.62 -9.38 -14.03
CA SER A 116 -2.03 -9.75 -14.09
C SER A 116 -2.74 -9.41 -12.78
N ASN A 117 -2.23 -9.93 -11.68
CA ASN A 117 -2.83 -9.69 -10.37
C ASN A 117 -1.86 -8.97 -9.43
N CYS A 118 -0.59 -8.99 -9.79
CA CYS A 118 0.44 -8.33 -8.97
C CYS A 118 0.29 -6.82 -9.04
N VAL A 119 0.41 -6.16 -7.88
CA VAL A 119 0.30 -4.71 -7.82
C VAL A 119 1.41 -4.09 -6.99
N SER A 120 1.61 -2.79 -7.15
CA SER A 120 2.64 -2.07 -6.40
C SER A 120 2.06 -0.84 -5.71
N PHE A 121 2.52 -0.58 -4.49
CA PHE A 121 2.05 0.57 -3.72
C PHE A 121 3.09 1.69 -3.72
N GLU A 122 2.93 2.65 -4.63
CA GLU A 122 3.85 3.77 -4.73
C GLU A 122 3.57 4.83 -3.66
N CYS A 123 4.64 5.42 -3.13
CA CYS A 123 4.50 6.45 -2.11
C CYS A 123 4.08 7.78 -2.72
N LYS A 124 3.05 8.40 -2.14
CA LYS A 124 2.53 9.67 -2.64
C LYS A 124 3.53 10.80 -2.35
N THR A 125 4.33 10.63 -1.31
CA THR A 125 5.32 11.64 -0.94
C THR A 125 6.60 11.46 -1.75
N ASP A 126 6.90 10.21 -2.09
CA ASP A 126 8.10 9.90 -2.86
C ASP A 126 7.75 9.08 -4.11
N PRO A 127 7.65 9.72 -5.28
CA PRO A 127 7.32 9.04 -6.52
C PRO A 127 8.45 8.13 -7.01
N GLY A 128 8.11 6.90 -7.37
CA GLY A 128 9.11 5.97 -7.86
C GLY A 128 9.37 4.81 -6.90
N VAL A 129 9.09 5.02 -5.61
CA VAL A 129 9.30 3.97 -4.61
C VAL A 129 8.00 3.25 -4.29
N PHE A 130 8.06 1.92 -4.23
CA PHE A 130 6.89 1.11 -3.93
C PHE A 130 7.15 0.23 -2.70
N ILE A 131 6.07 -0.13 -2.01
CA ILE A 131 6.17 -0.98 -0.82
C ILE A 131 6.57 -2.39 -1.24
N GLY A 132 7.35 -3.06 -0.40
CA GLY A 132 7.76 -4.41 -0.73
C GLY A 132 8.58 -5.06 0.38
N VAL A 133 8.59 -6.39 0.38
CA VAL A 133 9.32 -7.15 1.37
C VAL A 133 10.82 -7.07 1.10
N LYS A 134 11.55 -6.43 2.01
CA LYS A 134 12.99 -6.29 1.87
C LYS A 134 13.70 -7.60 2.20
N ASP A 135 14.08 -7.77 3.47
CA ASP A 135 14.75 -8.98 3.91
C ASP A 135 13.74 -10.04 4.34
N ASN A 136 12.78 -9.61 5.15
CA ASN A 136 11.74 -10.52 5.66
C ASN A 136 10.56 -9.73 6.20
N HIS A 137 10.56 -8.42 5.94
CA HIS A 137 9.49 -7.54 6.41
C HIS A 137 9.16 -6.48 5.37
N LEU A 138 8.13 -5.69 5.65
CA LEU A 138 7.70 -4.63 4.75
C LEU A 138 8.63 -3.43 4.82
N ALA A 139 9.03 -2.93 3.66
CA ALA A 139 9.92 -1.77 3.58
C ALA A 139 9.70 -1.02 2.28
N LEU A 140 10.17 0.23 2.24
CA LEU A 140 10.03 1.06 1.05
C LEU A 140 11.12 0.73 0.03
N ILE A 141 10.75 -0.01 -1.00
CA ILE A 141 11.71 -0.41 -2.03
C ILE A 141 11.53 0.44 -3.29
N LYS A 142 12.50 1.31 -3.55
CA LYS A 142 12.46 2.19 -4.71
C LYS A 142 13.27 1.61 -5.87
N VAL A 143 12.56 1.08 -6.87
CA VAL A 143 13.20 0.49 -8.03
C VAL A 143 13.17 1.46 -9.21
N ASP A 144 14.01 1.20 -10.20
CA ASP A 144 14.08 2.04 -11.39
C ASP A 144 13.86 1.23 -12.67
N SER A 145 13.88 1.92 -13.80
CA SER A 145 13.67 1.28 -15.10
C SER A 145 14.63 0.12 -15.29
N SER A 146 14.21 -0.88 -16.09
CA SER A 146 15.02 -2.06 -16.38
C SER A 146 15.18 -2.94 -15.15
N GLU A 147 14.86 -2.40 -13.97
CA GLU A 147 14.96 -3.15 -12.72
C GLU A 147 13.58 -3.39 -12.13
N ASN A 148 12.60 -2.61 -12.58
CA ASN A 148 11.24 -2.73 -12.09
C ASN A 148 10.44 -3.72 -12.94
N LEU A 149 11.12 -4.75 -13.44
CA LEU A 149 10.48 -5.77 -14.26
C LEU A 149 10.66 -7.16 -13.67
N CYS A 150 11.75 -7.34 -12.92
CA CYS A 150 12.04 -8.63 -12.30
C CYS A 150 12.27 -8.47 -10.80
N THR A 151 11.24 -8.01 -10.10
CA THR A 151 11.32 -7.82 -8.64
C THR A 151 10.00 -8.17 -7.97
N GLU A 152 9.85 -9.45 -7.61
CA GLU A 152 8.63 -9.91 -6.96
C GLU A 152 8.46 -9.26 -5.59
N ASN A 153 9.54 -8.71 -5.06
CA ASN A 153 9.53 -8.06 -3.76
C ASN A 153 8.48 -6.94 -3.71
N ILE A 154 8.47 -6.09 -4.73
CA ILE A 154 7.51 -4.98 -4.78
C ILE A 154 6.13 -5.44 -5.23
N LEU A 155 6.08 -6.62 -5.86
CA LEU A 155 4.82 -7.18 -6.34
C LEU A 155 4.01 -7.75 -5.19
N PHE A 156 2.74 -7.36 -5.12
CA PHE A 156 1.86 -7.84 -4.05
C PHE A 156 0.58 -8.46 -4.63
N LYS A 157 -0.05 -9.31 -3.81
CA LYS A 157 -1.29 -9.97 -4.21
C LYS A 157 -2.36 -9.77 -3.15
N LEU A 158 -3.61 -9.70 -3.57
CA LEU A 158 -4.72 -9.50 -2.65
C LEU A 158 -5.69 -10.68 -2.68
N SER A 159 -6.00 -11.20 -1.49
CA SER A 159 -6.92 -12.33 -1.38
C SER A 159 -8.34 -11.86 -1.09
N GLU A 160 -9.32 -12.60 -1.59
CA GLU A 160 -10.72 -12.24 -1.39
C GLU A 160 -11.39 -13.23 -0.45
N THR A 161 -11.32 -12.96 0.85
CA THR A 161 -11.92 -13.82 1.85
C THR A 161 -12.67 -13.00 2.89
N GLY A 1 -14.71 14.98 4.87
CA GLY A 1 -14.36 14.34 3.55
C GLY A 1 -13.32 15.13 2.79
N SER A 2 -12.33 15.65 3.51
CA SER A 2 -11.26 16.44 2.90
C SER A 2 -10.01 16.41 3.76
N SER A 3 -9.22 15.34 3.63
CA SER A 3 -7.99 15.20 4.40
C SER A 3 -6.84 15.95 3.72
N ILE A 4 -6.88 16.00 2.40
CA ILE A 4 -5.85 16.69 1.63
C ILE A 4 -6.48 17.75 0.73
N THR A 5 -7.17 17.31 -0.32
CA THR A 5 -7.83 18.22 -1.25
C THR A 5 -9.14 17.65 -1.75
N GLY A 6 -10.19 17.79 -0.93
CA GLY A 6 -11.51 17.30 -1.30
C GLY A 6 -11.50 15.85 -1.75
N ILE A 7 -10.82 14.99 -0.99
CA ILE A 7 -10.75 13.58 -1.32
C ILE A 7 -11.57 12.73 -0.36
N SER A 8 -12.24 11.71 -0.89
CA SER A 8 -13.07 10.83 -0.08
C SER A 8 -12.94 9.38 -0.53
N PRO A 9 -13.16 8.41 0.38
CA PRO A 9 -13.06 6.98 0.06
C PRO A 9 -14.19 6.52 -0.87
N ILE A 10 -13.83 5.65 -1.81
CA ILE A 10 -14.80 5.12 -2.76
C ILE A 10 -15.40 3.81 -2.27
N THR A 11 -14.56 2.96 -1.69
CA THR A 11 -15.00 1.68 -1.16
C THR A 11 -13.90 1.01 -0.33
N GLU A 12 -14.31 0.41 0.78
CA GLU A 12 -13.37 -0.27 1.67
C GLU A 12 -13.43 -1.78 1.45
N TYR A 13 -12.38 -2.33 0.86
CA TYR A 13 -12.32 -3.76 0.59
C TYR A 13 -11.48 -4.50 1.63
N LEU A 14 -11.67 -5.81 1.70
CA LEU A 14 -10.95 -6.66 2.64
C LEU A 14 -10.08 -7.67 1.90
N ALA A 15 -8.78 -7.61 2.14
CA ALA A 15 -7.83 -8.51 1.50
C ALA A 15 -6.49 -8.51 2.22
N SER A 16 -5.77 -9.63 2.12
CA SER A 16 -4.47 -9.75 2.78
C SER A 16 -3.34 -9.62 1.77
N LEU A 17 -2.29 -8.92 2.17
CA LEU A 17 -1.13 -8.72 1.31
C LEU A 17 -0.25 -9.98 1.29
N SER A 18 -0.04 -10.53 0.09
CA SER A 18 0.78 -11.72 -0.04
C SER A 18 1.85 -11.53 -1.11
N THR A 19 3.10 -11.82 -0.74
CA THR A 19 4.22 -11.68 -1.66
C THR A 19 4.06 -12.59 -2.87
N TYR A 20 4.86 -12.36 -3.91
CA TYR A 20 4.80 -13.16 -5.12
C TYR A 20 5.29 -14.58 -4.86
N ASN A 21 5.88 -14.79 -3.69
CA ASN A 21 6.40 -16.10 -3.31
C ASN A 21 5.33 -16.93 -2.61
N ASP A 22 4.06 -16.62 -2.91
CA ASP A 22 2.93 -17.34 -2.31
C ASP A 22 2.91 -17.18 -0.80
N GLN A 23 3.77 -16.30 -0.28
CA GLN A 23 3.84 -16.06 1.15
C GLN A 23 2.93 -14.89 1.55
N SER A 24 2.42 -14.94 2.77
CA SER A 24 1.53 -13.89 3.26
C SER A 24 2.25 -13.00 4.27
N ILE A 25 1.78 -11.78 4.41
CA ILE A 25 2.38 -10.82 5.33
C ILE A 25 1.67 -10.87 6.68
N THR A 26 2.43 -10.70 7.77
CA THR A 26 1.87 -10.73 9.11
C THR A 26 2.15 -9.42 9.85
N PHE A 27 1.15 -8.92 10.55
CA PHE A 27 1.29 -7.68 11.31
C PHE A 27 1.04 -7.92 12.79
N ALA A 28 2.10 -8.19 13.54
CA ALA A 28 1.99 -8.45 14.97
C ALA A 28 2.18 -7.16 15.76
N LEU A 29 1.08 -6.49 16.08
CA LEU A 29 1.13 -5.24 16.84
C LEU A 29 0.89 -5.50 18.32
N GLU A 30 1.91 -5.24 19.13
CA GLU A 30 1.82 -5.44 20.57
C GLU A 30 1.17 -4.23 21.24
N ASP A 31 1.19 -4.21 22.57
CA ASP A 31 0.60 -3.12 23.34
C ASP A 31 1.04 -1.75 22.80
N GLU A 32 2.28 -1.67 22.32
CA GLU A 32 2.80 -0.41 21.79
C GLU A 32 3.94 -0.66 20.79
N SER A 33 4.17 -1.92 20.44
CA SER A 33 5.23 -2.26 19.51
C SER A 33 4.66 -2.62 18.14
N TYR A 34 5.51 -2.56 17.13
CA TYR A 34 5.10 -2.88 15.77
C TYR A 34 6.05 -3.91 15.15
N GLU A 35 5.50 -5.07 14.78
CA GLU A 35 6.30 -6.13 14.20
C GLU A 35 5.67 -6.61 12.89
N ILE A 36 6.50 -6.73 11.85
CA ILE A 36 6.05 -7.19 10.55
C ILE A 36 6.97 -8.28 10.00
N TYR A 37 6.39 -9.44 9.71
CA TYR A 37 7.16 -10.56 9.18
C TYR A 37 6.38 -11.30 8.09
N VAL A 38 7.12 -11.84 7.13
CA VAL A 38 6.50 -12.57 6.02
C VAL A 38 6.57 -14.07 6.26
N GLU A 39 5.42 -14.67 6.57
CA GLU A 39 5.36 -16.10 6.83
C GLU A 39 4.93 -16.86 5.57
N ASP A 40 5.34 -18.12 5.48
CA ASP A 40 5.00 -18.95 4.32
C ASP A 40 3.84 -19.88 4.63
N LEU A 41 2.87 -19.92 3.72
CA LEU A 41 1.69 -20.77 3.89
C LEU A 41 1.83 -22.06 3.09
N LYS A 42 1.25 -23.13 3.61
CA LYS A 42 1.31 -24.44 2.96
C LYS A 42 0.01 -25.22 3.19
N LYS A 43 -0.38 -25.35 4.46
CA LYS A 43 -1.59 -26.08 4.82
C LYS A 43 -2.78 -25.12 4.91
N ASP A 44 -3.90 -25.64 5.41
CA ASP A 44 -5.11 -24.84 5.57
C ASP A 44 -5.01 -23.92 6.77
N GLU A 45 -4.23 -22.85 6.64
CA GLU A 45 -4.04 -21.90 7.71
C GLU A 45 -4.22 -20.47 7.21
N LYS A 46 -5.40 -19.91 7.46
CA LYS A 46 -5.70 -18.55 7.02
C LYS A 46 -4.76 -17.55 7.69
N LYS A 47 -4.66 -16.35 7.12
CA LYS A 47 -3.80 -15.32 7.65
C LYS A 47 -4.58 -14.05 8.01
N ASP A 48 -3.84 -13.01 8.38
CA ASP A 48 -4.45 -11.74 8.75
C ASP A 48 -4.95 -10.97 7.53
N LYS A 49 -6.14 -10.39 7.65
CA LYS A 49 -6.73 -9.62 6.56
C LYS A 49 -6.50 -8.13 6.78
N VAL A 50 -6.28 -7.40 5.69
CA VAL A 50 -6.04 -5.96 5.78
C VAL A 50 -7.15 -5.18 5.10
N LEU A 51 -7.52 -4.04 5.69
CA LEU A 51 -8.56 -3.18 5.14
C LEU A 51 -7.98 -2.25 4.09
N LEU A 52 -8.23 -2.56 2.82
CA LEU A 52 -7.71 -1.73 1.72
C LEU A 52 -8.81 -0.84 1.15
N SER A 53 -8.73 0.46 1.47
CA SER A 53 -9.71 1.42 0.99
C SER A 53 -9.20 2.15 -0.24
N TYR A 54 -10.07 2.36 -1.22
CA TYR A 54 -9.70 3.05 -2.45
C TYR A 54 -10.05 4.54 -2.38
N TYR A 55 -9.29 5.35 -3.11
CA TYR A 55 -9.51 6.80 -3.14
C TYR A 55 -9.31 7.35 -4.54
N GLU A 56 -10.07 8.41 -4.87
CA GLU A 56 -9.96 9.05 -6.18
C GLU A 56 -9.35 10.44 -6.05
N SER A 57 -8.12 10.60 -6.50
CA SER A 57 -7.43 11.87 -6.44
C SER A 57 -7.53 12.61 -7.78
N GLN A 58 -8.47 13.55 -7.86
CA GLN A 58 -8.66 14.32 -9.08
C GLN A 58 -8.25 15.78 -8.86
N HIS A 59 -7.38 16.29 -9.72
CA HIS A 59 -6.92 17.66 -9.63
C HIS A 59 -8.01 18.64 -10.07
N PRO A 60 -8.39 19.59 -9.21
CA PRO A 60 -9.44 20.58 -9.52
C PRO A 60 -9.10 21.40 -10.76
N SER A 61 -7.84 21.33 -11.19
CA SER A 61 -7.38 22.06 -12.36
C SER A 61 -7.51 21.21 -13.62
N ASN A 62 -8.56 20.39 -13.66
CA ASN A 62 -8.79 19.51 -14.80
C ASN A 62 -9.68 20.19 -15.83
N GLU A 63 -9.07 20.78 -16.85
CA GLU A 63 -9.82 21.46 -17.90
C GLU A 63 -9.90 20.60 -19.16
N SER A 64 -8.76 20.09 -19.60
CA SER A 64 -8.71 19.24 -20.79
C SER A 64 -8.79 17.77 -20.42
N GLY A 65 -10.01 17.23 -20.42
CA GLY A 65 -10.20 15.83 -20.08
C GLY A 65 -10.52 14.98 -21.29
N ASP A 66 -11.80 14.67 -21.48
CA ASP A 66 -12.24 13.86 -22.61
C ASP A 66 -11.56 12.49 -22.61
N GLY A 67 -12.17 11.54 -21.91
CA GLY A 67 -11.61 10.21 -21.84
C GLY A 67 -12.36 9.31 -20.89
N VAL A 68 -11.64 8.42 -20.22
CA VAL A 68 -12.26 7.50 -19.27
C VAL A 68 -11.69 7.69 -17.86
N ASP A 69 -11.37 8.93 -17.53
CA ASP A 69 -10.82 9.26 -16.21
C ASP A 69 -9.51 8.53 -15.97
N GLY A 70 -8.40 9.16 -16.36
CA GLY A 70 -7.09 8.56 -16.16
C GLY A 70 -6.39 9.08 -14.92
N LYS A 71 -7.17 9.34 -13.87
CA LYS A 71 -6.63 9.84 -12.62
C LYS A 71 -6.06 8.71 -11.78
N MET A 72 -4.96 8.98 -11.09
CA MET A 72 -4.32 7.97 -10.24
C MET A 72 -5.18 7.68 -9.02
N LEU A 73 -5.40 6.40 -8.75
CA LEU A 73 -6.19 5.97 -7.62
C LEU A 73 -5.32 5.69 -6.39
N MET A 74 -5.68 6.28 -5.26
CA MET A 74 -4.93 6.09 -4.02
C MET A 74 -5.51 4.91 -3.23
N VAL A 75 -4.76 4.43 -2.25
CA VAL A 75 -5.19 3.31 -1.44
C VAL A 75 -4.59 3.35 -0.04
N THR A 76 -5.39 2.98 0.95
CA THR A 76 -4.95 2.94 2.34
C THR A 76 -5.06 1.53 2.88
N LEU A 77 -4.00 1.07 3.55
CA LEU A 77 -4.00 -0.28 4.11
C LEU A 77 -4.00 -0.25 5.63
N SER A 78 -5.03 -0.87 6.21
CA SER A 78 -5.16 -0.90 7.67
C SER A 78 -5.44 -2.32 8.16
N PRO A 79 -4.38 -3.08 8.54
CA PRO A 79 -4.54 -4.45 9.04
C PRO A 79 -5.18 -4.48 10.42
N THR A 80 -5.32 -3.31 11.02
CA THR A 80 -5.93 -3.20 12.34
C THR A 80 -7.11 -2.23 12.32
N LYS A 81 -7.42 -1.65 13.47
CA LYS A 81 -8.53 -0.71 13.58
C LYS A 81 -8.11 0.70 13.18
N ASP A 82 -7.41 1.39 14.07
CA ASP A 82 -6.98 2.77 13.80
C ASP A 82 -5.60 2.82 13.14
N PHE A 83 -4.65 2.04 13.65
CA PHE A 83 -3.29 2.03 13.10
C PHE A 83 -3.29 1.90 11.58
N TRP A 84 -2.76 2.92 10.91
CA TRP A 84 -2.69 2.94 9.45
C TRP A 84 -1.24 2.78 8.98
N LEU A 85 -1.08 2.47 7.70
CA LEU A 85 0.26 2.30 7.12
C LEU A 85 0.85 3.64 6.72
N HIS A 86 2.11 3.86 7.09
CA HIS A 86 2.78 5.11 6.76
C HIS A 86 4.21 4.85 6.27
N ALA A 87 4.64 5.64 5.29
CA ALA A 87 5.97 5.49 4.72
C ALA A 87 6.99 6.31 5.49
N ASN A 88 7.98 5.63 6.07
CA ASN A 88 9.03 6.30 6.84
C ASN A 88 10.28 6.50 5.98
N ASN A 89 10.50 7.75 5.57
CA ASN A 89 11.66 8.07 4.74
C ASN A 89 12.94 8.10 5.58
N LYS A 90 12.78 7.98 6.89
CA LYS A 90 13.92 7.99 7.81
C LYS A 90 14.78 6.75 7.61
N GLU A 91 14.16 5.58 7.69
CA GLU A 91 14.87 4.31 7.52
C GLU A 91 14.42 3.59 6.25
N HIS A 92 13.66 4.30 5.42
CA HIS A 92 13.16 3.73 4.17
C HIS A 92 12.36 2.45 4.42
N SER A 93 11.45 2.53 5.39
CA SER A 93 10.62 1.37 5.73
C SER A 93 9.19 1.81 6.05
N VAL A 94 8.24 0.88 5.91
CA VAL A 94 6.84 1.16 6.18
C VAL A 94 6.47 0.77 7.61
N GLU A 95 5.95 1.74 8.36
CA GLU A 95 5.55 1.51 9.75
C GLU A 95 4.12 1.95 9.98
N LEU A 96 3.47 1.35 10.97
CA LEU A 96 2.08 1.67 11.30
C LEU A 96 2.02 2.75 12.38
N HIS A 97 1.20 3.77 12.13
CA HIS A 97 1.04 4.86 13.09
C HIS A 97 -0.44 5.21 13.27
N LYS A 98 -0.78 5.69 14.47
CA LYS A 98 -2.16 6.06 14.78
C LYS A 98 -2.28 7.57 14.97
N CYS A 99 -3.14 8.20 14.17
CA CYS A 99 -3.34 9.64 14.25
C CYS A 99 -4.79 10.01 13.98
N GLU A 100 -5.09 11.31 14.00
CA GLU A 100 -6.46 11.79 13.76
C GLU A 100 -6.95 11.39 12.37
N LYS A 101 -8.21 11.69 12.09
CA LYS A 101 -8.82 11.37 10.81
C LYS A 101 -7.98 11.88 9.62
N PRO A 102 -7.59 13.17 9.62
CA PRO A 102 -6.79 13.75 8.53
C PRO A 102 -5.55 12.92 8.23
N LEU A 103 -5.67 12.02 7.26
CA LEU A 103 -4.56 11.15 6.87
C LEU A 103 -3.55 11.93 6.03
N PRO A 104 -2.24 11.81 6.34
CA PRO A 104 -1.19 12.49 5.59
C PRO A 104 -0.88 11.82 4.26
N ASP A 105 0.00 12.44 3.48
CA ASP A 105 0.38 11.89 2.17
C ASP A 105 1.07 10.53 2.33
N GLN A 106 1.62 10.29 3.51
CA GLN A 106 2.31 9.04 3.80
C GLN A 106 1.31 7.90 4.02
N ALA A 107 0.04 8.26 4.19
CA ALA A 107 -1.00 7.27 4.40
C ALA A 107 -1.64 6.83 3.09
N PHE A 108 -1.65 7.73 2.11
CA PHE A 108 -2.24 7.45 0.81
C PHE A 108 -1.18 6.96 -0.17
N PHE A 109 -1.37 5.73 -0.68
CA PHE A 109 -0.44 5.16 -1.64
C PHE A 109 -1.09 4.98 -3.00
N VAL A 110 -0.39 5.34 -4.07
CA VAL A 110 -0.92 5.23 -5.41
C VAL A 110 -0.77 3.80 -5.94
N LEU A 111 -1.90 3.12 -6.11
CA LEU A 111 -1.90 1.75 -6.60
C LEU A 111 -1.60 1.69 -8.09
N HIS A 112 -0.59 0.91 -8.46
CA HIS A 112 -0.19 0.76 -9.86
C HIS A 112 -0.21 -0.71 -10.27
N ASN A 113 -0.67 -0.96 -11.49
CA ASN A 113 -0.73 -2.33 -12.01
C ASN A 113 0.61 -2.75 -12.59
N MET A 114 1.18 -3.81 -12.02
CA MET A 114 2.46 -4.33 -12.48
C MET A 114 2.29 -5.61 -13.28
N HIS A 115 1.81 -6.66 -12.62
CA HIS A 115 1.61 -7.95 -13.27
C HIS A 115 0.12 -8.19 -13.53
N SER A 116 -0.21 -9.40 -13.97
CA SER A 116 -1.59 -9.76 -14.25
C SER A 116 -2.50 -9.54 -13.04
N ASN A 117 -2.12 -10.15 -11.92
CA ASN A 117 -2.90 -10.02 -10.68
C ASN A 117 -2.13 -9.24 -9.62
N CYS A 118 -0.81 -9.24 -9.73
CA CYS A 118 0.03 -8.53 -8.78
C CYS A 118 -0.22 -7.03 -8.83
N VAL A 119 -0.01 -6.36 -7.69
CA VAL A 119 -0.21 -4.93 -7.59
C VAL A 119 0.89 -4.26 -6.77
N SER A 120 1.17 -3.00 -7.08
CA SER A 120 2.21 -2.26 -6.37
C SER A 120 1.63 -1.03 -5.68
N PHE A 121 2.27 -0.61 -4.59
CA PHE A 121 1.83 0.56 -3.84
C PHE A 121 2.90 1.64 -3.84
N GLU A 122 2.76 2.63 -4.72
CA GLU A 122 3.72 3.72 -4.81
C GLU A 122 3.44 4.78 -3.75
N CYS A 123 4.50 5.46 -3.31
CA CYS A 123 4.37 6.50 -2.30
C CYS A 123 3.92 7.81 -2.94
N LYS A 124 2.82 8.36 -2.42
CA LYS A 124 2.27 9.61 -2.93
C LYS A 124 3.22 10.77 -2.68
N THR A 125 3.98 10.71 -1.60
CA THR A 125 4.92 11.75 -1.25
C THR A 125 6.31 11.49 -1.84
N ASP A 126 6.63 10.21 -2.03
CA ASP A 126 7.91 9.82 -2.58
C ASP A 126 7.74 9.15 -3.94
N PRO A 127 7.75 9.94 -5.03
CA PRO A 127 7.59 9.40 -6.39
C PRO A 127 8.76 8.52 -6.80
N GLY A 128 8.46 7.28 -7.17
CA GLY A 128 9.50 6.35 -7.58
C GLY A 128 9.72 5.25 -6.56
N VAL A 129 9.16 5.42 -5.37
CA VAL A 129 9.29 4.43 -4.31
C VAL A 129 8.03 3.58 -4.20
N PHE A 130 8.22 2.28 -4.00
CA PHE A 130 7.10 1.35 -3.87
C PHE A 130 7.27 0.44 -2.67
N ILE A 131 6.16 0.06 -2.04
CA ILE A 131 6.20 -0.82 -0.88
C ILE A 131 6.62 -2.22 -1.31
N GLY A 132 7.46 -2.86 -0.50
CA GLY A 132 7.91 -4.20 -0.83
C GLY A 132 8.70 -4.85 0.29
N VAL A 133 8.68 -6.17 0.33
CA VAL A 133 9.39 -6.92 1.35
C VAL A 133 10.91 -6.85 1.14
N LYS A 134 11.59 -6.21 2.09
CA LYS A 134 13.04 -6.06 2.03
C LYS A 134 13.72 -7.40 2.29
N ASP A 135 14.05 -7.66 3.57
CA ASP A 135 14.69 -8.90 3.95
C ASP A 135 13.64 -9.96 4.29
N ASN A 136 12.65 -9.55 5.07
CA ASN A 136 11.56 -10.44 5.47
C ASN A 136 10.40 -9.63 6.04
N HIS A 137 10.46 -8.32 5.86
CA HIS A 137 9.43 -7.41 6.35
C HIS A 137 9.13 -6.35 5.31
N LEU A 138 8.04 -5.61 5.52
CA LEU A 138 7.65 -4.56 4.58
C LEU A 138 8.52 -3.32 4.74
N ALA A 139 9.10 -2.86 3.64
CA ALA A 139 9.95 -1.69 3.63
C ALA A 139 9.80 -0.91 2.33
N LEU A 140 10.38 0.28 2.28
CA LEU A 140 10.31 1.12 1.09
C LEU A 140 11.39 0.74 0.10
N ILE A 141 10.99 0.10 -1.00
CA ILE A 141 11.93 -0.33 -2.03
C ILE A 141 11.80 0.54 -3.28
N LYS A 142 12.91 1.12 -3.71
CA LYS A 142 12.92 1.98 -4.89
C LYS A 142 13.13 1.15 -6.16
N VAL A 143 12.28 1.39 -7.16
CA VAL A 143 12.36 0.68 -8.42
C VAL A 143 12.07 1.61 -9.59
N ASP A 144 13.02 1.69 -10.52
CA ASP A 144 12.87 2.55 -11.71
C ASP A 144 12.03 1.84 -12.76
N SER A 145 11.23 2.63 -13.49
CA SER A 145 10.38 2.08 -14.54
C SER A 145 11.19 1.69 -15.77
N SER A 146 10.84 0.55 -16.35
CA SER A 146 11.51 0.04 -17.55
C SER A 146 12.97 -0.32 -17.26
N GLU A 147 13.39 -0.16 -16.00
CA GLU A 147 14.76 -0.46 -15.61
C GLU A 147 14.81 -1.67 -14.68
N ASN A 148 13.87 -1.74 -13.75
CA ASN A 148 13.82 -2.84 -12.80
C ASN A 148 12.38 -3.34 -12.61
N LEU A 149 11.64 -3.42 -13.71
CA LEU A 149 10.25 -3.87 -13.66
C LEU A 149 10.17 -5.30 -13.12
N CYS A 150 11.27 -6.03 -13.20
CA CYS A 150 11.33 -7.40 -12.72
C CYS A 150 11.72 -7.45 -11.25
N THR A 151 10.73 -7.31 -10.37
CA THR A 151 10.98 -7.33 -8.94
C THR A 151 9.77 -7.88 -8.19
N GLU A 152 9.88 -9.13 -7.74
CA GLU A 152 8.79 -9.78 -7.01
C GLU A 152 8.49 -9.06 -5.70
N ASN A 153 9.46 -8.31 -5.20
CA ASN A 153 9.31 -7.58 -3.95
C ASN A 153 8.20 -6.54 -4.05
N ILE A 154 8.18 -5.79 -5.15
CA ILE A 154 7.15 -4.76 -5.35
C ILE A 154 5.87 -5.35 -5.93
N LEU A 155 5.73 -6.67 -5.82
CA LEU A 155 4.54 -7.34 -6.33
C LEU A 155 3.73 -7.96 -5.19
N PHE A 156 2.52 -7.46 -4.99
CA PHE A 156 1.65 -7.96 -3.93
C PHE A 156 0.44 -8.69 -4.52
N LYS A 157 -0.09 -9.62 -3.73
CA LYS A 157 -1.25 -10.40 -4.15
C LYS A 157 -2.35 -10.32 -3.11
N LEU A 158 -3.60 -10.22 -3.58
CA LEU A 158 -4.74 -10.13 -2.69
C LEU A 158 -5.61 -11.38 -2.78
N SER A 159 -6.55 -11.52 -1.85
CA SER A 159 -7.44 -12.67 -1.83
C SER A 159 -8.76 -12.31 -1.16
N GLU A 160 -9.84 -12.30 -1.94
CA GLU A 160 -11.15 -11.98 -1.41
C GLU A 160 -11.66 -13.10 -0.51
N THR A 161 -11.30 -13.04 0.77
CA THR A 161 -11.72 -14.05 1.73
C THR A 161 -12.93 -13.57 2.52
N GLY A 1 -4.49 23.33 6.25
CA GLY A 1 -3.77 23.70 5.01
C GLY A 1 -4.64 23.59 3.77
N SER A 2 -5.56 22.62 3.79
CA SER A 2 -6.46 22.40 2.66
C SER A 2 -5.68 22.16 1.37
N SER A 3 -5.16 20.94 1.22
CA SER A 3 -4.39 20.59 0.04
C SER A 3 -4.77 19.19 -0.45
N ILE A 4 -5.27 18.37 0.47
CA ILE A 4 -5.67 17.01 0.15
C ILE A 4 -7.14 16.78 0.49
N THR A 5 -7.66 17.57 1.42
CA THR A 5 -9.05 17.46 1.85
C THR A 5 -9.99 17.73 0.67
N GLY A 6 -11.17 17.10 0.71
CA GLY A 6 -12.13 17.28 -0.35
C GLY A 6 -12.28 16.06 -1.23
N ILE A 7 -11.75 14.93 -0.76
CA ILE A 7 -11.83 13.68 -1.50
C ILE A 7 -12.86 12.74 -0.91
N SER A 8 -13.21 11.70 -1.66
CA SER A 8 -14.21 10.72 -1.20
C SER A 8 -13.73 9.30 -1.48
N PRO A 9 -14.12 8.34 -0.62
CA PRO A 9 -13.72 6.93 -0.77
C PRO A 9 -14.49 6.24 -1.90
N ILE A 10 -13.75 5.54 -2.76
CA ILE A 10 -14.35 4.83 -3.87
C ILE A 10 -14.93 3.48 -3.43
N THR A 11 -14.06 2.62 -2.91
CA THR A 11 -14.47 1.31 -2.45
C THR A 11 -13.68 0.89 -1.22
N GLU A 12 -14.30 0.05 -0.38
CA GLU A 12 -13.66 -0.43 0.83
C GLU A 12 -13.91 -1.92 1.02
N TYR A 13 -12.82 -2.68 1.16
CA TYR A 13 -12.93 -4.13 1.35
C TYR A 13 -11.65 -4.69 1.94
N LEU A 14 -11.77 -5.78 2.69
CA LEU A 14 -10.65 -6.43 3.31
C LEU A 14 -9.92 -7.34 2.33
N ALA A 15 -8.61 -7.46 2.50
CA ALA A 15 -7.79 -8.29 1.63
C ALA A 15 -6.45 -8.60 2.29
N SER A 16 -6.00 -9.85 2.11
CA SER A 16 -4.73 -10.28 2.70
C SER A 16 -3.59 -10.13 1.70
N LEU A 17 -2.53 -9.44 2.11
CA LEU A 17 -1.37 -9.23 1.25
C LEU A 17 -0.52 -10.49 1.18
N SER A 18 -0.11 -10.87 -0.02
CA SER A 18 0.72 -12.04 -0.21
C SER A 18 1.79 -11.80 -1.28
N THR A 19 3.04 -12.07 -0.94
CA THR A 19 4.15 -11.88 -1.87
C THR A 19 4.01 -12.81 -3.07
N TYR A 20 4.81 -12.55 -4.10
CA TYR A 20 4.78 -13.36 -5.31
C TYR A 20 5.44 -14.72 -5.08
N ASN A 21 5.93 -14.93 -3.86
CA ASN A 21 6.58 -16.19 -3.51
C ASN A 21 5.64 -17.09 -2.72
N ASP A 22 4.33 -16.90 -2.96
CA ASP A 22 3.30 -17.69 -2.28
C ASP A 22 3.35 -17.50 -0.77
N GLN A 23 3.93 -16.38 -0.33
CA GLN A 23 4.03 -16.09 1.10
C GLN A 23 2.99 -15.05 1.50
N SER A 24 2.54 -15.11 2.75
CA SER A 24 1.53 -14.18 3.25
C SER A 24 2.15 -13.21 4.26
N ILE A 25 1.58 -12.02 4.35
CA ILE A 25 2.08 -10.99 5.27
C ILE A 25 1.38 -11.10 6.62
N THR A 26 2.14 -10.86 7.69
CA THR A 26 1.59 -10.93 9.05
C THR A 26 1.88 -9.66 9.83
N PHE A 27 0.83 -9.03 10.34
CA PHE A 27 0.96 -7.80 11.12
C PHE A 27 0.75 -8.08 12.60
N ALA A 28 1.84 -8.19 13.35
CA ALA A 28 1.77 -8.46 14.78
C ALA A 28 2.10 -7.21 15.59
N LEU A 29 1.08 -6.62 16.20
CA LEU A 29 1.27 -5.43 17.01
C LEU A 29 1.18 -5.75 18.50
N GLU A 30 2.26 -5.48 19.22
CA GLU A 30 2.31 -5.76 20.65
C GLU A 30 1.73 -4.60 21.44
N ASP A 31 1.88 -4.65 22.76
CA ASP A 31 1.37 -3.61 23.65
C ASP A 31 1.77 -2.21 23.15
N GLU A 32 2.94 -2.12 22.50
CA GLU A 32 3.43 -0.85 21.99
C GLU A 32 4.46 -1.04 20.89
N SER A 33 4.66 -2.29 20.47
CA SER A 33 5.63 -2.60 19.43
C SER A 33 4.95 -2.83 18.09
N TYR A 34 5.73 -2.81 17.02
CA TYR A 34 5.20 -3.02 15.67
C TYR A 34 6.10 -3.98 14.89
N GLU A 35 5.78 -5.26 14.92
CA GLU A 35 6.55 -6.27 14.21
C GLU A 35 5.83 -6.74 12.96
N ILE A 36 6.51 -6.65 11.82
CA ILE A 36 5.94 -7.07 10.55
C ILE A 36 6.84 -8.11 9.87
N TYR A 37 6.28 -9.28 9.59
CA TYR A 37 7.05 -10.34 8.95
C TYR A 37 6.18 -11.13 7.96
N VAL A 38 6.83 -11.74 6.97
CA VAL A 38 6.13 -12.53 5.97
C VAL A 38 6.33 -14.02 6.20
N GLU A 39 5.22 -14.72 6.45
CA GLU A 39 5.27 -16.16 6.70
C GLU A 39 5.15 -16.94 5.39
N ASP A 40 5.80 -18.10 5.33
CA ASP A 40 5.76 -18.95 4.15
C ASP A 40 4.80 -20.11 4.34
N LEU A 41 3.70 -20.10 3.60
CA LEU A 41 2.70 -21.15 3.68
C LEU A 41 2.82 -22.12 2.52
N LYS A 42 2.66 -23.41 2.80
CA LYS A 42 2.73 -24.43 1.78
C LYS A 42 1.33 -24.83 1.30
N LYS A 43 0.36 -24.69 2.20
CA LYS A 43 -1.03 -25.01 1.89
C LYS A 43 -1.88 -23.76 1.87
N ASP A 44 -3.15 -23.91 1.52
CA ASP A 44 -4.08 -22.79 1.47
C ASP A 44 -4.62 -22.46 2.86
N GLU A 45 -3.78 -21.84 3.68
CA GLU A 45 -4.17 -21.47 5.04
C GLU A 45 -4.52 -19.99 5.11
N LYS A 46 -5.71 -19.70 5.64
CA LYS A 46 -6.17 -18.33 5.78
C LYS A 46 -5.22 -17.52 6.66
N LYS A 47 -5.15 -16.22 6.41
CA LYS A 47 -4.27 -15.34 7.18
C LYS A 47 -5.00 -14.05 7.57
N ASP A 48 -4.24 -13.10 8.11
CA ASP A 48 -4.79 -11.82 8.53
C ASP A 48 -5.28 -11.00 7.33
N LYS A 49 -6.39 -10.30 7.51
CA LYS A 49 -6.94 -9.46 6.45
C LYS A 49 -6.60 -8.00 6.67
N VAL A 50 -6.58 -7.22 5.60
CA VAL A 50 -6.27 -5.80 5.69
C VAL A 50 -7.35 -4.95 5.04
N LEU A 51 -7.89 -4.01 5.80
CA LEU A 51 -8.93 -3.13 5.29
C LEU A 51 -8.36 -2.15 4.28
N LEU A 52 -8.61 -2.41 2.99
CA LEU A 52 -8.10 -1.55 1.93
C LEU A 52 -9.19 -0.63 1.40
N SER A 53 -8.87 0.65 1.30
CA SER A 53 -9.82 1.64 0.81
C SER A 53 -9.19 2.48 -0.32
N TYR A 54 -9.89 2.55 -1.45
CA TYR A 54 -9.40 3.30 -2.60
C TYR A 54 -9.84 4.77 -2.51
N TYR A 55 -9.01 5.66 -3.05
CA TYR A 55 -9.32 7.09 -3.03
C TYR A 55 -9.05 7.72 -4.39
N GLU A 56 -9.97 8.56 -4.84
CA GLU A 56 -9.83 9.25 -6.13
C GLU A 56 -8.95 10.49 -6.00
N SER A 57 -8.01 10.62 -6.92
CA SER A 57 -7.10 11.78 -6.91
C SER A 57 -7.77 12.99 -7.55
N GLN A 58 -7.54 14.16 -6.97
CA GLN A 58 -8.12 15.40 -7.49
C GLN A 58 -7.32 16.61 -7.03
N HIS A 59 -6.57 17.20 -7.95
CA HIS A 59 -5.77 18.38 -7.63
C HIS A 59 -6.46 19.66 -8.10
N PRO A 60 -7.08 20.42 -7.17
CA PRO A 60 -7.77 21.66 -7.52
C PRO A 60 -6.81 22.83 -7.72
N SER A 61 -6.21 22.89 -8.91
CA SER A 61 -5.27 23.95 -9.23
C SER A 61 -5.43 24.40 -10.68
N ASN A 62 -5.49 23.43 -11.59
CA ASN A 62 -5.64 23.71 -13.01
C ASN A 62 -6.21 22.51 -13.75
N GLU A 63 -6.23 21.37 -13.08
CA GLU A 63 -6.75 20.14 -13.67
C GLU A 63 -8.27 20.09 -13.62
N SER A 64 -8.90 20.81 -14.54
CA SER A 64 -10.36 20.86 -14.60
C SER A 64 -10.89 19.83 -15.57
N GLY A 65 -10.00 19.29 -16.41
CA GLY A 65 -10.39 18.29 -17.39
C GLY A 65 -9.32 18.03 -18.42
N ASP A 66 -9.73 17.87 -19.67
CA ASP A 66 -8.79 17.63 -20.76
C ASP A 66 -7.94 16.39 -20.47
N GLY A 67 -8.46 15.22 -20.83
CA GLY A 67 -7.73 13.98 -20.60
C GLY A 67 -8.40 12.80 -21.26
N VAL A 68 -7.78 11.62 -21.11
CA VAL A 68 -8.31 10.40 -21.70
C VAL A 68 -8.82 9.46 -20.61
N ASP A 69 -9.22 10.04 -19.49
CA ASP A 69 -9.73 9.27 -18.35
C ASP A 69 -8.70 8.25 -17.88
N GLY A 70 -7.71 8.73 -17.12
CA GLY A 70 -6.67 7.86 -16.62
C GLY A 70 -6.09 8.34 -15.31
N LYS A 71 -6.95 8.88 -14.44
CA LYS A 71 -6.51 9.40 -13.15
C LYS A 71 -5.96 8.29 -12.27
N MET A 72 -4.89 8.59 -11.54
CA MET A 72 -4.27 7.61 -10.65
C MET A 72 -5.13 7.37 -9.41
N LEU A 73 -5.37 6.10 -9.11
CA LEU A 73 -6.17 5.74 -7.94
C LEU A 73 -5.29 5.40 -6.75
N MET A 74 -5.56 6.04 -5.62
CA MET A 74 -4.80 5.80 -4.40
C MET A 74 -5.42 4.67 -3.58
N VAL A 75 -4.68 4.20 -2.57
CA VAL A 75 -5.14 3.13 -1.72
C VAL A 75 -4.60 3.26 -0.30
N THR A 76 -5.42 2.88 0.67
CA THR A 76 -5.03 2.92 2.06
C THR A 76 -5.09 1.52 2.65
N LEU A 77 -4.04 1.13 3.36
CA LEU A 77 -3.96 -0.19 3.95
C LEU A 77 -4.11 -0.12 5.47
N SER A 78 -5.17 -0.73 5.98
CA SER A 78 -5.44 -0.74 7.42
C SER A 78 -5.60 -2.16 7.95
N PRO A 79 -4.49 -2.84 8.29
CA PRO A 79 -4.52 -4.21 8.82
C PRO A 79 -5.04 -4.25 10.26
N THR A 80 -5.18 -3.07 10.86
CA THR A 80 -5.67 -2.98 12.23
C THR A 80 -6.90 -2.06 12.30
N LYS A 81 -7.17 -1.53 13.49
CA LYS A 81 -8.32 -0.66 13.70
C LYS A 81 -8.00 0.79 13.30
N ASP A 82 -7.42 1.55 14.23
CA ASP A 82 -7.10 2.96 13.97
C ASP A 82 -5.70 3.15 13.40
N PHE A 83 -4.83 2.16 13.57
CA PHE A 83 -3.46 2.27 13.07
C PHE A 83 -3.40 2.10 11.56
N TRP A 84 -2.72 3.04 10.89
CA TRP A 84 -2.58 3.00 9.43
C TRP A 84 -1.11 2.91 9.03
N LEU A 85 -0.86 2.53 7.79
CA LEU A 85 0.50 2.42 7.27
C LEU A 85 1.07 3.79 6.91
N HIS A 86 2.24 4.09 7.45
CA HIS A 86 2.90 5.36 7.20
C HIS A 86 4.36 5.15 6.78
N ALA A 87 4.73 5.72 5.63
CA ALA A 87 6.09 5.59 5.12
C ALA A 87 7.02 6.62 5.76
N ASN A 88 8.19 6.15 6.20
CA ASN A 88 9.17 7.03 6.82
C ASN A 88 10.47 7.05 6.02
N ASN A 89 10.83 8.22 5.52
CA ASN A 89 12.05 8.38 4.73
C ASN A 89 13.29 8.35 5.61
N LYS A 90 13.09 8.42 6.93
CA LYS A 90 14.19 8.39 7.87
C LYS A 90 14.90 7.06 7.83
N GLU A 91 14.13 5.97 7.79
CA GLU A 91 14.68 4.63 7.76
C GLU A 91 14.20 3.87 6.52
N HIS A 92 13.47 4.58 5.66
CA HIS A 92 12.94 3.99 4.42
C HIS A 92 12.10 2.75 4.74
N SER A 93 11.38 2.79 5.84
CA SER A 93 10.53 1.67 6.24
C SER A 93 9.10 2.13 6.51
N VAL A 94 8.18 1.17 6.52
CA VAL A 94 6.77 1.47 6.76
C VAL A 94 6.36 1.05 8.18
N GLU A 95 5.81 1.98 8.95
CA GLU A 95 5.39 1.70 10.31
C GLU A 95 3.93 2.10 10.51
N LEU A 96 3.26 1.41 11.42
CA LEU A 96 1.85 1.70 11.72
C LEU A 96 1.75 2.78 12.79
N HIS A 97 0.92 3.79 12.53
CA HIS A 97 0.74 4.89 13.47
C HIS A 97 -0.73 5.28 13.58
N LYS A 98 -1.12 5.76 14.76
CA LYS A 98 -2.51 6.18 15.01
C LYS A 98 -2.61 7.70 15.04
N CYS A 99 -3.00 8.28 13.91
CA CYS A 99 -3.16 9.74 13.82
C CYS A 99 -4.63 10.12 13.73
N GLU A 100 -4.90 11.42 13.66
CA GLU A 100 -6.27 11.92 13.56
C GLU A 100 -6.95 11.42 12.30
N LYS A 101 -8.23 11.74 12.16
CA LYS A 101 -8.99 11.31 10.99
C LYS A 101 -8.33 11.78 9.69
N PRO A 102 -7.98 13.09 9.56
CA PRO A 102 -7.35 13.61 8.35
C PRO A 102 -6.06 12.87 8.01
N LEU A 103 -6.19 11.82 7.20
CA LEU A 103 -5.04 11.02 6.80
C LEU A 103 -4.02 11.87 6.03
N PRO A 104 -2.74 11.87 6.46
CA PRO A 104 -1.70 12.66 5.80
C PRO A 104 -1.33 12.09 4.44
N ASP A 105 -0.51 12.84 3.69
CA ASP A 105 -0.09 12.41 2.36
C ASP A 105 0.71 11.12 2.43
N GLN A 106 1.32 10.86 3.58
CA GLN A 106 2.11 9.65 3.78
C GLN A 106 1.21 8.45 4.06
N ALA A 107 -0.10 8.65 3.97
CA ALA A 107 -1.06 7.59 4.22
C ALA A 107 -1.65 7.05 2.91
N PHE A 108 -1.78 7.93 1.92
CA PHE A 108 -2.33 7.54 0.62
C PHE A 108 -1.23 7.00 -0.29
N PHE A 109 -1.40 5.76 -0.73
CA PHE A 109 -0.42 5.12 -1.62
C PHE A 109 -1.02 4.88 -3.00
N VAL A 110 -0.37 5.41 -4.02
CA VAL A 110 -0.85 5.25 -5.40
C VAL A 110 -0.67 3.82 -5.87
N LEU A 111 -1.78 3.16 -6.17
CA LEU A 111 -1.75 1.77 -6.63
C LEU A 111 -1.33 1.69 -8.11
N HIS A 112 -0.48 0.72 -8.42
CA HIS A 112 -0.01 0.52 -9.78
C HIS A 112 -0.15 -0.93 -10.20
N ASN A 113 -0.73 -1.16 -11.37
CA ASN A 113 -0.93 -2.52 -11.89
C ASN A 113 0.33 -3.01 -12.58
N MET A 114 0.73 -4.25 -12.24
CA MET A 114 1.93 -4.85 -12.83
C MET A 114 1.56 -6.09 -13.64
N HIS A 115 1.18 -7.16 -12.95
CA HIS A 115 0.81 -8.41 -13.62
C HIS A 115 -0.70 -8.62 -13.58
N SER A 116 -1.12 -9.87 -13.79
CA SER A 116 -2.53 -10.22 -13.80
C SER A 116 -3.20 -9.83 -12.48
N ASN A 117 -2.69 -10.35 -11.37
CA ASN A 117 -3.25 -10.05 -10.06
C ASN A 117 -2.23 -9.36 -9.16
N CYS A 118 -1.00 -9.22 -9.64
CA CYS A 118 0.05 -8.57 -8.87
C CYS A 118 -0.10 -7.05 -8.91
N VAL A 119 0.09 -6.41 -7.77
CA VAL A 119 -0.03 -4.96 -7.67
C VAL A 119 1.10 -4.36 -6.85
N SER A 120 1.31 -3.05 -7.02
CA SER A 120 2.36 -2.35 -6.29
C SER A 120 1.80 -1.11 -5.60
N PHE A 121 2.43 -0.73 -4.48
CA PHE A 121 1.99 0.44 -3.72
C PHE A 121 3.04 1.55 -3.76
N GLU A 122 2.82 2.52 -4.64
CA GLU A 122 3.74 3.65 -4.77
C GLU A 122 3.41 4.75 -3.76
N CYS A 123 4.45 5.38 -3.21
CA CYS A 123 4.27 6.45 -2.24
C CYS A 123 3.91 7.75 -2.93
N LYS A 124 2.96 8.49 -2.34
CA LYS A 124 2.51 9.76 -2.89
C LYS A 124 3.45 10.89 -2.47
N THR A 125 4.28 10.61 -1.46
CA THR A 125 5.22 11.60 -0.95
C THR A 125 6.62 11.36 -1.50
N ASP A 126 6.93 10.11 -1.79
CA ASP A 126 8.24 9.73 -2.32
C ASP A 126 8.11 9.12 -3.71
N PRO A 127 8.05 9.97 -4.76
CA PRO A 127 7.92 9.50 -6.15
C PRO A 127 9.03 8.52 -6.53
N GLY A 128 8.64 7.38 -7.09
CA GLY A 128 9.59 6.38 -7.51
C GLY A 128 9.87 5.36 -6.41
N VAL A 129 9.05 5.37 -5.38
CA VAL A 129 9.21 4.45 -4.26
C VAL A 129 7.99 3.53 -4.13
N PHE A 130 8.25 2.24 -3.97
CA PHE A 130 7.18 1.25 -3.83
C PHE A 130 7.38 0.38 -2.60
N ILE A 131 6.28 0.00 -1.96
CA ILE A 131 6.35 -0.85 -0.79
C ILE A 131 6.67 -2.28 -1.21
N GLY A 132 7.67 -2.88 -0.56
CA GLY A 132 8.05 -4.24 -0.91
C GLY A 132 8.78 -4.95 0.20
N VAL A 133 8.83 -6.28 0.11
CA VAL A 133 9.50 -7.10 1.11
C VAL A 133 11.01 -7.04 0.93
N LYS A 134 11.68 -6.33 1.84
CA LYS A 134 13.13 -6.18 1.78
C LYS A 134 13.82 -7.53 2.05
N ASP A 135 14.16 -7.78 3.32
CA ASP A 135 14.81 -9.02 3.70
C ASP A 135 13.77 -10.08 4.04
N ASN A 136 12.77 -9.67 4.83
CA ASN A 136 11.70 -10.57 5.24
C ASN A 136 10.52 -9.76 5.78
N HIS A 137 10.59 -8.45 5.62
CA HIS A 137 9.54 -7.55 6.08
C HIS A 137 9.27 -6.45 5.07
N LEU A 138 8.27 -5.62 5.35
CA LEU A 138 7.92 -4.52 4.45
C LEU A 138 8.91 -3.37 4.58
N ALA A 139 9.23 -2.76 3.45
CA ALA A 139 10.17 -1.64 3.42
C ALA A 139 10.03 -0.84 2.13
N LEU A 140 10.34 0.44 2.20
CA LEU A 140 10.25 1.32 1.04
C LEU A 140 11.36 0.97 0.04
N ILE A 141 11.03 0.15 -0.95
CA ILE A 141 12.00 -0.26 -1.95
C ILE A 141 11.95 0.65 -3.17
N LYS A 142 13.11 1.20 -3.54
CA LYS A 142 13.21 2.08 -4.69
C LYS A 142 13.44 1.27 -5.97
N VAL A 143 12.46 1.32 -6.87
CA VAL A 143 12.56 0.59 -8.12
C VAL A 143 12.28 1.49 -9.32
N ASP A 144 13.15 1.41 -10.33
CA ASP A 144 13.00 2.22 -11.53
C ASP A 144 13.59 1.50 -12.75
N SER A 145 13.45 2.13 -13.92
CA SER A 145 13.98 1.57 -15.16
C SER A 145 13.38 0.20 -15.44
N SER A 146 13.98 -0.54 -16.37
CA SER A 146 13.49 -1.87 -16.73
C SER A 146 13.50 -2.79 -15.53
N GLU A 147 14.24 -2.42 -14.50
CA GLU A 147 14.33 -3.22 -13.28
C GLU A 147 12.95 -3.38 -12.62
N ASN A 148 12.04 -2.48 -12.96
CA ASN A 148 10.70 -2.52 -12.39
C ASN A 148 9.82 -3.53 -13.13
N LEU A 149 10.46 -4.32 -13.99
CA LEU A 149 9.76 -5.34 -14.76
C LEU A 149 10.18 -6.74 -14.32
N CYS A 150 10.83 -6.82 -13.17
CA CYS A 150 11.29 -8.10 -12.63
C CYS A 150 11.54 -8.00 -11.13
N THR A 151 10.75 -7.18 -10.45
CA THR A 151 10.88 -6.99 -9.01
C THR A 151 9.73 -7.68 -8.27
N GLU A 152 9.95 -8.91 -7.87
CA GLU A 152 8.94 -9.68 -7.15
C GLU A 152 8.64 -9.08 -5.78
N ASN A 153 9.55 -8.23 -5.30
CA ASN A 153 9.39 -7.59 -4.00
C ASN A 153 8.22 -6.61 -3.99
N ILE A 154 8.10 -5.82 -5.05
CA ILE A 154 7.02 -4.83 -5.14
C ILE A 154 5.72 -5.47 -5.62
N LEU A 155 5.77 -6.75 -5.97
CA LEU A 155 4.59 -7.47 -6.44
C LEU A 155 3.83 -8.08 -5.26
N PHE A 156 2.58 -7.65 -5.09
CA PHE A 156 1.74 -8.14 -4.01
C PHE A 156 0.44 -8.74 -4.54
N LYS A 157 -0.14 -9.64 -3.75
CA LYS A 157 -1.39 -10.29 -4.12
C LYS A 157 -2.43 -10.12 -3.00
N LEU A 158 -3.65 -9.76 -3.39
CA LEU A 158 -4.72 -9.56 -2.42
C LEU A 158 -5.82 -10.59 -2.59
N SER A 159 -6.38 -11.04 -1.48
CA SER A 159 -7.45 -12.03 -1.50
C SER A 159 -8.80 -11.38 -1.20
N GLU A 160 -9.86 -11.95 -1.77
CA GLU A 160 -11.20 -11.41 -1.57
C GLU A 160 -12.00 -12.29 -0.60
N THR A 161 -11.86 -12.01 0.69
CA THR A 161 -12.57 -12.77 1.71
C THR A 161 -12.57 -12.03 3.05
N GLY A 1 -3.91 27.20 -6.94
CA GLY A 1 -5.33 26.94 -7.31
C GLY A 1 -5.59 25.49 -7.64
N SER A 2 -4.98 24.59 -6.88
CA SER A 2 -5.15 23.16 -7.08
C SER A 2 -6.14 22.58 -6.08
N SER A 3 -7.01 21.69 -6.55
CA SER A 3 -8.01 21.07 -5.69
C SER A 3 -7.61 19.63 -5.35
N ILE A 4 -7.29 19.39 -4.08
CA ILE A 4 -6.90 18.07 -3.62
C ILE A 4 -7.69 17.65 -2.38
N THR A 5 -8.09 18.64 -1.60
CA THR A 5 -8.85 18.38 -0.38
C THR A 5 -10.32 18.12 -0.68
N GLY A 6 -11.01 17.49 0.25
CA GLY A 6 -12.42 17.18 0.06
C GLY A 6 -12.63 15.86 -0.66
N ILE A 7 -11.78 14.88 -0.36
CA ILE A 7 -11.87 13.57 -1.00
C ILE A 7 -12.66 12.61 -0.12
N SER A 8 -13.25 11.60 -0.76
CA SER A 8 -14.04 10.60 -0.06
C SER A 8 -13.65 9.19 -0.50
N PRO A 9 -13.78 8.20 0.40
CA PRO A 9 -13.43 6.80 0.10
C PRO A 9 -14.30 6.23 -1.03
N ILE A 10 -13.63 5.70 -2.05
CA ILE A 10 -14.33 5.11 -3.19
C ILE A 10 -14.90 3.73 -2.84
N THR A 11 -14.01 2.86 -2.35
CA THR A 11 -14.42 1.51 -1.98
C THR A 11 -13.53 0.97 -0.86
N GLU A 12 -14.14 0.24 0.06
CA GLU A 12 -13.42 -0.33 1.20
C GLU A 12 -13.80 -1.79 1.41
N TYR A 13 -12.79 -2.64 1.59
CA TYR A 13 -13.03 -4.06 1.81
C TYR A 13 -11.79 -4.73 2.41
N LEU A 14 -11.98 -5.93 2.95
CA LEU A 14 -10.88 -6.68 3.56
C LEU A 14 -10.09 -7.44 2.51
N ALA A 15 -8.77 -7.47 2.69
CA ALA A 15 -7.89 -8.17 1.76
C ALA A 15 -6.53 -8.46 2.40
N SER A 16 -6.07 -9.69 2.28
CA SER A 16 -4.80 -10.09 2.85
C SER A 16 -3.68 -9.96 1.83
N LEU A 17 -2.61 -9.25 2.21
CA LEU A 17 -1.47 -9.05 1.33
C LEU A 17 -0.61 -10.30 1.26
N SER A 18 -0.17 -10.65 0.05
CA SER A 18 0.67 -11.81 -0.14
C SER A 18 1.72 -11.55 -1.21
N THR A 19 2.98 -11.80 -0.88
CA THR A 19 4.08 -11.60 -1.81
C THR A 19 3.95 -12.52 -3.01
N TYR A 20 4.62 -12.17 -4.10
CA TYR A 20 4.57 -12.96 -5.33
C TYR A 20 5.14 -14.35 -5.09
N ASN A 21 5.80 -14.53 -3.95
CA ASN A 21 6.40 -15.82 -3.60
C ASN A 21 5.38 -16.70 -2.89
N ASP A 22 4.11 -16.37 -3.05
CA ASP A 22 3.02 -17.13 -2.43
C ASP A 22 3.15 -17.15 -0.91
N GLN A 23 3.48 -15.99 -0.32
CA GLN A 23 3.64 -15.88 1.12
C GLN A 23 2.75 -14.77 1.67
N SER A 24 1.99 -15.07 2.72
CA SER A 24 1.10 -14.10 3.33
C SER A 24 1.84 -13.22 4.32
N ILE A 25 1.43 -11.95 4.42
CA ILE A 25 2.05 -11.01 5.33
C ILE A 25 1.45 -11.12 6.73
N THR A 26 2.31 -11.26 7.73
CA THR A 26 1.86 -11.37 9.11
C THR A 26 2.30 -10.17 9.94
N PHE A 27 1.33 -9.37 10.38
CA PHE A 27 1.62 -8.19 11.18
C PHE A 27 1.55 -8.50 12.67
N ALA A 28 2.69 -8.89 13.24
CA ALA A 28 2.76 -9.21 14.66
C ALA A 28 3.11 -7.96 15.46
N LEU A 29 2.08 -7.21 15.85
CA LEU A 29 2.28 -5.99 16.61
C LEU A 29 1.49 -6.02 17.93
N GLU A 30 2.15 -5.61 19.00
CA GLU A 30 1.51 -5.59 20.32
C GLU A 30 0.96 -4.20 20.63
N ASP A 31 0.51 -4.02 21.86
CA ASP A 31 -0.04 -2.74 22.29
C ASP A 31 0.95 -1.60 22.06
N GLU A 32 2.24 -1.92 22.12
CA GLU A 32 3.28 -0.92 21.92
C GLU A 32 4.32 -1.41 20.93
N SER A 33 4.46 -2.73 20.80
CA SER A 33 5.42 -3.31 19.89
C SER A 33 4.88 -3.37 18.46
N TYR A 34 5.78 -3.33 17.49
CA TYR A 34 5.40 -3.38 16.08
C TYR A 34 6.39 -4.21 15.28
N GLU A 35 6.04 -5.48 15.06
CA GLU A 35 6.91 -6.39 14.31
C GLU A 35 6.19 -6.90 13.06
N ILE A 36 6.90 -6.86 11.93
CA ILE A 36 6.34 -7.31 10.65
C ILE A 36 7.17 -8.44 10.06
N TYR A 37 6.51 -9.56 9.78
CA TYR A 37 7.18 -10.72 9.20
C TYR A 37 6.29 -11.42 8.18
N VAL A 38 6.88 -11.86 7.08
CA VAL A 38 6.14 -12.56 6.04
C VAL A 38 6.26 -14.07 6.20
N GLU A 39 5.12 -14.75 6.34
CA GLU A 39 5.11 -16.19 6.52
C GLU A 39 4.55 -16.89 5.27
N ASP A 40 5.03 -18.11 5.04
CA ASP A 40 4.57 -18.89 3.88
C ASP A 40 3.53 -19.93 4.29
N LEU A 41 2.40 -19.93 3.58
CA LEU A 41 1.33 -20.87 3.87
C LEU A 41 1.74 -22.30 3.53
N LYS A 42 1.52 -23.21 4.48
CA LYS A 42 1.87 -24.62 4.29
C LYS A 42 0.64 -25.43 3.89
N LYS A 43 -0.23 -25.69 4.87
CA LYS A 43 -1.45 -26.46 4.63
C LYS A 43 -2.69 -25.63 4.95
N ASP A 44 -3.00 -25.52 6.25
CA ASP A 44 -4.17 -24.76 6.69
C ASP A 44 -3.82 -23.88 7.88
N GLU A 45 -3.18 -22.75 7.60
CA GLU A 45 -2.78 -21.81 8.64
C GLU A 45 -3.38 -20.43 8.38
N LYS A 46 -4.39 -20.08 9.17
CA LYS A 46 -5.05 -18.79 9.02
C LYS A 46 -4.05 -17.64 9.19
N LYS A 47 -4.26 -16.57 8.45
CA LYS A 47 -3.38 -15.41 8.52
C LYS A 47 -4.16 -14.14 8.87
N ASP A 48 -3.47 -13.00 8.78
CA ASP A 48 -4.08 -11.71 9.10
C ASP A 48 -4.54 -10.99 7.83
N LYS A 49 -5.70 -10.35 7.90
CA LYS A 49 -6.24 -9.61 6.76
C LYS A 49 -5.96 -8.12 6.92
N VAL A 50 -6.05 -7.38 5.81
CA VAL A 50 -5.80 -5.95 5.84
C VAL A 50 -6.93 -5.17 5.17
N LEU A 51 -7.50 -4.22 5.91
CA LEU A 51 -8.58 -3.40 5.38
C LEU A 51 -8.02 -2.37 4.38
N LEU A 52 -8.44 -2.49 3.13
CA LEU A 52 -7.97 -1.59 2.08
C LEU A 52 -9.08 -0.67 1.59
N SER A 53 -8.73 0.59 1.39
CA SER A 53 -9.68 1.58 0.90
C SER A 53 -9.06 2.40 -0.25
N TYR A 54 -9.81 2.57 -1.33
CA TYR A 54 -9.31 3.30 -2.49
C TYR A 54 -9.76 4.76 -2.46
N TYR A 55 -8.99 5.62 -3.13
CA TYR A 55 -9.30 7.04 -3.20
C TYR A 55 -8.98 7.60 -4.59
N GLU A 56 -9.69 8.65 -4.98
CA GLU A 56 -9.48 9.27 -6.28
C GLU A 56 -8.71 10.58 -6.16
N SER A 57 -7.78 10.80 -7.07
CA SER A 57 -6.96 12.01 -7.07
C SER A 57 -6.80 12.56 -8.49
N GLN A 58 -7.47 13.66 -8.77
CA GLN A 58 -7.40 14.28 -10.09
C GLN A 58 -7.05 15.76 -9.98
N HIS A 59 -6.08 16.19 -10.77
CA HIS A 59 -5.64 17.59 -10.77
C HIS A 59 -6.48 18.43 -11.74
N PRO A 60 -6.65 19.73 -11.45
CA PRO A 60 -7.44 20.64 -12.29
C PRO A 60 -6.67 21.09 -13.53
N SER A 61 -5.60 20.38 -13.86
CA SER A 61 -4.78 20.71 -15.02
C SER A 61 -5.23 19.92 -16.24
N ASN A 62 -5.36 20.61 -17.36
CA ASN A 62 -5.79 19.97 -18.61
C ASN A 62 -4.60 19.34 -19.33
N GLU A 63 -3.48 19.24 -18.63
CA GLU A 63 -2.27 18.66 -19.21
C GLU A 63 -1.60 17.71 -18.23
N SER A 64 -1.38 16.48 -18.67
CA SER A 64 -0.74 15.46 -17.84
C SER A 64 0.24 14.62 -18.64
N GLY A 65 0.22 14.80 -19.96
CA GLY A 65 1.11 14.04 -20.83
C GLY A 65 0.38 13.37 -21.96
N ASP A 66 -0.66 14.01 -22.46
CA ASP A 66 -1.46 13.47 -23.57
C ASP A 66 -2.03 12.10 -23.20
N GLY A 67 -3.22 12.12 -22.60
CA GLY A 67 -3.85 10.87 -22.22
C GLY A 67 -5.35 11.03 -21.97
N VAL A 68 -6.07 9.92 -21.99
CA VAL A 68 -7.51 9.94 -21.77
C VAL A 68 -7.94 8.84 -20.79
N ASP A 69 -8.59 9.25 -19.71
CA ASP A 69 -9.06 8.31 -18.69
C ASP A 69 -7.92 7.44 -18.19
N GLY A 70 -7.20 7.93 -17.18
CA GLY A 70 -6.09 7.18 -16.62
C GLY A 70 -5.55 7.79 -15.36
N LYS A 71 -6.44 8.35 -14.54
CA LYS A 71 -6.04 8.96 -13.28
C LYS A 71 -5.57 7.91 -12.29
N MET A 72 -4.53 8.23 -11.54
CA MET A 72 -3.98 7.31 -10.55
C MET A 72 -4.88 7.20 -9.33
N LEU A 73 -5.15 5.97 -8.90
CA LEU A 73 -6.00 5.72 -7.74
C LEU A 73 -5.16 5.42 -6.51
N MET A 74 -5.44 6.13 -5.43
CA MET A 74 -4.71 5.95 -4.17
C MET A 74 -5.32 4.79 -3.38
N VAL A 75 -4.59 4.33 -2.36
CA VAL A 75 -5.06 3.23 -1.53
C VAL A 75 -4.54 3.34 -0.11
N THR A 76 -5.34 2.89 0.84
CA THR A 76 -4.96 2.90 2.25
C THR A 76 -4.99 1.49 2.81
N LEU A 77 -3.93 1.11 3.52
CA LEU A 77 -3.82 -0.22 4.10
C LEU A 77 -3.89 -0.17 5.62
N SER A 78 -4.82 -0.93 6.20
CA SER A 78 -4.99 -0.97 7.65
C SER A 78 -5.21 -2.39 8.14
N PRO A 79 -4.14 -3.09 8.55
CA PRO A 79 -4.24 -4.47 9.06
C PRO A 79 -4.90 -4.54 10.42
N THR A 80 -5.12 -3.38 11.03
CA THR A 80 -5.73 -3.31 12.35
C THR A 80 -6.99 -2.44 12.31
N LYS A 81 -7.38 -1.91 13.47
CA LYS A 81 -8.56 -1.07 13.56
C LYS A 81 -8.29 0.36 13.08
N ASP A 82 -7.68 1.16 13.94
CA ASP A 82 -7.38 2.55 13.62
C ASP A 82 -6.00 2.72 12.99
N PHE A 83 -5.00 2.04 13.57
CA PHE A 83 -3.62 2.13 13.08
C PHE A 83 -3.53 1.96 11.57
N TRP A 84 -2.97 2.96 10.90
CA TRP A 84 -2.82 2.93 9.44
C TRP A 84 -1.34 2.80 9.08
N LEU A 85 -1.08 2.51 7.80
CA LEU A 85 0.29 2.37 7.30
C LEU A 85 0.88 3.73 6.97
N HIS A 86 2.09 3.98 7.45
CA HIS A 86 2.78 5.24 7.19
C HIS A 86 4.24 5.00 6.81
N ALA A 87 4.61 5.47 5.63
CA ALA A 87 5.98 5.31 5.14
C ALA A 87 6.90 6.36 5.75
N ASN A 88 8.10 5.93 6.13
CA ASN A 88 9.08 6.84 6.72
C ASN A 88 10.32 6.95 5.86
N ASN A 89 10.62 8.16 5.40
CA ASN A 89 11.78 8.39 4.55
C ASN A 89 13.06 8.44 5.39
N LYS A 90 12.92 8.15 6.69
CA LYS A 90 14.06 8.15 7.60
C LYS A 90 14.90 6.88 7.44
N GLU A 91 14.23 5.72 7.50
CA GLU A 91 14.93 4.45 7.36
C GLU A 91 14.33 3.62 6.24
N HIS A 92 13.56 4.27 5.37
CA HIS A 92 12.92 3.60 4.24
C HIS A 92 12.09 2.42 4.70
N SER A 93 11.29 2.64 5.74
CA SER A 93 10.43 1.58 6.29
C SER A 93 9.05 2.11 6.63
N VAL A 94 8.05 1.23 6.54
CA VAL A 94 6.67 1.61 6.84
C VAL A 94 6.23 1.06 8.18
N GLU A 95 5.69 1.93 9.03
CA GLU A 95 5.23 1.53 10.36
C GLU A 95 3.76 1.88 10.56
N LEU A 96 3.18 1.39 11.65
CA LEU A 96 1.78 1.64 11.95
C LEU A 96 1.64 2.85 12.88
N HIS A 97 0.76 3.78 12.50
CA HIS A 97 0.53 4.98 13.30
C HIS A 97 -0.95 5.37 13.29
N LYS A 98 -1.43 5.85 14.43
CA LYS A 98 -2.83 6.25 14.56
C LYS A 98 -2.95 7.76 14.67
N CYS A 99 -3.32 8.40 13.57
CA CYS A 99 -3.48 9.86 13.54
C CYS A 99 -4.94 10.25 13.51
N GLU A 100 -5.20 11.57 13.47
CA GLU A 100 -6.56 12.08 13.44
C GLU A 100 -7.28 11.69 12.15
N LYS A 101 -8.56 12.03 12.05
CA LYS A 101 -9.36 11.73 10.87
C LYS A 101 -8.66 12.18 9.58
N PRO A 102 -8.24 13.46 9.49
CA PRO A 102 -7.58 13.99 8.29
C PRO A 102 -6.28 13.25 7.99
N LEU A 103 -6.38 12.17 7.23
CA LEU A 103 -5.20 11.37 6.86
C LEU A 103 -4.26 12.17 5.97
N PRO A 104 -2.94 12.14 6.26
CA PRO A 104 -1.95 12.87 5.46
C PRO A 104 -1.57 12.14 4.17
N ASP A 105 -0.76 12.78 3.35
CA ASP A 105 -0.34 12.19 2.08
C ASP A 105 0.38 10.87 2.31
N GLN A 106 1.17 10.81 3.39
CA GLN A 106 1.91 9.60 3.73
C GLN A 106 0.98 8.42 3.96
N ALA A 107 -0.29 8.72 4.21
CA ALA A 107 -1.29 7.69 4.46
C ALA A 107 -1.84 7.13 3.15
N PHE A 108 -1.85 7.97 2.12
CA PHE A 108 -2.35 7.57 0.81
C PHE A 108 -1.21 7.06 -0.08
N PHE A 109 -1.39 5.86 -0.62
CA PHE A 109 -0.38 5.26 -1.50
C PHE A 109 -0.93 5.08 -2.90
N VAL A 110 -0.17 5.53 -3.91
CA VAL A 110 -0.61 5.40 -5.29
C VAL A 110 -0.37 3.99 -5.81
N LEU A 111 -1.43 3.19 -5.85
CA LEU A 111 -1.35 1.81 -6.30
C LEU A 111 -1.14 1.74 -7.81
N HIS A 112 -0.27 0.82 -8.23
CA HIS A 112 0.03 0.63 -9.64
C HIS A 112 0.01 -0.85 -10.01
N ASN A 113 -0.62 -1.17 -11.14
CA ASN A 113 -0.71 -2.55 -11.60
C ASN A 113 0.51 -2.91 -12.45
N MET A 114 1.18 -4.00 -12.09
CA MET A 114 2.36 -4.45 -12.81
C MET A 114 2.07 -5.72 -13.60
N HIS A 115 1.29 -6.63 -13.02
CA HIS A 115 0.95 -7.89 -13.68
C HIS A 115 -0.56 -8.13 -13.63
N SER A 116 -0.94 -9.39 -13.88
CA SER A 116 -2.35 -9.78 -13.90
C SER A 116 -3.02 -9.48 -12.56
N ASN A 117 -2.47 -10.04 -11.48
CA ASN A 117 -3.03 -9.84 -10.15
C ASN A 117 -2.05 -9.12 -9.23
N CYS A 118 -0.80 -9.03 -9.68
CA CYS A 118 0.23 -8.36 -8.88
C CYS A 118 0.04 -6.85 -8.87
N VAL A 119 0.21 -6.25 -7.69
CA VAL A 119 0.04 -4.81 -7.54
C VAL A 119 1.19 -4.20 -6.74
N SER A 120 1.34 -2.88 -6.84
CA SER A 120 2.40 -2.17 -6.12
C SER A 120 1.83 -0.95 -5.40
N PHE A 121 2.55 -0.49 -4.38
CA PHE A 121 2.11 0.68 -3.61
C PHE A 121 3.16 1.78 -3.65
N GLU A 122 2.97 2.72 -4.58
CA GLU A 122 3.90 3.84 -4.74
C GLU A 122 3.67 4.90 -3.67
N CYS A 123 4.77 5.47 -3.16
CA CYS A 123 4.68 6.50 -2.13
C CYS A 123 4.26 7.84 -2.74
N LYS A 124 3.18 8.40 -2.22
CA LYS A 124 2.67 9.68 -2.70
C LYS A 124 3.63 10.81 -2.39
N THR A 125 4.48 10.59 -1.39
CA THR A 125 5.46 11.59 -0.98
C THR A 125 6.75 11.45 -1.79
N ASP A 126 6.97 10.25 -2.32
CA ASP A 126 8.17 9.98 -3.12
C ASP A 126 7.81 9.15 -4.36
N PRO A 127 7.70 9.79 -5.53
CA PRO A 127 7.37 9.08 -6.78
C PRO A 127 8.51 8.19 -7.26
N GLY A 128 8.18 6.94 -7.60
CA GLY A 128 9.19 6.02 -8.08
C GLY A 128 9.45 4.87 -7.11
N VAL A 129 9.15 5.09 -5.84
CA VAL A 129 9.37 4.06 -4.82
C VAL A 129 8.06 3.38 -4.44
N PHE A 130 8.13 2.06 -4.25
CA PHE A 130 6.95 1.29 -3.88
C PHE A 130 7.25 0.39 -2.68
N ILE A 131 6.23 0.12 -1.87
CA ILE A 131 6.39 -0.74 -0.71
C ILE A 131 6.71 -2.16 -1.13
N GLY A 132 7.60 -2.82 -0.41
CA GLY A 132 7.97 -4.18 -0.75
C GLY A 132 8.74 -4.87 0.35
N VAL A 133 8.76 -6.20 0.29
CA VAL A 133 9.44 -7.01 1.28
C VAL A 133 10.96 -7.01 1.03
N LYS A 134 11.69 -6.34 1.92
CA LYS A 134 13.14 -6.25 1.81
C LYS A 134 13.80 -7.57 2.20
N ASP A 135 14.09 -7.72 3.50
CA ASP A 135 14.71 -8.92 4.01
C ASP A 135 13.64 -9.94 4.40
N ASN A 136 12.75 -9.53 5.29
CA ASN A 136 11.66 -10.38 5.75
C ASN A 136 10.47 -9.54 6.21
N HIS A 137 10.53 -8.25 5.90
CA HIS A 137 9.46 -7.32 6.28
C HIS A 137 9.26 -6.27 5.20
N LEU A 138 8.29 -5.38 5.43
CA LEU A 138 7.99 -4.33 4.47
C LEU A 138 9.02 -3.21 4.53
N ALA A 139 9.25 -2.56 3.39
CA ALA A 139 10.20 -1.47 3.29
C ALA A 139 10.03 -0.72 1.98
N LEU A 140 10.37 0.57 1.99
CA LEU A 140 10.25 1.40 0.78
C LEU A 140 11.30 1.01 -0.24
N ILE A 141 10.89 0.16 -1.19
CA ILE A 141 11.79 -0.29 -2.25
C ILE A 141 11.54 0.47 -3.54
N LYS A 142 12.49 1.32 -3.92
CA LYS A 142 12.37 2.11 -5.13
C LYS A 142 13.04 1.42 -6.30
N VAL A 143 12.23 0.94 -7.24
CA VAL A 143 12.73 0.25 -8.42
C VAL A 143 12.47 1.06 -9.69
N ASP A 144 13.52 1.24 -10.49
CA ASP A 144 13.41 1.99 -11.74
C ASP A 144 12.64 1.19 -12.79
N SER A 145 11.84 1.89 -13.58
CA SER A 145 11.04 1.26 -14.62
C SER A 145 11.92 0.68 -15.73
N SER A 146 11.54 -0.50 -16.21
CA SER A 146 12.27 -1.18 -17.27
C SER A 146 13.68 -1.57 -16.84
N GLU A 147 14.02 -1.28 -15.59
CA GLU A 147 15.34 -1.60 -15.06
C GLU A 147 15.32 -2.92 -14.30
N ASN A 148 14.41 -3.03 -13.34
CA ASN A 148 14.29 -4.25 -12.54
C ASN A 148 12.82 -4.59 -12.27
N LEU A 149 12.06 -4.78 -13.35
CA LEU A 149 10.64 -5.10 -13.23
C LEU A 149 10.45 -6.56 -12.84
N CYS A 150 11.54 -7.31 -12.82
CA CYS A 150 11.49 -8.73 -12.46
C CYS A 150 11.60 -8.92 -10.96
N THR A 151 11.50 -7.82 -10.21
CA THR A 151 11.58 -7.87 -8.75
C THR A 151 10.25 -8.27 -8.13
N GLU A 152 10.20 -9.48 -7.60
CA GLU A 152 8.99 -10.00 -6.97
C GLU A 152 8.64 -9.22 -5.70
N ASN A 153 9.63 -8.48 -5.19
CA ASN A 153 9.45 -7.68 -3.98
C ASN A 153 8.33 -6.65 -4.15
N ILE A 154 8.37 -5.92 -5.25
CA ILE A 154 7.37 -4.89 -5.52
C ILE A 154 6.10 -5.47 -6.13
N LEU A 155 5.82 -6.73 -5.81
CA LEU A 155 4.63 -7.40 -6.31
C LEU A 155 3.83 -8.00 -5.17
N PHE A 156 2.60 -7.53 -5.00
CA PHE A 156 1.73 -8.01 -3.94
C PHE A 156 0.43 -8.60 -4.49
N LYS A 157 -0.22 -9.43 -3.67
CA LYS A 157 -1.47 -10.05 -4.05
C LYS A 157 -2.51 -9.87 -2.95
N LEU A 158 -3.73 -9.51 -3.33
CA LEU A 158 -4.80 -9.29 -2.37
C LEU A 158 -5.87 -10.37 -2.46
N SER A 159 -6.06 -11.09 -1.37
CA SER A 159 -7.06 -12.17 -1.33
C SER A 159 -8.21 -11.79 -0.39
N GLU A 160 -9.39 -11.60 -0.97
CA GLU A 160 -10.57 -11.25 -0.20
C GLU A 160 -11.45 -12.48 0.06
N THR A 161 -11.17 -13.18 1.15
CA THR A 161 -11.93 -14.37 1.51
C THR A 161 -11.83 -14.68 3.01
N GLY A 1 -3.00 18.47 5.81
CA GLY A 1 -3.55 17.21 5.22
C GLY A 1 -4.94 17.40 4.65
N SER A 2 -5.93 16.84 5.33
CA SER A 2 -7.32 16.96 4.89
C SER A 2 -7.49 16.40 3.47
N SER A 3 -6.85 15.26 3.21
CA SER A 3 -6.92 14.61 1.90
C SER A 3 -6.42 15.55 0.80
N ILE A 4 -6.65 15.16 -0.44
CA ILE A 4 -6.22 15.96 -1.59
C ILE A 4 -7.12 17.17 -1.78
N THR A 5 -8.30 16.96 -2.38
CA THR A 5 -9.25 18.03 -2.62
C THR A 5 -10.67 17.50 -2.60
N GLY A 6 -11.22 17.32 -1.40
CA GLY A 6 -12.58 16.82 -1.27
C GLY A 6 -12.79 15.49 -1.96
N ILE A 7 -11.86 14.55 -1.74
CA ILE A 7 -11.96 13.23 -2.36
C ILE A 7 -12.85 12.31 -1.53
N SER A 8 -13.50 11.37 -2.21
CA SER A 8 -14.38 10.41 -1.54
C SER A 8 -13.93 8.97 -1.81
N PRO A 9 -14.14 8.05 -0.85
CA PRO A 9 -13.75 6.65 -1.00
C PRO A 9 -14.54 5.95 -2.11
N ILE A 10 -13.84 5.12 -2.88
CA ILE A 10 -14.46 4.39 -3.97
C ILE A 10 -14.97 3.03 -3.51
N THR A 11 -14.14 2.32 -2.74
CA THR A 11 -14.50 1.00 -2.23
C THR A 11 -13.60 0.58 -1.09
N GLU A 12 -14.18 -0.08 -0.09
CA GLU A 12 -13.43 -0.55 1.07
C GLU A 12 -13.74 -2.01 1.35
N TYR A 13 -12.71 -2.84 1.40
CA TYR A 13 -12.90 -4.27 1.66
C TYR A 13 -11.68 -4.89 2.35
N LEU A 14 -11.88 -6.06 2.95
CA LEU A 14 -10.82 -6.77 3.64
C LEU A 14 -9.97 -7.55 2.65
N ALA A 15 -8.66 -7.43 2.79
CA ALA A 15 -7.72 -8.11 1.91
C ALA A 15 -6.36 -8.29 2.58
N SER A 16 -5.80 -9.49 2.45
CA SER A 16 -4.49 -9.77 3.03
C SER A 16 -3.38 -9.58 2.02
N LEU A 17 -2.30 -8.94 2.45
CA LEU A 17 -1.16 -8.69 1.58
C LEU A 17 -0.32 -9.97 1.41
N SER A 18 -0.22 -10.45 0.18
CA SER A 18 0.55 -11.66 -0.09
C SER A 18 1.60 -11.42 -1.18
N THR A 19 2.84 -11.77 -0.89
CA THR A 19 3.93 -11.58 -1.84
C THR A 19 3.74 -12.45 -3.08
N TYR A 20 4.71 -12.42 -3.97
CA TYR A 20 4.64 -13.20 -5.21
C TYR A 20 5.02 -14.66 -4.96
N ASN A 21 5.69 -14.91 -3.84
CA ASN A 21 6.11 -16.26 -3.48
C ASN A 21 5.02 -16.99 -2.69
N ASP A 22 3.77 -16.61 -2.94
CA ASP A 22 2.63 -17.21 -2.26
C ASP A 22 2.73 -17.03 -0.74
N GLN A 23 3.57 -16.10 -0.32
CA GLN A 23 3.76 -15.82 1.10
C GLN A 23 2.83 -14.69 1.54
N SER A 24 2.57 -14.61 2.84
CA SER A 24 1.69 -13.58 3.38
C SER A 24 2.41 -12.70 4.40
N ILE A 25 2.01 -11.43 4.46
CA ILE A 25 2.61 -10.48 5.38
C ILE A 25 1.93 -10.54 6.74
N THR A 26 2.67 -10.97 7.77
CA THR A 26 2.13 -11.07 9.11
C THR A 26 2.44 -9.83 9.94
N PHE A 27 1.40 -9.24 10.53
CA PHE A 27 1.58 -8.05 11.35
C PHE A 27 1.43 -8.39 12.83
N ALA A 28 2.54 -8.70 13.47
CA ALA A 28 2.55 -9.05 14.89
C ALA A 28 2.47 -7.80 15.76
N LEU A 29 1.31 -7.55 16.35
CA LEU A 29 1.10 -6.39 17.20
C LEU A 29 1.29 -6.78 18.67
N GLU A 30 2.44 -6.44 19.23
CA GLU A 30 2.74 -6.74 20.62
C GLU A 30 2.12 -5.71 21.56
N ASP A 31 2.47 -5.80 22.84
CA ASP A 31 1.94 -4.89 23.85
C ASP A 31 2.07 -3.44 23.41
N GLU A 32 3.20 -3.10 22.78
CA GLU A 32 3.43 -1.74 22.31
C GLU A 32 4.42 -1.72 21.15
N SER A 33 4.90 -2.90 20.76
CA SER A 33 5.85 -3.01 19.67
C SER A 33 5.14 -3.33 18.36
N TYR A 34 5.81 -3.08 17.24
CA TYR A 34 5.24 -3.34 15.93
C TYR A 34 6.18 -4.19 15.08
N GLU A 35 6.03 -5.50 15.18
CA GLU A 35 6.86 -6.43 14.43
C GLU A 35 6.13 -6.93 13.19
N ILE A 36 6.84 -6.97 12.06
CA ILE A 36 6.25 -7.43 10.80
C ILE A 36 7.18 -8.43 10.12
N TYR A 37 6.63 -9.58 9.75
CA TYR A 37 7.40 -10.62 9.08
C TYR A 37 6.54 -11.43 8.13
N VAL A 38 7.12 -11.80 6.98
CA VAL A 38 6.40 -12.58 5.98
C VAL A 38 6.53 -14.06 6.25
N GLU A 39 5.40 -14.76 6.31
CA GLU A 39 5.38 -16.20 6.57
C GLU A 39 5.03 -16.97 5.31
N ASP A 40 5.32 -18.28 5.33
CA ASP A 40 5.02 -19.14 4.18
C ASP A 40 3.78 -19.99 4.45
N LEU A 41 2.93 -20.12 3.43
CA LEU A 41 1.70 -20.89 3.55
C LEU A 41 1.88 -22.30 3.01
N LYS A 42 1.01 -23.22 3.42
CA LYS A 42 1.07 -24.60 2.97
C LYS A 42 -0.28 -25.29 3.17
N LYS A 43 -0.85 -25.16 4.37
CA LYS A 43 -2.13 -25.76 4.68
C LYS A 43 -3.24 -24.73 4.65
N ASP A 44 -4.43 -25.11 5.13
CA ASP A 44 -5.57 -24.21 5.16
C ASP A 44 -5.49 -23.28 6.37
N GLU A 45 -4.57 -22.32 6.31
CA GLU A 45 -4.38 -21.38 7.41
C GLU A 45 -4.74 -19.96 6.95
N LYS A 46 -5.48 -19.25 7.80
CA LYS A 46 -5.89 -17.89 7.48
C LYS A 46 -5.02 -16.87 8.21
N LYS A 47 -4.19 -16.16 7.46
CA LYS A 47 -3.30 -15.16 8.03
C LYS A 47 -4.06 -13.89 8.39
N ASP A 48 -3.32 -12.82 8.67
CA ASP A 48 -3.91 -11.54 9.03
C ASP A 48 -4.48 -10.83 7.80
N LYS A 49 -5.57 -10.10 8.00
CA LYS A 49 -6.22 -9.37 6.92
C LYS A 49 -6.00 -7.87 7.08
N VAL A 50 -6.10 -7.14 5.98
CA VAL A 50 -5.91 -5.69 6.00
C VAL A 50 -7.02 -4.98 5.23
N LEU A 51 -7.70 -4.05 5.90
CA LEU A 51 -8.78 -3.29 5.27
C LEU A 51 -8.22 -2.31 4.24
N LEU A 52 -8.34 -2.66 2.97
CA LEU A 52 -7.85 -1.80 1.89
C LEU A 52 -8.96 -0.93 1.33
N SER A 53 -8.64 0.34 1.08
CA SER A 53 -9.60 1.28 0.54
C SER A 53 -9.04 2.04 -0.66
N TYR A 54 -9.84 2.19 -1.70
CA TYR A 54 -9.43 2.89 -2.91
C TYR A 54 -9.86 4.35 -2.87
N TYR A 55 -9.06 5.21 -3.50
CA TYR A 55 -9.36 6.64 -3.54
C TYR A 55 -9.03 7.22 -4.92
N GLU A 56 -9.84 8.17 -5.37
CA GLU A 56 -9.63 8.80 -6.66
C GLU A 56 -8.97 10.17 -6.49
N SER A 57 -8.33 10.65 -7.55
CA SER A 57 -7.67 11.95 -7.51
C SER A 57 -7.96 12.75 -8.78
N GLN A 58 -8.71 13.83 -8.63
CA GLN A 58 -9.07 14.70 -9.75
C GLN A 58 -8.93 16.17 -9.38
N HIS A 59 -7.89 16.81 -9.91
CA HIS A 59 -7.64 18.22 -9.63
C HIS A 59 -8.37 19.11 -10.63
N PRO A 60 -9.43 19.83 -10.18
CA PRO A 60 -10.20 20.72 -11.06
C PRO A 60 -9.47 22.01 -11.37
N SER A 61 -8.75 22.03 -12.49
CA SER A 61 -8.00 23.22 -12.90
C SER A 61 -8.07 23.39 -14.42
N ASN A 62 -7.31 22.59 -15.14
CA ASN A 62 -7.28 22.65 -16.59
C ASN A 62 -8.08 21.52 -17.21
N GLU A 63 -8.67 20.69 -16.34
CA GLU A 63 -9.48 19.55 -16.79
C GLU A 63 -8.66 18.63 -17.68
N SER A 64 -7.37 18.55 -17.40
CA SER A 64 -6.48 17.69 -18.18
C SER A 64 -6.86 16.22 -18.05
N GLY A 65 -7.40 15.67 -19.14
CA GLY A 65 -7.81 14.28 -19.14
C GLY A 65 -7.39 13.55 -20.40
N ASP A 66 -8.31 13.48 -21.37
CA ASP A 66 -8.03 12.80 -22.63
C ASP A 66 -7.59 11.36 -22.41
N GLY A 67 -8.56 10.47 -22.30
CA GLY A 67 -8.25 9.07 -22.08
C GLY A 67 -9.07 8.46 -20.96
N VAL A 68 -10.40 8.49 -21.11
CA VAL A 68 -11.33 7.94 -20.12
C VAL A 68 -10.85 8.21 -18.69
N ASP A 69 -10.29 9.40 -18.47
CA ASP A 69 -9.79 9.80 -17.16
C ASP A 69 -8.73 8.81 -16.65
N GLY A 70 -7.48 9.06 -17.02
CA GLY A 70 -6.39 8.19 -16.59
C GLY A 70 -5.82 8.61 -15.26
N LYS A 71 -6.66 9.16 -14.40
CA LYS A 71 -6.23 9.61 -13.08
C LYS A 71 -5.68 8.43 -12.25
N MET A 72 -4.64 8.69 -11.48
CA MET A 72 -4.03 7.66 -10.65
C MET A 72 -4.86 7.41 -9.39
N LEU A 73 -5.14 6.14 -9.12
CA LEU A 73 -5.93 5.76 -7.95
C LEU A 73 -5.03 5.41 -6.77
N MET A 74 -5.32 5.99 -5.61
CA MET A 74 -4.54 5.73 -4.41
C MET A 74 -5.18 4.61 -3.59
N VAL A 75 -4.45 4.10 -2.60
CA VAL A 75 -4.95 3.03 -1.75
C VAL A 75 -4.42 3.16 -0.33
N THR A 76 -5.28 2.85 0.63
CA THR A 76 -4.90 2.90 2.04
C THR A 76 -5.03 1.51 2.65
N LEU A 77 -4.01 1.09 3.38
CA LEU A 77 -4.00 -0.23 4.00
C LEU A 77 -4.12 -0.12 5.51
N SER A 78 -5.25 -0.55 6.04
CA SER A 78 -5.51 -0.50 7.49
C SER A 78 -5.61 -1.91 8.08
N PRO A 79 -4.48 -2.46 8.56
CA PRO A 79 -4.45 -3.80 9.16
C PRO A 79 -5.00 -3.80 10.57
N THR A 80 -5.28 -2.61 11.08
CA THR A 80 -5.82 -2.45 12.42
C THR A 80 -7.05 -1.55 12.41
N LYS A 81 -7.32 -0.90 13.55
CA LYS A 81 -8.47 -0.02 13.66
C LYS A 81 -8.11 1.43 13.26
N ASP A 82 -7.48 2.15 14.19
CA ASP A 82 -7.11 3.54 13.94
C ASP A 82 -5.70 3.68 13.35
N PHE A 83 -4.89 2.66 13.50
CA PHE A 83 -3.52 2.71 12.98
C PHE A 83 -3.48 2.41 11.49
N TRP A 84 -2.89 3.33 10.73
CA TRP A 84 -2.78 3.18 9.28
C TRP A 84 -1.31 3.01 8.88
N LEU A 85 -1.09 2.58 7.63
CA LEU A 85 0.26 2.38 7.12
C LEU A 85 0.91 3.71 6.74
N HIS A 86 1.90 4.13 7.53
CA HIS A 86 2.61 5.38 7.27
C HIS A 86 4.04 5.11 6.84
N ALA A 87 4.48 5.80 5.79
CA ALA A 87 5.83 5.63 5.27
C ALA A 87 6.85 6.34 6.15
N ASN A 88 7.86 5.59 6.58
CA ASN A 88 8.91 6.14 7.43
C ASN A 88 10.24 6.16 6.70
N ASN A 89 10.55 7.31 6.09
CA ASN A 89 11.80 7.46 5.35
C ASN A 89 13.00 7.38 6.28
N LYS A 90 12.73 7.43 7.59
CA LYS A 90 13.79 7.37 8.59
C LYS A 90 14.60 6.08 8.45
N GLU A 91 13.90 4.98 8.23
CA GLU A 91 14.54 3.68 8.07
C GLU A 91 14.18 3.06 6.72
N HIS A 92 13.57 3.88 5.85
CA HIS A 92 13.17 3.41 4.52
C HIS A 92 12.23 2.22 4.62
N SER A 93 11.33 2.27 5.59
CA SER A 93 10.36 1.19 5.80
C SER A 93 8.99 1.76 6.20
N VAL A 94 7.97 0.90 6.11
CA VAL A 94 6.62 1.31 6.45
C VAL A 94 6.24 0.81 7.84
N GLU A 95 5.59 1.66 8.63
CA GLU A 95 5.17 1.29 9.98
C GLU A 95 3.75 1.76 10.25
N LEU A 96 3.13 1.18 11.28
CA LEU A 96 1.76 1.53 11.65
C LEU A 96 1.74 2.72 12.60
N HIS A 97 1.10 3.80 12.18
CA HIS A 97 1.01 5.01 12.98
C HIS A 97 -0.44 5.50 13.08
N LYS A 98 -0.78 6.13 14.20
CA LYS A 98 -2.13 6.64 14.41
C LYS A 98 -2.15 8.16 14.43
N CYS A 99 -3.08 8.74 13.67
CA CYS A 99 -3.22 10.19 13.59
C CYS A 99 -4.69 10.60 13.62
N GLU A 100 -4.94 11.90 13.57
CA GLU A 100 -6.31 12.41 13.57
C GLU A 100 -7.08 11.93 12.35
N LYS A 101 -8.36 12.25 12.27
CA LYS A 101 -9.18 11.83 11.15
C LYS A 101 -8.57 12.28 9.81
N PRO A 102 -8.21 13.58 9.67
CA PRO A 102 -7.61 14.09 8.43
C PRO A 102 -6.37 13.30 8.03
N LEU A 103 -6.55 12.30 7.18
CA LEU A 103 -5.44 11.47 6.72
C LEU A 103 -4.40 12.33 5.98
N PRO A 104 -3.11 12.11 6.25
CA PRO A 104 -2.03 12.87 5.62
C PRO A 104 -1.75 12.40 4.20
N ASP A 105 -1.03 13.21 3.44
CA ASP A 105 -0.69 12.88 2.05
C ASP A 105 0.24 11.68 1.98
N GLN A 106 0.80 11.30 3.13
CA GLN A 106 1.71 10.17 3.19
C GLN A 106 0.97 8.88 3.56
N ALA A 107 -0.36 9.00 3.70
CA ALA A 107 -1.19 7.85 4.06
C ALA A 107 -1.83 7.22 2.83
N PHE A 108 -1.71 7.92 1.69
CA PHE A 108 -2.28 7.43 0.44
C PHE A 108 -1.18 6.91 -0.50
N PHE A 109 -1.26 5.63 -0.84
CA PHE A 109 -0.28 5.02 -1.74
C PHE A 109 -0.87 4.77 -3.12
N VAL A 110 -0.28 5.39 -4.13
CA VAL A 110 -0.76 5.23 -5.50
C VAL A 110 -0.56 3.80 -5.99
N LEU A 111 -1.67 3.08 -6.15
CA LEU A 111 -1.61 1.69 -6.61
C LEU A 111 -1.35 1.61 -8.11
N HIS A 112 -0.42 0.75 -8.50
CA HIS A 112 -0.08 0.57 -9.91
C HIS A 112 -0.10 -0.91 -10.29
N ASN A 113 -0.74 -1.22 -11.42
CA ASN A 113 -0.82 -2.59 -11.90
C ASN A 113 0.49 -3.01 -12.56
N MET A 114 0.92 -4.24 -12.28
CA MET A 114 2.17 -4.76 -12.84
C MET A 114 1.91 -5.98 -13.71
N HIS A 115 1.27 -6.99 -13.13
CA HIS A 115 0.96 -8.22 -13.85
C HIS A 115 -0.51 -8.59 -13.71
N SER A 116 -0.82 -9.85 -14.01
CA SER A 116 -2.19 -10.34 -13.93
C SER A 116 -2.78 -10.14 -12.54
N ASN A 117 -2.12 -10.68 -11.53
CA ASN A 117 -2.60 -10.57 -10.16
C ASN A 117 -1.58 -9.86 -9.27
N CYS A 118 -0.64 -9.14 -9.89
CA CYS A 118 0.37 -8.43 -9.14
C CYS A 118 0.04 -6.94 -9.06
N VAL A 119 0.24 -6.35 -7.88
CA VAL A 119 -0.04 -4.93 -7.68
C VAL A 119 1.12 -4.24 -6.96
N SER A 120 1.22 -2.93 -7.14
CA SER A 120 2.28 -2.13 -6.52
C SER A 120 1.71 -0.96 -5.73
N PHE A 121 2.47 -0.48 -4.75
CA PHE A 121 2.03 0.63 -3.92
C PHE A 121 3.08 1.74 -3.91
N GLU A 122 2.90 2.73 -4.79
CA GLU A 122 3.83 3.85 -4.88
C GLU A 122 3.48 4.94 -3.86
N CYS A 123 4.51 5.60 -3.35
CA CYS A 123 4.33 6.66 -2.37
C CYS A 123 3.94 7.97 -3.06
N LYS A 124 2.89 8.61 -2.55
CA LYS A 124 2.42 9.87 -3.11
C LYS A 124 3.33 11.02 -2.71
N THR A 125 3.97 10.89 -1.56
CA THR A 125 4.88 11.92 -1.06
C THR A 125 6.32 11.63 -1.48
N ASP A 126 6.58 10.39 -1.85
CA ASP A 126 7.93 9.99 -2.27
C ASP A 126 7.88 9.25 -3.61
N PRO A 127 7.71 9.99 -4.73
CA PRO A 127 7.65 9.39 -6.07
C PRO A 127 8.86 8.52 -6.37
N GLY A 128 8.66 7.50 -7.19
CA GLY A 128 9.75 6.61 -7.55
C GLY A 128 10.01 5.55 -6.48
N VAL A 129 9.17 5.54 -5.45
CA VAL A 129 9.31 4.57 -4.36
C VAL A 129 8.07 3.71 -4.24
N PHE A 130 8.28 2.40 -4.09
CA PHE A 130 7.17 1.45 -3.96
C PHE A 130 7.38 0.53 -2.76
N ILE A 131 6.28 0.13 -2.13
CA ILE A 131 6.35 -0.77 -0.99
C ILE A 131 6.82 -2.15 -1.45
N GLY A 132 7.57 -2.83 -0.59
CA GLY A 132 8.05 -4.16 -0.95
C GLY A 132 8.77 -4.85 0.18
N VAL A 133 8.74 -6.19 0.16
CA VAL A 133 9.41 -6.98 1.18
C VAL A 133 10.91 -6.92 1.02
N LYS A 134 11.58 -6.23 1.95
CA LYS A 134 13.03 -6.08 1.90
C LYS A 134 13.72 -7.39 2.29
N ASP A 135 14.04 -7.52 3.57
CA ASP A 135 14.70 -8.72 4.07
C ASP A 135 13.67 -9.78 4.48
N ASN A 136 12.65 -9.35 5.20
CA ASN A 136 11.60 -10.25 5.66
C ASN A 136 10.37 -9.46 6.11
N HIS A 137 10.38 -8.16 5.83
CA HIS A 137 9.28 -7.29 6.21
C HIS A 137 9.03 -6.22 5.14
N LEU A 138 7.99 -5.42 5.35
CA LEU A 138 7.65 -4.37 4.39
C LEU A 138 8.59 -3.18 4.52
N ALA A 139 9.01 -2.65 3.38
CA ALA A 139 9.92 -1.52 3.35
C ALA A 139 9.77 -0.73 2.05
N LEU A 140 10.21 0.52 2.07
CA LEU A 140 10.12 1.38 0.91
C LEU A 140 11.23 1.04 -0.09
N ILE A 141 10.91 0.19 -1.05
CA ILE A 141 11.89 -0.23 -2.05
C ILE A 141 11.80 0.64 -3.31
N LYS A 142 12.93 1.25 -3.67
CA LYS A 142 12.99 2.09 -4.85
C LYS A 142 13.16 1.24 -6.11
N VAL A 143 12.18 1.30 -7.00
CA VAL A 143 12.21 0.52 -8.22
C VAL A 143 12.06 1.40 -9.46
N ASP A 144 12.89 1.14 -10.47
CA ASP A 144 12.85 1.90 -11.70
C ASP A 144 11.97 1.19 -12.73
N SER A 145 11.49 1.93 -13.72
CA SER A 145 10.63 1.36 -14.76
C SER A 145 11.43 0.98 -16.01
N SER A 146 12.53 0.25 -15.81
CA SER A 146 13.37 -0.18 -16.93
C SER A 146 14.49 -1.10 -16.46
N GLU A 147 15.23 -0.65 -15.44
CA GLU A 147 16.34 -1.44 -14.91
C GLU A 147 15.96 -2.18 -13.64
N ASN A 148 14.67 -2.16 -13.31
CA ASN A 148 14.17 -2.82 -12.12
C ASN A 148 12.72 -3.26 -12.30
N LEU A 149 12.26 -3.29 -13.55
CA LEU A 149 10.90 -3.68 -13.85
C LEU A 149 10.59 -5.06 -13.30
N CYS A 150 11.61 -5.90 -13.18
CA CYS A 150 11.45 -7.25 -12.65
C CYS A 150 11.79 -7.30 -11.17
N THR A 151 10.77 -7.16 -10.33
CA THR A 151 10.96 -7.18 -8.88
C THR A 151 9.73 -7.75 -8.18
N GLU A 152 9.82 -9.02 -7.79
CA GLU A 152 8.72 -9.69 -7.10
C GLU A 152 8.45 -9.06 -5.73
N ASN A 153 9.43 -8.32 -5.22
CA ASN A 153 9.32 -7.68 -3.91
C ASN A 153 8.17 -6.68 -3.90
N ILE A 154 8.03 -5.91 -4.98
CA ILE A 154 6.97 -4.92 -5.07
C ILE A 154 5.66 -5.52 -5.59
N LEU A 155 5.74 -6.77 -6.04
CA LEU A 155 4.57 -7.46 -6.57
C LEU A 155 3.74 -8.06 -5.43
N PHE A 156 2.59 -7.45 -5.16
CA PHE A 156 1.72 -7.91 -4.09
C PHE A 156 0.46 -8.55 -4.65
N LYS A 157 -0.24 -9.30 -3.80
CA LYS A 157 -1.47 -9.98 -4.18
C LYS A 157 -2.53 -9.80 -3.11
N LEU A 158 -3.78 -9.71 -3.54
CA LEU A 158 -4.89 -9.53 -2.62
C LEU A 158 -5.96 -10.60 -2.83
N SER A 159 -6.92 -10.67 -1.90
CA SER A 159 -7.99 -11.65 -1.98
C SER A 159 -9.22 -11.16 -1.22
N GLU A 160 -10.39 -11.66 -1.62
CA GLU A 160 -11.64 -11.28 -0.95
C GLU A 160 -12.17 -12.43 -0.12
N THR A 161 -11.73 -12.51 1.14
CA THR A 161 -12.17 -13.56 2.05
C THR A 161 -13.68 -13.56 2.22
N GLY A 1 -3.54 23.56 1.50
CA GLY A 1 -4.39 23.11 0.36
C GLY A 1 -5.78 23.71 0.40
N SER A 2 -6.52 23.53 -0.69
CA SER A 2 -7.88 24.06 -0.77
C SER A 2 -8.78 23.13 -1.57
N SER A 3 -8.17 22.17 -2.26
CA SER A 3 -8.91 21.21 -3.08
C SER A 3 -8.25 19.83 -3.02
N ILE A 4 -7.29 19.68 -2.11
CA ILE A 4 -6.59 18.41 -1.96
C ILE A 4 -7.21 17.57 -0.84
N THR A 5 -7.82 18.25 0.12
CA THR A 5 -8.46 17.58 1.24
C THR A 5 -9.95 17.37 0.99
N GLY A 6 -10.58 16.54 1.81
CA GLY A 6 -11.99 16.27 1.66
C GLY A 6 -12.28 15.18 0.65
N ILE A 7 -11.29 14.33 0.41
CA ILE A 7 -11.42 13.24 -0.55
C ILE A 7 -12.46 12.23 -0.06
N SER A 8 -13.15 11.60 -1.01
CA SER A 8 -14.18 10.61 -0.69
C SER A 8 -13.73 9.21 -1.13
N PRO A 9 -14.08 8.17 -0.34
CA PRO A 9 -13.71 6.79 -0.65
C PRO A 9 -14.57 6.20 -1.76
N ILE A 10 -13.96 5.38 -2.61
CA ILE A 10 -14.67 4.74 -3.71
C ILE A 10 -15.19 3.37 -3.31
N THR A 11 -14.30 2.55 -2.76
CA THR A 11 -14.67 1.20 -2.33
C THR A 11 -13.79 0.73 -1.17
N GLU A 12 -14.35 -0.11 -0.32
CA GLU A 12 -13.62 -0.63 0.82
C GLU A 12 -13.89 -2.12 1.03
N TYR A 13 -12.83 -2.89 1.22
CA TYR A 13 -12.96 -4.33 1.43
C TYR A 13 -11.78 -4.88 2.20
N LEU A 14 -11.92 -6.12 2.69
CA LEU A 14 -10.85 -6.77 3.45
C LEU A 14 -10.03 -7.68 2.55
N ALA A 15 -8.70 -7.58 2.68
CA ALA A 15 -7.79 -8.39 1.88
C ALA A 15 -6.39 -8.40 2.49
N SER A 16 -5.74 -9.56 2.45
CA SER A 16 -4.40 -9.70 3.00
C SER A 16 -3.33 -9.57 1.93
N LEU A 17 -2.24 -8.88 2.26
CA LEU A 17 -1.14 -8.70 1.31
C LEU A 17 -0.29 -9.96 1.22
N SER A 18 -0.09 -10.46 0.00
CA SER A 18 0.71 -11.66 -0.20
C SER A 18 1.80 -11.43 -1.24
N THR A 19 3.04 -11.79 -0.88
CA THR A 19 4.18 -11.63 -1.78
C THR A 19 4.01 -12.50 -3.02
N TYR A 20 4.89 -12.29 -4.00
CA TYR A 20 4.84 -13.04 -5.25
C TYR A 20 5.40 -14.46 -5.04
N ASN A 21 5.96 -14.71 -3.87
CA ASN A 21 6.52 -16.02 -3.55
C ASN A 21 5.49 -16.89 -2.84
N ASP A 22 4.21 -16.61 -3.10
CA ASP A 22 3.12 -17.37 -2.49
C ASP A 22 3.16 -17.27 -0.98
N GLN A 23 3.68 -16.16 -0.47
CA GLN A 23 3.78 -15.94 0.97
C GLN A 23 2.83 -14.82 1.40
N SER A 24 2.45 -14.81 2.66
CA SER A 24 1.56 -13.78 3.19
C SER A 24 2.26 -12.93 4.23
N ILE A 25 1.78 -11.69 4.39
CA ILE A 25 2.36 -10.76 5.36
C ILE A 25 1.61 -10.82 6.67
N THR A 26 2.34 -10.79 7.78
CA THR A 26 1.74 -10.84 9.11
C THR A 26 2.00 -9.54 9.87
N PHE A 27 0.99 -9.09 10.62
CA PHE A 27 1.11 -7.86 11.40
C PHE A 27 0.79 -8.11 12.86
N ALA A 28 1.84 -8.30 13.67
CA ALA A 28 1.67 -8.53 15.10
C ALA A 28 1.95 -7.27 15.90
N LEU A 29 0.91 -6.73 16.51
CA LEU A 29 1.04 -5.51 17.30
C LEU A 29 0.73 -5.77 18.78
N GLU A 30 1.70 -5.48 19.64
CA GLU A 30 1.53 -5.69 21.07
C GLU A 30 1.03 -4.43 21.76
N ASP A 31 1.02 -4.44 23.08
CA ASP A 31 0.56 -3.29 23.87
C ASP A 31 1.19 -1.99 23.36
N GLU A 32 2.42 -2.07 22.86
CA GLU A 32 3.10 -0.89 22.35
C GLU A 32 4.23 -1.26 21.39
N SER A 33 4.31 -2.54 21.03
CA SER A 33 5.36 -3.00 20.13
C SER A 33 4.79 -3.23 18.73
N TYR A 34 5.67 -3.13 17.73
CA TYR A 34 5.26 -3.33 16.34
C TYR A 34 6.22 -4.30 15.64
N GLU A 35 5.67 -5.36 15.09
CA GLU A 35 6.48 -6.36 14.40
C GLU A 35 5.87 -6.75 13.06
N ILE A 36 6.71 -6.81 12.04
CA ILE A 36 6.26 -7.18 10.70
C ILE A 36 7.14 -8.28 10.12
N TYR A 37 6.52 -9.40 9.76
CA TYR A 37 7.25 -10.53 9.19
C TYR A 37 6.40 -11.27 8.17
N VAL A 38 7.06 -11.85 7.17
CA VAL A 38 6.37 -12.60 6.13
C VAL A 38 6.39 -14.10 6.40
N GLU A 39 5.21 -14.69 6.52
CA GLU A 39 5.10 -16.12 6.78
C GLU A 39 4.73 -16.89 5.51
N ASP A 40 5.14 -18.15 5.43
CA ASP A 40 4.86 -18.98 4.27
C ASP A 40 3.74 -19.97 4.56
N LEU A 41 2.80 -20.09 3.62
CA LEU A 41 1.68 -21.01 3.78
C LEU A 41 2.07 -22.42 3.38
N LYS A 42 1.95 -23.36 4.32
CA LYS A 42 2.29 -24.75 4.06
C LYS A 42 1.04 -25.58 3.78
N LYS A 43 0.30 -25.91 4.82
CA LYS A 43 -0.92 -26.70 4.69
C LYS A 43 -2.16 -25.83 4.93
N ASP A 44 -2.45 -25.56 6.20
CA ASP A 44 -3.60 -24.75 6.57
C ASP A 44 -3.25 -23.79 7.70
N GLU A 45 -2.96 -22.54 7.33
CA GLU A 45 -2.61 -21.52 8.31
C GLU A 45 -3.31 -20.20 8.00
N LYS A 46 -3.99 -19.65 9.00
CA LYS A 46 -4.70 -18.39 8.83
C LYS A 46 -3.74 -17.21 8.94
N LYS A 47 -4.01 -16.15 8.17
CA LYS A 47 -3.15 -14.97 8.19
C LYS A 47 -3.95 -13.71 8.52
N ASP A 48 -3.24 -12.62 8.73
CA ASP A 48 -3.86 -11.34 9.08
C ASP A 48 -4.40 -10.64 7.83
N LYS A 49 -5.63 -10.15 7.91
CA LYS A 49 -6.26 -9.43 6.81
C LYS A 49 -6.03 -7.93 6.95
N VAL A 50 -6.01 -7.23 5.82
CA VAL A 50 -5.78 -5.79 5.83
C VAL A 50 -6.92 -5.04 5.15
N LEU A 51 -7.43 -4.01 5.82
CA LEU A 51 -8.51 -3.20 5.27
C LEU A 51 -7.99 -2.29 4.16
N LEU A 52 -8.48 -2.52 2.95
CA LEU A 52 -8.06 -1.73 1.80
C LEU A 52 -9.18 -0.81 1.31
N SER A 53 -8.84 0.47 1.15
CA SER A 53 -9.79 1.47 0.68
C SER A 53 -9.20 2.25 -0.51
N TYR A 54 -10.03 2.50 -1.52
CA TYR A 54 -9.59 3.23 -2.70
C TYR A 54 -9.93 4.72 -2.61
N TYR A 55 -9.15 5.54 -3.31
CA TYR A 55 -9.36 6.98 -3.31
C TYR A 55 -9.05 7.57 -4.69
N GLU A 56 -9.76 8.63 -5.05
CA GLU A 56 -9.56 9.29 -6.33
C GLU A 56 -9.16 10.75 -6.15
N SER A 57 -8.07 11.16 -6.81
CA SER A 57 -7.59 12.52 -6.71
C SER A 57 -8.26 13.41 -7.76
N GLN A 58 -8.90 14.48 -7.29
CA GLN A 58 -9.58 15.42 -8.18
C GLN A 58 -8.98 16.82 -8.07
N HIS A 59 -8.25 17.23 -9.09
CA HIS A 59 -7.63 18.56 -9.10
C HIS A 59 -8.54 19.57 -9.79
N PRO A 60 -8.52 20.84 -9.31
CA PRO A 60 -9.35 21.90 -9.89
C PRO A 60 -8.73 22.51 -11.14
N SER A 61 -7.63 21.93 -11.61
CA SER A 61 -6.95 22.44 -12.79
C SER A 61 -6.37 21.30 -13.63
N ASN A 62 -6.95 20.11 -13.48
CA ASN A 62 -6.49 18.94 -14.22
C ASN A 62 -7.65 18.01 -14.55
N GLU A 63 -8.22 18.18 -15.74
CA GLU A 63 -9.34 17.36 -16.19
C GLU A 63 -10.49 17.42 -15.20
N SER A 64 -11.39 18.38 -15.40
CA SER A 64 -12.54 18.55 -14.52
C SER A 64 -13.79 18.92 -15.32
N GLY A 65 -14.32 17.96 -16.06
CA GLY A 65 -15.49 18.21 -16.87
C GLY A 65 -15.27 17.88 -18.33
N ASP A 66 -15.81 16.73 -18.77
CA ASP A 66 -15.67 16.30 -20.15
C ASP A 66 -14.20 16.15 -20.54
N GLY A 67 -13.68 14.93 -20.42
CA GLY A 67 -12.29 14.68 -20.77
C GLY A 67 -11.96 13.20 -20.78
N VAL A 68 -10.67 12.89 -20.67
CA VAL A 68 -10.20 11.52 -20.67
C VAL A 68 -10.34 10.89 -19.29
N ASP A 69 -10.23 11.71 -18.26
CA ASP A 69 -10.34 11.26 -16.88
C ASP A 69 -9.35 10.12 -16.60
N GLY A 70 -8.13 10.47 -16.19
CA GLY A 70 -7.13 9.47 -15.91
C GLY A 70 -6.35 9.78 -14.64
N LYS A 71 -7.06 10.13 -13.58
CA LYS A 71 -6.43 10.44 -12.30
C LYS A 71 -5.96 9.17 -11.60
N MET A 72 -4.82 9.27 -10.92
CA MET A 72 -4.27 8.13 -10.20
C MET A 72 -5.11 7.78 -8.98
N LEU A 73 -5.44 6.51 -8.84
CA LEU A 73 -6.25 6.04 -7.71
C LEU A 73 -5.37 5.60 -6.55
N MET A 74 -5.51 6.29 -5.42
CA MET A 74 -4.73 5.97 -4.23
C MET A 74 -5.38 4.84 -3.44
N VAL A 75 -4.65 4.29 -2.48
CA VAL A 75 -5.16 3.21 -1.65
C VAL A 75 -4.61 3.28 -0.24
N THR A 76 -5.45 2.92 0.73
CA THR A 76 -5.05 2.92 2.12
C THR A 76 -5.18 1.52 2.71
N LEU A 77 -4.14 1.09 3.43
CA LEU A 77 -4.13 -0.24 4.02
C LEU A 77 -4.16 -0.15 5.55
N SER A 78 -5.02 -0.93 6.17
CA SER A 78 -5.15 -0.93 7.63
C SER A 78 -5.39 -2.34 8.18
N PRO A 79 -4.32 -3.07 8.51
CA PRO A 79 -4.43 -4.44 9.04
C PRO A 79 -5.15 -4.47 10.38
N THR A 80 -5.05 -3.36 11.12
CA THR A 80 -5.70 -3.25 12.42
C THR A 80 -6.89 -2.28 12.35
N LYS A 81 -7.23 -1.69 13.48
CA LYS A 81 -8.35 -0.76 13.54
C LYS A 81 -7.97 0.63 13.05
N ASP A 82 -7.31 1.40 13.90
CA ASP A 82 -6.91 2.77 13.55
C ASP A 82 -5.52 2.83 12.91
N PHE A 83 -4.56 2.10 13.47
CA PHE A 83 -3.20 2.09 12.95
C PHE A 83 -3.17 1.94 11.43
N TRP A 84 -2.67 2.98 10.75
CA TRP A 84 -2.57 2.97 9.29
C TRP A 84 -1.12 2.81 8.85
N LEU A 85 -0.92 2.54 7.57
CA LEU A 85 0.42 2.37 7.02
C LEU A 85 1.02 3.71 6.60
N HIS A 86 2.24 3.98 7.08
CA HIS A 86 2.92 5.22 6.78
C HIS A 86 4.33 4.95 6.25
N ALA A 87 4.77 5.76 5.28
CA ALA A 87 6.08 5.60 4.68
C ALA A 87 7.14 6.38 5.46
N ASN A 88 7.88 5.68 6.31
CA ASN A 88 8.94 6.30 7.10
C ASN A 88 10.22 6.43 6.28
N ASN A 89 10.38 7.58 5.63
CA ASN A 89 11.54 7.83 4.79
C ASN A 89 12.83 7.82 5.62
N LYS A 90 12.71 8.05 6.91
CA LYS A 90 13.86 8.07 7.81
C LYS A 90 14.59 6.73 7.80
N GLU A 91 13.82 5.65 7.63
CA GLU A 91 14.38 4.31 7.61
C GLU A 91 14.04 3.61 6.30
N HIS A 92 13.36 4.31 5.41
CA HIS A 92 12.96 3.77 4.12
C HIS A 92 12.13 2.49 4.29
N SER A 93 11.19 2.54 5.24
CA SER A 93 10.33 1.39 5.50
C SER A 93 8.93 1.84 5.89
N VAL A 94 7.98 0.89 5.90
CA VAL A 94 6.61 1.20 6.24
C VAL A 94 6.30 0.78 7.68
N GLU A 95 5.68 1.68 8.44
CA GLU A 95 5.34 1.40 9.82
C GLU A 95 3.89 1.75 10.11
N LEU A 96 3.33 1.12 11.14
CA LEU A 96 1.94 1.36 11.52
C LEU A 96 1.86 2.47 12.57
N HIS A 97 1.15 3.54 12.25
CA HIS A 97 0.99 4.66 13.17
C HIS A 97 -0.47 5.09 13.25
N LYS A 98 -0.89 5.49 14.46
CA LYS A 98 -2.26 5.93 14.68
C LYS A 98 -2.33 7.44 14.87
N CYS A 99 -2.59 8.16 13.79
CA CYS A 99 -2.69 9.61 13.84
C CYS A 99 -4.14 10.07 13.89
N GLU A 100 -4.34 11.39 13.91
CA GLU A 100 -5.69 11.95 13.96
C GLU A 100 -6.49 11.54 12.72
N LYS A 101 -7.77 11.92 12.70
CA LYS A 101 -8.64 11.59 11.58
C LYS A 101 -8.05 12.05 10.24
N PRO A 102 -7.65 13.35 10.13
CA PRO A 102 -7.08 13.87 8.88
C PRO A 102 -5.85 13.09 8.43
N LEU A 103 -6.07 12.10 7.58
CA LEU A 103 -4.99 11.25 7.07
C LEU A 103 -3.97 12.10 6.29
N PRO A 104 -2.66 11.88 6.53
CA PRO A 104 -1.60 12.62 5.85
C PRO A 104 -1.33 12.08 4.44
N ASP A 105 -0.52 12.81 3.68
CA ASP A 105 -0.19 12.42 2.31
C ASP A 105 0.59 11.11 2.29
N GLN A 106 1.11 10.71 3.44
CA GLN A 106 1.88 9.48 3.54
C GLN A 106 0.97 8.28 3.81
N ALA A 107 -0.34 8.54 3.87
CA ALA A 107 -1.31 7.49 4.12
C ALA A 107 -1.92 6.97 2.82
N PHE A 108 -1.93 7.82 1.79
CA PHE A 108 -2.47 7.44 0.49
C PHE A 108 -1.36 6.98 -0.45
N PHE A 109 -1.43 5.72 -0.88
CA PHE A 109 -0.43 5.16 -1.78
C PHE A 109 -1.01 4.96 -3.17
N VAL A 110 -0.27 5.42 -4.19
CA VAL A 110 -0.72 5.28 -5.57
C VAL A 110 -0.48 3.86 -6.07
N LEU A 111 -1.57 3.12 -6.27
CA LEU A 111 -1.48 1.74 -6.75
C LEU A 111 -1.16 1.69 -8.24
N HIS A 112 -0.26 0.78 -8.61
CA HIS A 112 0.14 0.62 -10.00
C HIS A 112 0.09 -0.86 -10.41
N ASN A 113 -0.34 -1.12 -11.64
CA ASN A 113 -0.44 -2.48 -12.13
C ASN A 113 0.93 -3.02 -12.54
N MET A 114 1.22 -4.26 -12.16
CA MET A 114 2.50 -4.89 -12.49
C MET A 114 2.28 -6.14 -13.34
N HIS A 115 1.54 -7.10 -12.79
CA HIS A 115 1.27 -8.35 -13.49
C HIS A 115 -0.24 -8.53 -13.68
N SER A 116 -0.64 -9.78 -13.95
CA SER A 116 -2.05 -10.11 -14.17
C SER A 116 -2.91 -9.67 -12.98
N ASN A 117 -2.54 -10.13 -11.78
CA ASN A 117 -3.28 -9.79 -10.58
C ASN A 117 -2.38 -9.19 -9.51
N CYS A 118 -1.13 -8.90 -9.88
CA CYS A 118 -0.18 -8.33 -8.94
C CYS A 118 -0.12 -6.81 -9.08
N VAL A 119 0.03 -6.11 -7.97
CA VAL A 119 0.09 -4.65 -7.98
C VAL A 119 1.17 -4.13 -7.05
N SER A 120 1.42 -2.83 -7.11
CA SER A 120 2.44 -2.19 -6.27
C SER A 120 1.88 -0.94 -5.60
N PHE A 121 2.40 -0.63 -4.42
CA PHE A 121 1.95 0.54 -3.67
C PHE A 121 3.01 1.64 -3.70
N GLU A 122 2.86 2.58 -4.62
CA GLU A 122 3.80 3.69 -4.75
C GLU A 122 3.48 4.80 -3.76
N CYS A 123 4.52 5.48 -3.29
CA CYS A 123 4.34 6.58 -2.33
C CYS A 123 3.94 7.86 -3.04
N LYS A 124 2.92 8.53 -2.51
CA LYS A 124 2.42 9.77 -3.09
C LYS A 124 3.38 10.92 -2.85
N THR A 125 4.08 10.88 -1.72
CA THR A 125 5.03 11.94 -1.36
C THR A 125 6.37 11.71 -2.07
N ASP A 126 6.63 10.47 -2.44
CA ASP A 126 7.87 10.12 -3.13
C ASP A 126 7.58 9.20 -4.32
N PRO A 127 7.42 9.79 -5.53
CA PRO A 127 7.15 9.01 -6.74
C PRO A 127 8.34 8.14 -7.14
N GLY A 128 8.07 6.89 -7.49
CA GLY A 128 9.13 5.99 -7.91
C GLY A 128 9.39 4.88 -6.90
N VAL A 129 9.06 5.12 -5.64
CA VAL A 129 9.26 4.11 -4.60
C VAL A 129 7.96 3.38 -4.27
N PHE A 130 8.06 2.07 -4.07
CA PHE A 130 6.90 1.25 -3.76
C PHE A 130 7.16 0.36 -2.55
N ILE A 131 6.10 -0.03 -1.87
CA ILE A 131 6.22 -0.91 -0.71
C ILE A 131 6.65 -2.30 -1.14
N GLY A 132 7.49 -2.95 -0.35
CA GLY A 132 7.94 -4.28 -0.70
C GLY A 132 8.71 -4.97 0.41
N VAL A 133 8.72 -6.30 0.37
CA VAL A 133 9.42 -7.09 1.36
C VAL A 133 10.93 -7.03 1.15
N LYS A 134 11.62 -6.34 2.05
CA LYS A 134 13.07 -6.20 1.95
C LYS A 134 13.76 -7.50 2.36
N ASP A 135 14.11 -7.62 3.64
CA ASP A 135 14.77 -8.81 4.15
C ASP A 135 13.75 -9.86 4.59
N ASN A 136 12.79 -9.43 5.41
CA ASN A 136 11.75 -10.30 5.90
C ASN A 136 10.54 -9.50 6.37
N HIS A 137 10.54 -8.21 6.05
CA HIS A 137 9.44 -7.32 6.43
C HIS A 137 9.18 -6.29 5.34
N LEU A 138 8.18 -5.43 5.57
CA LEU A 138 7.84 -4.39 4.60
C LEU A 138 8.84 -3.25 4.64
N ALA A 139 9.11 -2.68 3.47
CA ALA A 139 10.05 -1.57 3.35
C ALA A 139 9.84 -0.80 2.06
N LEU A 140 10.20 0.47 2.07
CA LEU A 140 10.06 1.32 0.90
C LEU A 140 11.13 0.99 -0.15
N ILE A 141 10.79 0.09 -1.06
CA ILE A 141 11.73 -0.33 -2.10
C ILE A 141 11.49 0.46 -3.38
N LYS A 142 12.47 1.30 -3.74
CA LYS A 142 12.35 2.12 -4.94
C LYS A 142 13.04 1.44 -6.13
N VAL A 143 12.22 0.96 -7.07
CA VAL A 143 12.74 0.29 -8.25
C VAL A 143 12.45 1.10 -9.51
N ASP A 144 13.51 1.57 -10.15
CA ASP A 144 13.38 2.36 -11.38
C ASP A 144 12.65 1.56 -12.45
N SER A 145 11.89 2.28 -13.29
CA SER A 145 11.13 1.64 -14.36
C SER A 145 12.06 1.13 -15.46
N SER A 146 11.73 -0.06 -16.00
CA SER A 146 12.50 -0.67 -17.07
C SER A 146 13.91 -1.05 -16.60
N GLU A 147 14.20 -0.81 -15.32
CA GLU A 147 15.51 -1.14 -14.77
C GLU A 147 15.49 -2.52 -14.12
N ASN A 148 14.58 -2.71 -13.16
CA ASN A 148 14.45 -3.97 -12.45
C ASN A 148 12.98 -4.35 -12.30
N LEU A 149 12.28 -4.47 -13.42
CA LEU A 149 10.86 -4.82 -13.41
C LEU A 149 10.66 -6.30 -13.05
N CYS A 150 11.77 -7.02 -12.94
CA CYS A 150 11.72 -8.44 -12.61
C CYS A 150 11.89 -8.65 -11.10
N THR A 151 11.55 -7.61 -10.33
CA THR A 151 11.67 -7.67 -8.88
C THR A 151 10.35 -8.11 -8.23
N GLU A 152 10.34 -9.33 -7.72
CA GLU A 152 9.13 -9.88 -7.08
C GLU A 152 8.80 -9.12 -5.79
N ASN A 153 9.78 -8.41 -5.25
CA ASN A 153 9.59 -7.66 -4.01
C ASN A 153 8.51 -6.58 -4.17
N ILE A 154 8.54 -5.88 -5.30
CA ILE A 154 7.57 -4.82 -5.56
C ILE A 154 6.27 -5.37 -6.13
N LEU A 155 5.99 -6.64 -5.86
CA LEU A 155 4.78 -7.28 -6.35
C LEU A 155 3.91 -7.76 -5.18
N PHE A 156 2.65 -7.35 -5.17
CA PHE A 156 1.73 -7.74 -4.10
C PHE A 156 0.49 -8.44 -4.66
N LYS A 157 -0.06 -9.34 -3.85
CA LYS A 157 -1.26 -10.09 -4.23
C LYS A 157 -2.36 -9.88 -3.20
N LEU A 158 -3.60 -9.85 -3.65
CA LEU A 158 -4.74 -9.65 -2.76
C LEU A 158 -5.68 -10.85 -2.79
N SER A 159 -6.48 -10.98 -1.74
CA SER A 159 -7.44 -12.08 -1.63
C SER A 159 -8.69 -11.62 -0.89
N GLU A 160 -9.84 -11.71 -1.56
CA GLU A 160 -11.10 -11.31 -0.95
C GLU A 160 -11.63 -12.39 -0.02
N THR A 161 -11.18 -12.36 1.23
CA THR A 161 -11.61 -13.33 2.22
C THR A 161 -12.22 -12.64 3.45
N GLY A 1 -2.09 22.77 -2.45
CA GLY A 1 -2.95 22.70 -1.23
C GLY A 1 -4.29 23.36 -1.42
N SER A 2 -5.21 22.68 -2.10
CA SER A 2 -6.54 23.22 -2.35
C SER A 2 -7.55 22.10 -2.60
N SER A 3 -7.05 20.95 -3.05
CA SER A 3 -7.91 19.82 -3.33
C SER A 3 -7.24 18.51 -2.89
N ILE A 4 -6.55 18.55 -1.76
CA ILE A 4 -5.86 17.37 -1.24
C ILE A 4 -6.73 16.65 -0.21
N THR A 5 -7.55 17.41 0.51
CA THR A 5 -8.42 16.83 1.52
C THR A 5 -9.89 16.95 1.13
N GLY A 6 -10.72 16.11 1.73
CA GLY A 6 -12.15 16.13 1.43
C GLY A 6 -12.55 15.10 0.40
N ILE A 7 -11.70 14.09 0.23
CA ILE A 7 -11.97 13.02 -0.73
C ILE A 7 -12.75 11.88 -0.09
N SER A 8 -13.77 11.40 -0.79
CA SER A 8 -14.60 10.31 -0.30
C SER A 8 -14.04 8.95 -0.74
N PRO A 9 -14.15 7.92 0.14
CA PRO A 9 -13.65 6.57 -0.16
C PRO A 9 -14.49 5.88 -1.24
N ILE A 10 -13.81 5.40 -2.27
CA ILE A 10 -14.47 4.70 -3.37
C ILE A 10 -15.06 3.37 -2.92
N THR A 11 -14.26 2.59 -2.19
CA THR A 11 -14.71 1.30 -1.70
C THR A 11 -13.76 0.77 -0.63
N GLU A 12 -14.27 -0.12 0.22
CA GLU A 12 -13.47 -0.71 1.28
C GLU A 12 -13.70 -2.21 1.37
N TYR A 13 -12.63 -2.95 1.68
CA TYR A 13 -12.72 -4.40 1.79
C TYR A 13 -11.52 -4.97 2.55
N LEU A 14 -11.68 -6.19 3.06
CA LEU A 14 -10.61 -6.84 3.80
C LEU A 14 -9.77 -7.73 2.90
N ALA A 15 -8.47 -7.49 2.88
CA ALA A 15 -7.56 -8.28 2.06
C ALA A 15 -6.20 -8.39 2.73
N SER A 16 -5.35 -9.25 2.18
CA SER A 16 -4.01 -9.45 2.73
C SER A 16 -2.95 -9.39 1.63
N LEU A 17 -1.85 -8.73 1.92
CA LEU A 17 -0.76 -8.60 0.95
C LEU A 17 0.04 -9.89 0.87
N SER A 18 0.12 -10.47 -0.31
CA SER A 18 0.86 -11.70 -0.51
C SER A 18 1.99 -11.52 -1.52
N THR A 19 3.19 -11.91 -1.13
CA THR A 19 4.36 -11.78 -2.00
C THR A 19 4.26 -12.76 -3.17
N TYR A 20 4.99 -12.47 -4.24
CA TYR A 20 4.99 -13.33 -5.42
C TYR A 20 5.52 -14.72 -5.11
N ASN A 21 6.06 -14.88 -3.92
CA ASN A 21 6.61 -16.17 -3.49
C ASN A 21 5.54 -16.99 -2.77
N ASP A 22 4.27 -16.69 -3.07
CA ASP A 22 3.14 -17.37 -2.47
C ASP A 22 3.08 -17.13 -0.96
N GLN A 23 3.93 -16.24 -0.47
CA GLN A 23 3.96 -15.91 0.95
C GLN A 23 3.03 -14.74 1.25
N SER A 24 2.77 -14.53 2.54
CA SER A 24 1.88 -13.43 2.97
C SER A 24 2.54 -12.61 4.08
N ILE A 25 2.15 -11.34 4.18
CA ILE A 25 2.70 -10.44 5.19
C ILE A 25 1.91 -10.56 6.50
N THR A 26 2.55 -11.11 7.52
CA THR A 26 1.91 -11.27 8.82
C THR A 26 2.16 -10.05 9.71
N PHE A 27 1.08 -9.45 10.20
CA PHE A 27 1.19 -8.28 11.06
C PHE A 27 0.93 -8.67 12.52
N ALA A 28 2.01 -8.98 13.23
CA ALA A 28 1.91 -9.36 14.64
C ALA A 28 1.73 -8.13 15.53
N LEU A 29 0.52 -7.97 16.06
CA LEU A 29 0.22 -6.84 16.92
C LEU A 29 0.31 -7.23 18.40
N GLU A 30 1.28 -6.65 19.09
CA GLU A 30 1.48 -6.92 20.51
C GLU A 30 0.74 -5.90 21.36
N ASP A 31 0.98 -5.93 22.67
CA ASP A 31 0.33 -4.99 23.59
C ASP A 31 0.69 -3.55 23.25
N GLU A 32 1.92 -3.36 22.78
CA GLU A 32 2.40 -2.04 22.41
C GLU A 32 3.51 -2.12 21.38
N SER A 33 3.95 -3.35 21.09
CA SER A 33 5.01 -3.58 20.11
C SER A 33 4.42 -3.86 18.74
N TYR A 34 5.18 -3.56 17.69
CA TYR A 34 4.73 -3.78 16.32
C TYR A 34 5.74 -4.61 15.54
N GLU A 35 5.41 -5.87 15.31
CA GLU A 35 6.30 -6.77 14.56
C GLU A 35 5.64 -7.26 13.29
N ILE A 36 6.29 -7.00 12.15
CA ILE A 36 5.76 -7.41 10.86
C ILE A 36 6.77 -8.27 10.10
N TYR A 37 6.38 -9.50 9.80
CA TYR A 37 7.26 -10.42 9.08
C TYR A 37 6.47 -11.26 8.08
N VAL A 38 7.14 -11.69 7.02
CA VAL A 38 6.50 -12.50 5.99
C VAL A 38 6.60 -13.99 6.32
N GLU A 39 5.46 -14.68 6.28
CA GLU A 39 5.42 -16.11 6.58
C GLU A 39 5.02 -16.90 5.33
N ASP A 40 5.28 -18.20 5.37
CA ASP A 40 4.95 -19.08 4.25
C ASP A 40 3.65 -19.84 4.52
N LEU A 41 2.81 -19.97 3.49
CA LEU A 41 1.54 -20.68 3.63
C LEU A 41 1.74 -22.17 3.42
N LYS A 42 1.52 -22.93 4.48
CA LYS A 42 1.67 -24.39 4.43
C LYS A 42 0.34 -25.07 4.71
N LYS A 43 -0.11 -25.91 3.78
CA LYS A 43 -1.36 -26.63 3.91
C LYS A 43 -2.53 -25.69 4.18
N ASP A 44 -2.75 -25.37 5.45
CA ASP A 44 -3.84 -24.47 5.84
C ASP A 44 -3.45 -23.61 7.03
N GLU A 45 -2.98 -22.40 6.75
CA GLU A 45 -2.58 -21.47 7.80
C GLU A 45 -3.25 -20.11 7.63
N LYS A 46 -3.72 -19.55 8.73
CA LYS A 46 -4.39 -18.26 8.72
C LYS A 46 -3.38 -17.12 8.84
N LYS A 47 -3.61 -16.05 8.09
CA LYS A 47 -2.73 -14.89 8.12
C LYS A 47 -3.46 -13.64 8.57
N ASP A 48 -2.73 -12.53 8.67
CA ASP A 48 -3.30 -11.26 9.10
C ASP A 48 -3.98 -10.54 7.94
N LYS A 49 -5.23 -10.14 8.15
CA LYS A 49 -5.99 -9.44 7.13
C LYS A 49 -6.03 -7.94 7.42
N VAL A 50 -5.67 -7.15 6.41
CA VAL A 50 -5.65 -5.70 6.54
C VAL A 50 -6.80 -5.05 5.77
N LEU A 51 -7.41 -4.02 6.36
CA LEU A 51 -8.51 -3.32 5.73
C LEU A 51 -8.00 -2.30 4.71
N LEU A 52 -8.28 -2.57 3.43
CA LEU A 52 -7.83 -1.68 2.36
C LEU A 52 -8.97 -0.85 1.81
N SER A 53 -8.68 0.41 1.48
CA SER A 53 -9.67 1.32 0.93
C SER A 53 -9.11 2.08 -0.27
N TYR A 54 -9.98 2.40 -1.23
CA TYR A 54 -9.56 3.14 -2.42
C TYR A 54 -9.98 4.61 -2.35
N TYR A 55 -9.26 5.45 -3.08
CA TYR A 55 -9.56 6.88 -3.11
C TYR A 55 -9.32 7.46 -4.50
N GLU A 56 -10.22 8.33 -4.94
CA GLU A 56 -10.11 8.95 -6.25
C GLU A 56 -9.62 10.39 -6.14
N SER A 57 -9.00 10.89 -7.20
CA SER A 57 -8.47 12.25 -7.22
C SER A 57 -9.08 13.04 -8.37
N GLN A 58 -9.12 14.37 -8.22
CA GLN A 58 -9.67 15.24 -9.25
C GLN A 58 -8.71 16.38 -9.57
N HIS A 59 -8.51 16.63 -10.86
CA HIS A 59 -7.62 17.68 -11.32
C HIS A 59 -8.42 18.94 -11.71
N PRO A 60 -8.12 20.09 -11.08
CA PRO A 60 -8.83 21.35 -11.37
C PRO A 60 -8.49 21.88 -12.77
N SER A 61 -9.46 22.56 -13.38
CA SER A 61 -9.28 23.11 -14.72
C SER A 61 -8.90 22.03 -15.72
N ASN A 62 -9.86 21.16 -16.02
CA ASN A 62 -9.64 20.07 -16.97
C ASN A 62 -10.97 19.44 -17.39
N GLU A 63 -11.88 19.30 -16.42
CA GLU A 63 -13.19 18.73 -16.69
C GLU A 63 -13.07 17.33 -17.32
N SER A 64 -13.06 16.31 -16.48
CA SER A 64 -12.96 14.93 -16.95
C SER A 64 -14.16 14.56 -17.82
N GLY A 65 -13.92 13.69 -18.79
CA GLY A 65 -15.00 13.27 -19.68
C GLY A 65 -14.83 11.85 -20.17
N ASP A 66 -13.87 11.13 -19.58
CA ASP A 66 -13.60 9.75 -19.96
C ASP A 66 -13.26 9.64 -21.44
N GLY A 67 -11.97 9.74 -21.76
CA GLY A 67 -11.54 9.64 -23.14
C GLY A 67 -10.03 9.58 -23.27
N VAL A 68 -9.34 10.41 -22.49
CA VAL A 68 -7.88 10.45 -22.52
C VAL A 68 -7.31 10.64 -21.13
N ASP A 69 -6.31 9.83 -20.79
CA ASP A 69 -5.66 9.90 -19.48
C ASP A 69 -6.64 9.57 -18.35
N GLY A 70 -6.10 9.29 -17.17
CA GLY A 70 -6.93 8.97 -16.03
C GLY A 70 -6.28 9.35 -14.71
N LYS A 71 -7.09 9.84 -13.77
CA LYS A 71 -6.59 10.24 -12.47
C LYS A 71 -6.08 9.03 -11.69
N MET A 72 -4.98 9.22 -10.97
CA MET A 72 -4.39 8.16 -10.17
C MET A 72 -5.24 7.87 -8.94
N LEU A 73 -5.50 6.58 -8.70
CA LEU A 73 -6.28 6.16 -7.55
C LEU A 73 -5.40 5.81 -6.36
N MET A 74 -5.63 6.47 -5.23
CA MET A 74 -4.84 6.21 -4.03
C MET A 74 -5.42 5.04 -3.25
N VAL A 75 -4.65 4.54 -2.29
CA VAL A 75 -5.09 3.41 -1.47
C VAL A 75 -4.59 3.55 -0.04
N THR A 76 -5.36 3.03 0.90
CA THR A 76 -5.00 3.08 2.31
C THR A 76 -5.04 1.68 2.91
N LEU A 77 -4.00 1.34 3.66
CA LEU A 77 -3.90 0.03 4.29
C LEU A 77 -3.94 0.16 5.81
N SER A 78 -5.01 -0.33 6.42
CA SER A 78 -5.17 -0.27 7.87
C SER A 78 -5.36 -1.66 8.47
N PRO A 79 -4.30 -2.25 9.05
CA PRO A 79 -4.38 -3.57 9.67
C PRO A 79 -5.15 -3.55 10.99
N THR A 80 -5.41 -2.34 11.49
CA THR A 80 -6.13 -2.18 12.74
C THR A 80 -7.35 -1.28 12.53
N LYS A 81 -7.77 -0.62 13.61
CA LYS A 81 -8.93 0.27 13.55
C LYS A 81 -8.52 1.67 13.11
N ASP A 82 -7.81 2.39 13.98
CA ASP A 82 -7.38 3.74 13.69
C ASP A 82 -6.00 3.77 13.02
N PHE A 83 -5.04 3.03 13.59
CA PHE A 83 -3.68 2.98 13.06
C PHE A 83 -3.66 2.78 11.55
N TRP A 84 -2.97 3.67 10.85
CA TRP A 84 -2.85 3.60 9.39
C TRP A 84 -1.41 3.35 8.99
N LEU A 85 -1.22 2.77 7.80
CA LEU A 85 0.12 2.47 7.30
C LEU A 85 0.83 3.73 6.85
N HIS A 86 1.93 4.05 7.53
CA HIS A 86 2.73 5.23 7.20
C HIS A 86 4.15 4.85 6.85
N ALA A 87 4.66 5.39 5.74
CA ALA A 87 6.02 5.09 5.29
C ALA A 87 6.98 6.22 5.63
N ASN A 88 7.99 5.91 6.44
CA ASN A 88 8.99 6.89 6.84
C ASN A 88 10.13 6.94 5.84
N ASN A 89 10.23 8.04 5.11
CA ASN A 89 11.28 8.22 4.10
C ASN A 89 12.64 8.43 4.77
N LYS A 90 12.65 8.50 6.10
CA LYS A 90 13.87 8.70 6.86
C LYS A 90 14.75 7.45 6.80
N GLU A 91 14.19 6.33 7.22
CA GLU A 91 14.93 5.06 7.22
C GLU A 91 14.33 4.08 6.21
N HIS A 92 13.45 4.59 5.34
CA HIS A 92 12.80 3.77 4.33
C HIS A 92 12.08 2.58 4.95
N SER A 93 11.49 2.79 6.13
CA SER A 93 10.76 1.73 6.83
C SER A 93 9.27 2.05 6.90
N VAL A 94 8.45 1.00 6.84
CA VAL A 94 7.01 1.16 6.90
C VAL A 94 6.47 0.69 8.25
N GLU A 95 5.67 1.54 8.89
CA GLU A 95 5.10 1.22 10.19
C GLU A 95 3.71 1.86 10.33
N LEU A 96 2.85 1.20 11.09
CA LEU A 96 1.49 1.70 11.32
C LEU A 96 1.41 2.58 12.55
N HIS A 97 0.75 3.73 12.41
CA HIS A 97 0.61 4.67 13.53
C HIS A 97 -0.76 5.35 13.49
N LYS A 98 -1.28 5.67 14.67
CA LYS A 98 -2.56 6.33 14.79
C LYS A 98 -2.40 7.85 14.87
N CYS A 99 -3.14 8.57 14.03
CA CYS A 99 -3.07 10.02 14.00
C CYS A 99 -4.47 10.64 13.94
N GLU A 100 -4.52 11.97 13.89
CA GLU A 100 -5.80 12.68 13.83
C GLU A 100 -6.60 12.25 12.61
N LYS A 101 -7.84 12.74 12.50
CA LYS A 101 -8.70 12.41 11.38
C LYS A 101 -8.06 12.80 10.04
N PRO A 102 -7.59 14.06 9.89
CA PRO A 102 -6.97 14.52 8.65
C PRO A 102 -5.81 13.61 8.22
N LEU A 103 -6.12 12.67 7.32
CA LEU A 103 -5.13 11.74 6.82
C LEU A 103 -3.99 12.47 6.09
N PRO A 104 -2.73 12.10 6.38
CA PRO A 104 -1.56 12.73 5.75
C PRO A 104 -1.25 12.14 4.38
N ASP A 105 -0.44 12.86 3.61
CA ASP A 105 -0.05 12.42 2.27
C ASP A 105 0.77 11.13 2.33
N GLN A 106 1.33 10.84 3.50
CA GLN A 106 2.12 9.64 3.69
C GLN A 106 1.24 8.44 4.02
N ALA A 107 -0.08 8.65 3.96
CA ALA A 107 -1.04 7.60 4.24
C ALA A 107 -1.70 7.09 2.97
N PHE A 108 -1.62 7.90 1.91
CA PHE A 108 -2.21 7.53 0.63
C PHE A 108 -1.15 7.02 -0.34
N PHE A 109 -1.39 5.84 -0.90
CA PHE A 109 -0.45 5.25 -1.84
C PHE A 109 -1.11 5.04 -3.21
N VAL A 110 -0.40 5.39 -4.27
CA VAL A 110 -0.93 5.23 -5.61
C VAL A 110 -0.72 3.80 -6.13
N LEU A 111 -1.82 3.09 -6.32
CA LEU A 111 -1.75 1.71 -6.79
C LEU A 111 -1.46 1.63 -8.28
N HIS A 112 -0.60 0.69 -8.66
CA HIS A 112 -0.23 0.52 -10.06
C HIS A 112 -0.21 -0.97 -10.42
N ASN A 113 -0.83 -1.31 -11.54
CA ASN A 113 -0.88 -2.70 -12.01
C ASN A 113 0.46 -3.11 -12.60
N MET A 114 0.99 -4.24 -12.12
CA MET A 114 2.26 -4.76 -12.59
C MET A 114 2.07 -5.95 -13.51
N HIS A 115 1.37 -6.97 -13.02
CA HIS A 115 1.11 -8.17 -13.81
C HIS A 115 -0.37 -8.52 -13.80
N SER A 116 -0.68 -9.77 -14.16
CA SER A 116 -2.06 -10.24 -14.19
C SER A 116 -2.77 -10.00 -12.87
N ASN A 117 -2.18 -10.49 -11.78
CA ASN A 117 -2.77 -10.32 -10.45
C ASN A 117 -1.80 -9.63 -9.50
N CYS A 118 -0.63 -9.26 -10.00
CA CYS A 118 0.38 -8.60 -9.19
C CYS A 118 0.19 -7.08 -9.23
N VAL A 119 0.30 -6.44 -8.07
CA VAL A 119 0.14 -5.00 -7.97
C VAL A 119 1.29 -4.36 -7.18
N SER A 120 1.42 -3.04 -7.31
CA SER A 120 2.48 -2.32 -6.62
C SER A 120 1.94 -1.06 -5.95
N PHE A 121 2.44 -0.79 -4.74
CA PHE A 121 2.01 0.39 -3.98
C PHE A 121 3.06 1.50 -4.09
N GLU A 122 2.81 2.45 -4.99
CA GLU A 122 3.73 3.57 -5.19
C GLU A 122 3.45 4.69 -4.19
N CYS A 123 4.50 5.37 -3.77
CA CYS A 123 4.38 6.47 -2.82
C CYS A 123 3.97 7.76 -3.53
N LYS A 124 2.84 8.32 -3.11
CA LYS A 124 2.32 9.55 -3.70
C LYS A 124 3.25 10.73 -3.45
N THR A 125 4.11 10.60 -2.44
CA THR A 125 5.04 11.66 -2.09
C THR A 125 6.46 11.33 -2.55
N ASP A 126 6.74 10.03 -2.70
CA ASP A 126 8.06 9.59 -3.14
C ASP A 126 7.98 8.78 -4.43
N PRO A 127 7.87 9.48 -5.58
CA PRO A 127 7.80 8.81 -6.89
C PRO A 127 8.96 7.86 -7.12
N GLY A 128 8.67 6.67 -7.63
CA GLY A 128 9.70 5.68 -7.89
C GLY A 128 9.88 4.73 -6.72
N VAL A 129 9.23 5.04 -5.60
CA VAL A 129 9.33 4.21 -4.40
C VAL A 129 8.07 3.36 -4.25
N PHE A 130 8.27 2.07 -4.02
CA PHE A 130 7.14 1.14 -3.86
C PHE A 130 7.30 0.30 -2.60
N ILE A 131 6.18 0.02 -1.94
CA ILE A 131 6.20 -0.81 -0.73
C ILE A 131 6.48 -2.26 -1.08
N GLY A 132 7.47 -2.86 -0.43
CA GLY A 132 7.81 -4.24 -0.72
C GLY A 132 8.58 -4.93 0.39
N VAL A 133 8.71 -6.24 0.29
CA VAL A 133 9.41 -7.03 1.28
C VAL A 133 10.92 -6.96 1.06
N LYS A 134 11.60 -6.23 1.94
CA LYS A 134 13.05 -6.08 1.85
C LYS A 134 13.76 -7.38 2.18
N ASP A 135 14.15 -7.54 3.44
CA ASP A 135 14.84 -8.75 3.88
C ASP A 135 13.83 -9.81 4.33
N ASN A 136 12.97 -9.44 5.27
CA ASN A 136 11.96 -10.34 5.79
C ASN A 136 10.73 -9.58 6.27
N HIS A 137 10.66 -8.29 5.91
CA HIS A 137 9.54 -7.45 6.30
C HIS A 137 9.29 -6.37 5.27
N LEU A 138 8.29 -5.51 5.54
CA LEU A 138 7.95 -4.44 4.63
C LEU A 138 8.95 -3.29 4.72
N ALA A 139 9.18 -2.64 3.59
CA ALA A 139 10.11 -1.52 3.52
C ALA A 139 9.98 -0.80 2.18
N LEU A 140 10.43 0.46 2.15
CA LEU A 140 10.36 1.26 0.94
C LEU A 140 11.42 0.84 -0.06
N ILE A 141 11.02 0.06 -1.05
CA ILE A 141 11.95 -0.43 -2.07
C ILE A 141 11.87 0.45 -3.31
N LYS A 142 13.01 1.06 -3.67
CA LYS A 142 13.08 1.93 -4.84
C LYS A 142 13.24 1.12 -6.11
N VAL A 143 12.29 1.27 -7.03
CA VAL A 143 12.32 0.55 -8.30
C VAL A 143 12.05 1.48 -9.48
N ASP A 144 12.88 1.38 -10.51
CA ASP A 144 12.74 2.22 -11.69
C ASP A 144 12.00 1.47 -12.80
N SER A 145 11.10 2.17 -13.47
CA SER A 145 10.32 1.58 -14.56
C SER A 145 11.22 1.06 -15.67
N SER A 146 10.86 -0.09 -16.23
CA SER A 146 11.62 -0.70 -17.33
C SER A 146 13.03 -1.10 -16.87
N GLU A 147 13.32 -0.89 -15.60
CA GLU A 147 14.64 -1.23 -15.06
C GLU A 147 14.57 -2.48 -14.20
N ASN A 148 13.76 -2.42 -13.14
CA ASN A 148 13.61 -3.56 -12.23
C ASN A 148 12.14 -3.95 -12.07
N LEU A 149 11.48 -4.20 -13.20
CA LEU A 149 10.08 -4.59 -13.19
C LEU A 149 9.93 -6.07 -12.84
N CYS A 150 11.04 -6.80 -12.87
CA CYS A 150 11.04 -8.22 -12.55
C CYS A 150 11.24 -8.44 -11.05
N THR A 151 11.19 -7.35 -10.29
CA THR A 151 11.35 -7.42 -8.84
C THR A 151 10.09 -7.97 -8.18
N GLU A 152 10.14 -9.25 -7.80
CA GLU A 152 9.00 -9.89 -7.15
C GLU A 152 8.74 -9.28 -5.77
N ASN A 153 9.73 -8.59 -5.23
CA ASN A 153 9.61 -7.96 -3.92
C ASN A 153 8.51 -6.90 -3.90
N ILE A 154 8.36 -6.18 -5.00
CA ILE A 154 7.34 -5.14 -5.08
C ILE A 154 6.01 -5.70 -5.59
N LEU A 155 6.03 -6.93 -6.08
CA LEU A 155 4.83 -7.57 -6.59
C LEU A 155 3.99 -8.13 -5.45
N PHE A 156 2.76 -7.64 -5.32
CA PHE A 156 1.86 -8.09 -4.27
C PHE A 156 0.62 -8.75 -4.84
N LYS A 157 -0.02 -9.59 -4.03
CA LYS A 157 -1.23 -10.28 -4.43
C LYS A 157 -2.31 -10.13 -3.36
N LEU A 158 -3.51 -9.74 -3.79
CA LEU A 158 -4.63 -9.55 -2.87
C LEU A 158 -5.56 -10.76 -2.87
N SER A 159 -6.37 -10.88 -1.82
CA SER A 159 -7.30 -11.99 -1.70
C SER A 159 -8.60 -11.53 -1.04
N GLU A 160 -9.72 -11.99 -1.60
CA GLU A 160 -11.04 -11.63 -1.06
C GLU A 160 -11.54 -12.70 -0.12
N THR A 161 -11.17 -12.59 1.16
CA THR A 161 -11.59 -13.56 2.17
C THR A 161 -12.60 -12.93 3.13
#